data_9BYG
#
_entry.id   9BYG
#
loop_
_entity.id
_entity.type
_entity.pdbx_description
1 polymer 'Ribonucleoside-diphosphate reductase subunit alpha'
2 polymer 'Ribonucleoside-diphosphate reductase subunit beta'
3 non-polymer "THYMIDINE-5'-TRIPHOSPHATE"
4 non-polymer 'MAGNESIUM ION'
5 non-polymer "ADENOSINE-5'-TRIPHOSPHATE"
6 non-polymer "2'-DEOXYGUANOSINE-5'-DIPHOSPHATE"
7 non-polymer 'MANGANESE (II) ION'
#
loop_
_entity_poly.entity_id
_entity_poly.type
_entity_poly.pdbx_seq_one_letter_code
_entity_poly.pdbx_strand_id
1 'polypeptide(L)'
;MSQNQVPKWIQLNNEIMIQKDGKFQFDKDKEAVHSYFVDYINQNTVFFHNLKEKLDYLVENQYYEEEFLSLYSFEDIKEV
FKTAYAKKFRFPSFMSAFKFYNDYALKTNDKKKILERYEDRISIVALFFANGDTEKAKEYVNLMINQEYQPSTPTFLNAG
RKRRGELVSCFLLEVNDSLNDISRAIDISMQLSKLGGGVSLNLSKLRAKGEAIKDVENATKGVVGVMKLLDNAFRYADQM
GQRQGSGAAYLNIFHRDINDFLDTKKISADEDVRVKTLSIGVVIPDKFVELAREDKAAYVFYPHTIYKEYGQHMDEMDMN
EMYDKFVDNPRVKKEKINPRKLLEKLAMLRSESGYPYIMFQDNVNKVHANNHISKVKFSNLCSEVLQASQVSSYTDYDEE
DEIGLDISCNLGSLNILNVMEHKSIEKTVKLATDSLTHVSETTDIRNAPAVRRANKAMKSIGLGAMNLHGYLAQNGIAYE
SPEARDFANTFFMMVNFYSIQRSAEIAKEKGETFDQYEGSTYATGEYFDKYVSTDFSPKYEKIANLFEGMHIPTTEDWKK
LKAFVAEHGMYHSYRLCIAPTGSISYVQSSTASVMPIMERIEERTYGNSKTYYPMPGLASNNWFFYKEAYDMDMFKVVDM
IATIQQHIDQGISFTLFLKDTMTTRDLNRIDLYAHHRGIKTIYYARTKDTGQDSCLSCVV
;
A,B
2 'polypeptide(L)'
;MGSSHHHHHHSSGLVPRGSHMMTKIYDAANWSKHEDDFTQMFYNQNVKQFWLPEEIALNGDLLTWKYLGKNEQDTYMKVL
AGLTLLDTEQGNTGMPIVAEHVDGHQRKAVLNFMAMMENAVHAKSYSNIFMTLAPTETINEVFEWVKQNKYLQKKAQMIV
GLYKAIQKDDEISLFKAMVASVYLESFLFYSGFYYPLYFYGQGKLMQSGEIINLILRDEAIHGVYVGLLAQEIYNKQTEE
KKAELREFAIDLLNQLYENELEYTEDLYDQVGLSHDVKKFIRYNANKALMNLGFDPYFEEEDINPIVLNGLNTKTKSHDF
FSMKGNGYKKATVEPLKDDDFYFEDEKEQI
;
C,D
#
loop_
_chem_comp.id
_chem_comp.type
_chem_comp.name
_chem_comp.formula
ATP non-polymer ADENOSINE-5'-TRIPHOSPHATE 'C10 H16 N5 O13 P3'
DGI DNA linking 2'-DEOXYGUANOSINE-5'-DIPHOSPHATE 'C10 H15 N5 O10 P2'
MG non-polymer 'MAGNESIUM ION' 'Mg 2'
MN non-polymer 'MANGANESE (II) ION' 'Mn 2'
TTP non-polymer THYMIDINE-5'-TRIPHOSPHATE 'C10 H17 N2 O14 P3'
#
# COMPACT_ATOMS: atom_id res chain seq x y z
N VAL A 6 -28.28 7.39 -31.97
CA VAL A 6 -28.79 6.61 -30.85
C VAL A 6 -29.49 5.35 -31.36
N PRO A 7 -29.28 4.23 -30.68
CA PRO A 7 -29.99 3.00 -31.06
C PRO A 7 -31.49 3.18 -30.91
N LYS A 8 -32.24 2.53 -31.80
CA LYS A 8 -33.69 2.65 -31.78
C LYS A 8 -34.27 2.02 -30.51
N TRP A 9 -33.70 0.90 -30.07
CA TRP A 9 -34.27 0.19 -28.92
C TRP A 9 -34.05 0.96 -27.63
N ILE A 10 -32.89 1.59 -27.46
CA ILE A 10 -32.70 2.40 -26.25
C ILE A 10 -33.45 3.72 -26.34
N GLN A 11 -33.74 4.20 -27.55
CA GLN A 11 -34.61 5.37 -27.67
C GLN A 11 -36.03 5.02 -27.27
N LEU A 12 -36.53 3.84 -27.68
CA LEU A 12 -37.83 3.39 -27.23
C LEU A 12 -37.84 3.12 -25.74
N ASN A 13 -36.75 2.59 -25.20
CA ASN A 13 -36.67 2.29 -23.78
C ASN A 13 -36.67 3.55 -22.93
N ASN A 14 -36.19 4.67 -23.48
CA ASN A 14 -36.19 5.93 -22.78
C ASN A 14 -37.55 6.62 -22.79
N GLU A 15 -38.49 6.14 -23.62
CA GLU A 15 -39.84 6.67 -23.63
C GLU A 15 -40.68 6.19 -22.45
N ILE A 16 -40.14 5.29 -21.63
CA ILE A 16 -40.85 4.89 -20.41
C ILE A 16 -40.99 6.06 -19.46
N MET A 17 -39.93 6.86 -19.31
CA MET A 17 -39.94 7.98 -18.39
C MET A 17 -40.73 9.17 -18.90
N ILE A 18 -40.97 9.26 -20.21
CA ILE A 18 -41.81 10.32 -20.74
C ILE A 18 -43.23 10.05 -20.28
N GLN A 19 -43.72 10.86 -19.33
CA GLN A 19 -45.01 10.62 -18.71
C GLN A 19 -46.12 11.11 -19.62
N LYS A 20 -46.93 10.18 -20.12
CA LYS A 20 -48.08 10.50 -20.96
C LYS A 20 -49.34 10.29 -20.14
N ASP A 21 -50.17 11.33 -20.06
CA ASP A 21 -51.39 11.31 -19.26
C ASP A 21 -51.10 11.00 -17.79
N GLY A 22 -49.98 11.52 -17.30
CA GLY A 22 -49.62 11.37 -15.91
C GLY A 22 -49.12 10.01 -15.50
N LYS A 23 -48.82 9.13 -16.46
CA LYS A 23 -48.36 7.78 -16.17
C LYS A 23 -47.11 7.45 -16.96
N PHE A 24 -46.25 6.63 -16.39
CA PHE A 24 -45.11 6.11 -17.11
C PHE A 24 -45.57 5.21 -18.25
N GLN A 25 -44.89 5.31 -19.39
CA GLN A 25 -45.20 4.48 -20.54
C GLN A 25 -44.46 3.16 -20.42
N PHE A 26 -45.03 2.27 -19.61
CA PHE A 26 -44.38 0.99 -19.33
C PHE A 26 -44.39 0.07 -20.54
N ASP A 27 -45.39 0.20 -21.42
CA ASP A 27 -45.47 -0.64 -22.61
C ASP A 27 -44.36 -0.36 -23.62
N LYS A 28 -43.62 0.74 -23.45
CA LYS A 28 -42.51 1.03 -24.36
C LYS A 28 -41.41 -0.01 -24.25
N ASP A 29 -41.25 -0.64 -23.09
CA ASP A 29 -40.20 -1.63 -22.91
C ASP A 29 -40.45 -2.88 -23.74
N LYS A 30 -41.72 -3.23 -23.97
CA LYS A 30 -42.02 -4.31 -24.90
C LYS A 30 -41.63 -3.93 -26.32
N GLU A 31 -41.97 -2.71 -26.74
CA GLU A 31 -41.50 -2.21 -28.03
C GLU A 31 -39.98 -2.07 -28.03
N ALA A 32 -39.40 -1.69 -26.90
CA ALA A 32 -37.95 -1.57 -26.82
C ALA A 32 -37.26 -2.90 -27.05
N VAL A 33 -37.75 -3.97 -26.42
CA VAL A 33 -37.12 -5.27 -26.60
C VAL A 33 -37.41 -5.84 -27.99
N HIS A 34 -38.60 -5.57 -28.53
CA HIS A 34 -38.91 -6.01 -29.88
C HIS A 34 -37.97 -5.37 -30.89
N SER A 35 -37.76 -4.06 -30.76
CA SER A 35 -36.82 -3.37 -31.63
C SER A 35 -35.39 -3.85 -31.40
N TYR A 36 -35.02 -4.06 -30.14
CA TYR A 36 -33.70 -4.58 -29.82
C TYR A 36 -33.43 -5.87 -30.57
N PHE A 37 -34.38 -6.80 -30.50
CA PHE A 37 -34.20 -8.06 -31.22
C PHE A 37 -34.13 -7.83 -32.72
N VAL A 38 -35.21 -7.30 -33.31
CA VAL A 38 -35.29 -7.22 -34.78
C VAL A 38 -34.32 -6.23 -35.40
N ASP A 39 -33.54 -5.49 -34.60
CA ASP A 39 -32.56 -4.59 -35.16
C ASP A 39 -31.12 -4.90 -34.77
N TYR A 40 -30.88 -5.64 -33.69
CA TYR A 40 -29.53 -6.02 -33.30
C TYR A 40 -29.33 -7.52 -33.22
N ILE A 41 -30.26 -8.25 -32.59
CA ILE A 41 -29.97 -9.61 -32.18
C ILE A 41 -30.11 -10.56 -33.37
N ASN A 42 -31.24 -10.49 -34.07
CA ASN A 42 -31.42 -11.35 -35.25
C ASN A 42 -30.40 -11.03 -36.33
N GLN A 43 -29.93 -9.77 -36.39
CA GLN A 43 -28.90 -9.42 -37.35
C GLN A 43 -27.54 -9.99 -36.95
N ASN A 44 -27.19 -9.90 -35.67
CA ASN A 44 -25.90 -10.34 -35.18
C ASN A 44 -25.88 -11.82 -34.79
N THR A 45 -26.99 -12.53 -34.96
CA THR A 45 -27.05 -13.95 -34.62
C THR A 45 -26.55 -14.79 -35.79
N VAL A 46 -25.59 -15.67 -35.52
CA VAL A 46 -25.15 -16.64 -36.51
C VAL A 46 -26.21 -17.72 -36.64
N PHE A 47 -26.71 -17.92 -37.85
CA PHE A 47 -27.75 -18.91 -38.12
C PHE A 47 -27.19 -19.98 -39.03
N PHE A 48 -27.40 -21.24 -38.67
CA PHE A 48 -26.93 -22.39 -39.43
C PHE A 48 -28.10 -23.06 -40.12
N HIS A 49 -27.79 -23.83 -41.17
CA HIS A 49 -28.84 -24.49 -41.94
C HIS A 49 -29.64 -25.46 -41.07
N ASN A 50 -28.96 -26.24 -40.23
CA ASN A 50 -29.62 -27.14 -39.30
C ASN A 50 -28.86 -27.15 -37.99
N LEU A 51 -29.50 -27.69 -36.95
CA LEU A 51 -28.87 -27.74 -35.64
C LEU A 51 -27.61 -28.59 -35.65
N LYS A 52 -27.55 -29.60 -36.52
CA LYS A 52 -26.35 -30.44 -36.60
C LYS A 52 -25.13 -29.63 -37.00
N GLU A 53 -25.28 -28.76 -38.01
CA GLU A 53 -24.16 -27.91 -38.40
C GLU A 53 -23.76 -26.96 -37.29
N LYS A 54 -24.74 -26.43 -36.57
CA LYS A 54 -24.46 -25.53 -35.45
C LYS A 54 -23.65 -26.23 -34.37
N LEU A 55 -24.10 -27.43 -33.98
CA LEU A 55 -23.41 -28.16 -32.91
C LEU A 55 -22.02 -28.60 -33.36
N ASP A 56 -21.88 -29.04 -34.61
CA ASP A 56 -20.56 -29.39 -35.12
C ASP A 56 -19.63 -28.19 -35.13
N TYR A 57 -20.14 -27.03 -35.56
CA TYR A 57 -19.33 -25.82 -35.58
C TYR A 57 -18.90 -25.43 -34.18
N LEU A 58 -19.80 -25.56 -33.20
CA LEU A 58 -19.48 -25.14 -31.84
C LEU A 58 -18.50 -26.11 -31.18
N VAL A 59 -18.64 -27.40 -31.44
CA VAL A 59 -17.73 -28.39 -30.85
C VAL A 59 -16.35 -28.27 -31.48
N GLU A 60 -16.30 -28.16 -32.81
CA GLU A 60 -15.01 -28.16 -33.51
C GLU A 60 -14.19 -26.93 -33.16
N ASN A 61 -14.82 -25.76 -33.04
CA ASN A 61 -14.11 -24.52 -32.76
C ASN A 61 -13.96 -24.22 -31.28
N GLN A 62 -13.95 -25.26 -30.44
CA GLN A 62 -13.61 -25.13 -29.02
C GLN A 62 -14.59 -24.24 -28.27
N TYR A 63 -15.84 -24.20 -28.71
CA TYR A 63 -16.87 -23.46 -27.98
C TYR A 63 -17.59 -24.33 -26.96
N TYR A 64 -17.89 -25.57 -27.32
CA TYR A 64 -18.58 -26.50 -26.45
C TYR A 64 -17.64 -27.62 -26.03
N GLU A 65 -18.14 -28.48 -25.15
CA GLU A 65 -17.44 -29.68 -24.74
C GLU A 65 -18.06 -30.88 -25.44
N GLU A 66 -17.22 -31.73 -26.03
CA GLU A 66 -17.71 -32.90 -26.75
C GLU A 66 -18.22 -33.99 -25.81
N GLU A 67 -17.64 -34.08 -24.61
CA GLU A 67 -17.94 -35.21 -23.72
C GLU A 67 -19.40 -35.24 -23.32
N PHE A 68 -19.96 -34.09 -22.93
CA PHE A 68 -21.34 -34.09 -22.45
C PHE A 68 -22.34 -34.18 -23.59
N LEU A 69 -22.00 -33.66 -24.77
CA LEU A 69 -22.87 -33.79 -25.93
C LEU A 69 -22.84 -35.18 -26.53
N SER A 70 -21.81 -35.98 -26.22
CA SER A 70 -21.68 -37.32 -26.76
C SER A 70 -22.54 -38.35 -26.06
N LEU A 71 -23.15 -37.99 -24.92
CA LEU A 71 -24.02 -38.91 -24.21
C LEU A 71 -25.42 -38.98 -24.80
N TYR A 72 -25.74 -38.12 -25.77
CA TYR A 72 -27.03 -38.12 -26.43
C TYR A 72 -26.86 -38.35 -27.91
N SER A 73 -27.73 -39.16 -28.49
CA SER A 73 -27.84 -39.20 -29.94
C SER A 73 -28.41 -37.87 -30.43
N PHE A 74 -28.02 -37.48 -31.65
CA PHE A 74 -28.44 -36.18 -32.15
C PHE A 74 -29.95 -36.03 -32.25
N GLU A 75 -30.69 -37.12 -32.37
CA GLU A 75 -32.14 -37.03 -32.34
C GLU A 75 -32.62 -36.54 -30.98
N ASP A 76 -31.98 -37.00 -29.90
CA ASP A 76 -32.34 -36.54 -28.56
C ASP A 76 -32.00 -35.07 -28.37
N ILE A 77 -30.83 -34.64 -28.85
CA ILE A 77 -30.46 -33.23 -28.75
C ILE A 77 -31.43 -32.37 -29.54
N LYS A 78 -31.82 -32.85 -30.73
CA LYS A 78 -32.81 -32.14 -31.54
C LYS A 78 -34.14 -32.04 -30.80
N GLU A 79 -34.57 -33.12 -30.15
CA GLU A 79 -35.80 -33.08 -29.37
C GLU A 79 -35.71 -32.07 -28.24
N VAL A 80 -34.56 -32.02 -27.56
CA VAL A 80 -34.37 -31.05 -26.47
C VAL A 80 -34.46 -29.63 -27.01
N PHE A 81 -33.81 -29.36 -28.15
CA PHE A 81 -33.85 -28.02 -28.72
C PHE A 81 -35.25 -27.67 -29.20
N LYS A 82 -36.00 -28.64 -29.73
CA LYS A 82 -37.39 -28.39 -30.08
C LYS A 82 -38.20 -28.04 -28.83
N THR A 83 -37.95 -28.75 -27.73
CA THR A 83 -38.66 -28.45 -26.49
C THR A 83 -38.36 -27.03 -26.02
N ALA A 84 -37.11 -26.60 -26.15
CA ALA A 84 -36.76 -25.23 -25.78
C ALA A 84 -37.47 -24.21 -26.68
N TYR A 85 -37.46 -24.44 -27.99
CA TYR A 85 -38.05 -23.49 -28.92
C TYR A 85 -39.56 -23.60 -29.02
N ALA A 86 -40.15 -24.71 -28.55
CA ALA A 86 -41.60 -24.83 -28.60
C ALA A 86 -42.29 -23.84 -27.66
N LYS A 87 -41.62 -23.46 -26.57
CA LYS A 87 -42.21 -22.49 -25.65
C LYS A 87 -42.36 -21.13 -26.31
N LYS A 88 -41.51 -20.80 -27.28
CA LYS A 88 -41.47 -19.49 -27.92
C LYS A 88 -41.33 -18.39 -26.87
N PHE A 89 -40.29 -18.54 -26.04
CA PHE A 89 -40.06 -17.58 -24.97
C PHE A 89 -39.74 -16.20 -25.53
N ARG A 90 -40.34 -15.18 -24.93
CA ARG A 90 -40.08 -13.80 -25.29
C ARG A 90 -39.69 -13.03 -24.05
N PHE A 91 -38.59 -12.29 -24.13
CA PHE A 91 -38.17 -11.45 -23.02
C PHE A 91 -39.18 -10.33 -22.82
N PRO A 92 -39.67 -10.12 -21.60
CA PRO A 92 -40.72 -9.11 -21.39
C PRO A 92 -40.19 -7.68 -21.37
N SER A 93 -38.88 -7.50 -21.20
CA SER A 93 -38.29 -6.18 -21.09
C SER A 93 -36.99 -6.14 -21.86
N PHE A 94 -36.56 -4.92 -22.19
CA PHE A 94 -35.30 -4.75 -22.91
C PHE A 94 -34.12 -5.16 -22.05
N MET A 95 -34.18 -4.88 -20.74
CA MET A 95 -33.06 -5.19 -19.86
C MET A 95 -32.80 -6.68 -19.78
N SER A 96 -33.86 -7.49 -19.75
CA SER A 96 -33.68 -8.94 -19.67
C SER A 96 -32.86 -9.46 -20.85
N ALA A 97 -33.30 -9.14 -22.07
CA ALA A 97 -32.61 -9.61 -23.26
C ALA A 97 -31.22 -8.98 -23.37
N PHE A 98 -31.09 -7.70 -23.03
CA PHE A 98 -29.80 -7.05 -23.11
C PHE A 98 -28.80 -7.70 -22.17
N LYS A 99 -29.20 -7.95 -20.92
CA LYS A 99 -28.32 -8.58 -19.96
C LYS A 99 -27.96 -9.99 -20.41
N PHE A 100 -28.93 -10.75 -20.92
CA PHE A 100 -28.61 -12.10 -21.38
C PHE A 100 -27.60 -12.06 -22.53
N TYR A 101 -27.89 -11.29 -23.57
CA TYR A 101 -27.05 -11.29 -24.76
C TYR A 101 -25.76 -10.52 -24.56
N ASN A 102 -25.59 -9.82 -23.44
CA ASN A 102 -24.32 -9.18 -23.12
C ASN A 102 -23.47 -9.94 -22.12
N ASP A 103 -24.07 -10.77 -21.28
CA ASP A 103 -23.33 -11.46 -20.23
C ASP A 103 -23.27 -12.97 -20.39
N TYR A 104 -24.35 -13.60 -20.85
CA TYR A 104 -24.44 -15.06 -20.84
C TYR A 104 -24.52 -15.69 -22.22
N ALA A 105 -24.97 -14.95 -23.23
CA ALA A 105 -25.07 -15.52 -24.57
C ALA A 105 -23.67 -15.77 -25.14
N LEU A 106 -23.50 -16.93 -25.75
CA LEU A 106 -22.22 -17.27 -26.36
C LEU A 106 -21.96 -16.39 -27.58
N LYS A 107 -20.74 -15.88 -27.67
CA LYS A 107 -20.32 -15.04 -28.77
C LYS A 107 -19.09 -15.65 -29.44
N THR A 108 -18.85 -15.23 -30.67
CA THR A 108 -17.69 -15.72 -31.42
C THR A 108 -16.40 -15.30 -30.71
N ASN A 109 -15.29 -15.89 -31.14
CA ASN A 109 -14.01 -15.70 -30.46
C ASN A 109 -13.58 -14.23 -30.47
N ASP A 110 -14.01 -13.47 -31.47
CA ASP A 110 -13.70 -12.05 -31.54
C ASP A 110 -14.77 -11.17 -30.91
N LYS A 111 -15.73 -11.78 -30.20
CA LYS A 111 -16.83 -11.03 -29.57
C LYS A 111 -17.60 -10.19 -30.59
N LYS A 112 -17.80 -10.75 -31.77
CA LYS A 112 -18.41 -10.02 -32.89
C LYS A 112 -19.87 -10.38 -33.09
N LYS A 113 -20.18 -11.67 -33.25
CA LYS A 113 -21.53 -12.13 -33.51
C LYS A 113 -22.03 -12.96 -32.32
N ILE A 114 -23.28 -13.40 -32.42
CA ILE A 114 -23.95 -14.13 -31.35
C ILE A 114 -24.20 -15.55 -31.83
N LEU A 115 -23.73 -16.53 -31.05
CA LEU A 115 -23.90 -17.93 -31.37
C LEU A 115 -25.09 -18.57 -30.68
N GLU A 116 -25.36 -18.21 -29.43
CA GLU A 116 -26.42 -18.83 -28.64
C GLU A 116 -27.57 -17.85 -28.46
N ARG A 117 -28.78 -18.34 -28.65
CA ARG A 117 -29.98 -17.64 -28.21
C ARG A 117 -30.27 -18.06 -26.78
N TYR A 118 -31.39 -17.59 -26.22
CA TYR A 118 -31.79 -18.04 -24.89
C TYR A 118 -32.12 -19.52 -24.89
N GLU A 119 -32.83 -19.97 -25.93
CA GLU A 119 -33.21 -21.38 -26.03
C GLU A 119 -31.97 -22.27 -26.20
N ASP A 120 -30.98 -21.82 -26.97
CA ASP A 120 -29.77 -22.60 -27.15
C ASP A 120 -29.01 -22.76 -25.84
N ARG A 121 -28.83 -21.67 -25.10
CA ARG A 121 -28.15 -21.73 -23.82
C ARG A 121 -28.90 -22.62 -22.84
N ILE A 122 -30.23 -22.48 -22.79
CA ILE A 122 -31.02 -23.30 -21.87
C ILE A 122 -30.92 -24.77 -22.24
N SER A 123 -30.99 -25.09 -23.54
CA SER A 123 -30.89 -26.48 -23.97
C SER A 123 -29.53 -27.07 -23.64
N ILE A 124 -28.46 -26.29 -23.83
CA ILE A 124 -27.13 -26.78 -23.51
C ILE A 124 -26.99 -27.02 -22.01
N VAL A 125 -27.50 -26.09 -21.20
CA VAL A 125 -27.44 -26.26 -19.75
C VAL A 125 -28.25 -27.48 -19.32
N ALA A 126 -29.40 -27.71 -19.96
CA ALA A 126 -30.24 -28.85 -19.61
C ALA A 126 -29.58 -30.17 -19.99
N LEU A 127 -28.97 -30.23 -21.18
CA LEU A 127 -28.27 -31.44 -21.59
C LEU A 127 -27.05 -31.69 -20.71
N PHE A 128 -26.40 -30.63 -20.24
CA PHE A 128 -25.33 -30.79 -19.27
C PHE A 128 -25.85 -31.34 -17.95
N PHE A 129 -26.99 -30.82 -17.47
CA PHE A 129 -27.56 -31.28 -16.21
C PHE A 129 -27.99 -32.75 -16.28
N ALA A 130 -28.63 -33.14 -17.37
CA ALA A 130 -29.26 -34.45 -17.43
C ALA A 130 -28.23 -35.57 -17.50
N ASN A 131 -27.07 -35.32 -18.10
CA ASN A 131 -25.97 -36.28 -18.15
C ASN A 131 -26.39 -37.57 -18.85
N GLY A 132 -26.95 -37.44 -20.05
CA GLY A 132 -27.31 -38.55 -20.88
C GLY A 132 -28.79 -38.89 -20.93
N ASP A 133 -29.58 -38.34 -20.00
CA ASP A 133 -31.01 -38.64 -19.94
C ASP A 133 -31.76 -37.63 -20.81
N THR A 134 -32.51 -38.15 -21.80
CA THR A 134 -33.25 -37.26 -22.69
C THR A 134 -34.48 -36.68 -22.01
N GLU A 135 -35.22 -37.51 -21.28
CA GLU A 135 -36.42 -37.02 -20.59
C GLU A 135 -36.06 -36.02 -19.49
N LYS A 136 -34.97 -36.29 -18.76
CA LYS A 136 -34.52 -35.34 -17.75
C LYS A 136 -34.06 -34.04 -18.39
N ALA A 137 -33.41 -34.12 -19.55
CA ALA A 137 -33.01 -32.91 -20.27
C ALA A 137 -34.23 -32.10 -20.70
N LYS A 138 -35.28 -32.77 -21.16
CA LYS A 138 -36.52 -32.07 -21.51
C LYS A 138 -37.16 -31.44 -20.28
N GLU A 139 -37.12 -32.14 -19.15
CA GLU A 139 -37.65 -31.58 -17.91
C GLU A 139 -36.88 -30.33 -17.50
N TYR A 140 -35.55 -30.37 -17.60
CA TYR A 140 -34.75 -29.19 -17.28
C TYR A 140 -35.04 -28.05 -18.25
N VAL A 141 -35.23 -28.38 -19.53
CA VAL A 141 -35.58 -27.35 -20.52
C VAL A 141 -36.91 -26.70 -20.16
N ASN A 142 -37.90 -27.50 -19.78
CA ASN A 142 -39.18 -26.94 -19.37
C ASN A 142 -39.02 -26.08 -18.12
N LEU A 143 -38.20 -26.53 -17.18
CA LEU A 143 -38.00 -25.79 -15.94
C LEU A 143 -37.37 -24.43 -16.19
N MET A 144 -36.36 -24.37 -17.06
CA MET A 144 -35.65 -23.11 -17.26
C MET A 144 -36.33 -22.20 -18.28
N ILE A 145 -36.96 -22.77 -19.31
CA ILE A 145 -37.65 -21.95 -20.29
C ILE A 145 -38.92 -21.35 -19.69
N ASN A 146 -39.57 -22.06 -18.77
CA ASN A 146 -40.62 -21.46 -17.97
C ASN A 146 -40.05 -20.50 -16.92
N GLN A 147 -38.74 -20.47 -16.77
CA GLN A 147 -38.04 -19.61 -15.81
C GLN A 147 -38.50 -19.87 -14.39
N GLU A 148 -38.83 -21.14 -14.09
CA GLU A 148 -39.13 -21.54 -12.72
C GLU A 148 -37.86 -21.69 -11.89
N TYR A 149 -36.78 -22.14 -12.50
CA TYR A 149 -35.49 -22.29 -11.84
C TYR A 149 -34.42 -21.65 -12.69
N GLN A 150 -33.49 -20.95 -12.05
CA GLN A 150 -32.38 -20.30 -12.73
C GLN A 150 -31.06 -20.76 -12.12
N PRO A 151 -30.23 -21.50 -12.86
CA PRO A 151 -28.89 -21.81 -12.36
C PRO A 151 -28.07 -20.54 -12.17
N SER A 152 -27.14 -20.59 -11.23
CA SER A 152 -26.34 -19.43 -10.90
C SER A 152 -25.55 -18.95 -12.11
N THR A 153 -25.02 -17.73 -12.00
CA THR A 153 -24.22 -17.15 -13.08
C THR A 153 -23.06 -18.03 -13.52
N PRO A 154 -22.26 -18.63 -12.63
CA PRO A 154 -21.21 -19.55 -13.12
C PRO A 154 -21.77 -20.73 -13.89
N THR A 155 -22.76 -21.42 -13.34
CA THR A 155 -23.32 -22.59 -14.01
C THR A 155 -24.01 -22.21 -15.31
N PHE A 156 -24.89 -21.21 -15.26
CA PHE A 156 -25.62 -20.81 -16.46
C PHE A 156 -24.68 -20.30 -17.54
N LEU A 157 -23.59 -19.64 -17.14
CA LEU A 157 -22.65 -19.08 -18.09
C LEU A 157 -21.70 -20.12 -18.67
N ASN A 158 -21.33 -21.14 -17.90
CA ASN A 158 -20.25 -22.03 -18.30
C ASN A 158 -20.69 -23.47 -18.55
N ALA A 159 -21.97 -23.80 -18.32
CA ALA A 159 -22.40 -25.18 -18.51
C ALA A 159 -22.27 -25.61 -19.96
N GLY A 160 -21.38 -26.56 -20.23
CA GLY A 160 -21.18 -27.08 -21.57
C GLY A 160 -20.21 -26.32 -22.43
N ARG A 161 -19.50 -25.34 -21.89
CA ARG A 161 -18.52 -24.57 -22.64
C ARG A 161 -17.12 -25.12 -22.38
N LYS A 162 -16.29 -25.14 -23.43
CA LYS A 162 -14.95 -25.69 -23.31
C LYS A 162 -14.04 -24.77 -22.51
N ARG A 163 -13.81 -23.56 -23.01
CA ARG A 163 -12.96 -22.59 -22.34
C ARG A 163 -13.78 -21.82 -21.31
N ARG A 164 -13.97 -22.47 -20.17
CA ARG A 164 -14.87 -22.01 -19.13
C ARG A 164 -14.17 -21.99 -17.78
N GLY A 165 -14.72 -21.19 -16.87
CA GLY A 165 -14.36 -21.26 -15.47
C GLY A 165 -15.12 -22.36 -14.76
N GLU A 166 -14.99 -22.38 -13.45
CA GLU A 166 -15.71 -23.37 -12.67
C GLU A 166 -17.18 -22.98 -12.55
N LEU A 167 -18.02 -23.99 -12.26
CA LEU A 167 -19.44 -23.76 -12.05
C LEU A 167 -19.73 -23.28 -10.63
N VAL A 168 -18.75 -23.29 -9.75
CA VAL A 168 -18.88 -22.78 -8.39
C VAL A 168 -18.03 -21.52 -8.26
N SER A 169 -18.60 -20.49 -7.65
CA SER A 169 -17.90 -19.22 -7.49
C SER A 169 -17.76 -18.77 -6.04
N CYS A 170 -18.34 -19.50 -5.09
CA CYS A 170 -18.20 -19.17 -3.68
C CYS A 170 -17.34 -20.24 -3.02
N PHE A 171 -16.24 -19.81 -2.40
CA PHE A 171 -15.33 -20.69 -1.68
C PHE A 171 -15.01 -20.09 -0.33
N LEU A 172 -14.92 -20.94 0.68
CA LEU A 172 -14.62 -20.54 2.05
C LEU A 172 -13.41 -21.31 2.52
N LEU A 173 -12.38 -20.60 2.97
CA LEU A 173 -11.12 -21.21 3.37
C LEU A 173 -10.84 -20.95 4.85
N GLU A 174 -10.42 -21.98 5.56
CA GLU A 174 -9.95 -21.85 6.92
C GLU A 174 -8.43 -21.78 6.90
N VAL A 175 -7.87 -20.75 7.54
CA VAL A 175 -6.43 -20.53 7.56
C VAL A 175 -5.92 -20.90 8.95
N ASN A 176 -4.97 -21.84 9.00
CA ASN A 176 -4.35 -22.22 10.26
C ASN A 176 -3.26 -21.23 10.63
N ASP A 177 -2.87 -21.27 11.91
CA ASP A 177 -1.92 -20.30 12.47
C ASP A 177 -0.48 -20.77 12.21
N SER A 178 -0.10 -20.69 10.93
CA SER A 178 1.25 -21.04 10.54
C SER A 178 1.59 -20.33 9.23
N LEU A 179 2.89 -20.15 9.00
CA LEU A 179 3.33 -19.53 7.76
C LEU A 179 3.10 -20.45 6.57
N ASN A 180 3.25 -21.76 6.76
CA ASN A 180 2.94 -22.71 5.70
C ASN A 180 1.47 -22.62 5.32
N ASP A 181 0.59 -22.54 6.32
CA ASP A 181 -0.84 -22.43 6.05
C ASP A 181 -1.21 -21.08 5.45
N ILE A 182 -0.53 -20.01 5.84
CA ILE A 182 -0.80 -18.71 5.25
C ILE A 182 -0.36 -18.69 3.78
N SER A 183 0.81 -19.26 3.49
CA SER A 183 1.26 -19.36 2.10
C SER A 183 0.30 -20.21 1.28
N ARG A 184 -0.16 -21.34 1.83
CA ARG A 184 -1.12 -22.16 1.11
C ARG A 184 -2.45 -21.44 0.93
N ALA A 185 -2.86 -20.63 1.91
CA ALA A 185 -4.08 -19.86 1.76
C ALA A 185 -3.95 -18.84 0.63
N ILE A 186 -2.80 -18.16 0.55
CA ILE A 186 -2.58 -17.22 -0.54
C ILE A 186 -2.61 -17.94 -1.88
N ASP A 187 -1.93 -19.09 -1.96
CA ASP A 187 -1.89 -19.85 -3.21
C ASP A 187 -3.28 -20.30 -3.63
N ILE A 188 -4.05 -20.85 -2.68
CA ILE A 188 -5.38 -21.36 -2.99
C ILE A 188 -6.31 -20.21 -3.35
N SER A 189 -6.16 -19.07 -2.68
CA SER A 189 -6.97 -17.90 -3.01
C SER A 189 -6.69 -17.44 -4.43
N MET A 190 -5.43 -17.39 -4.83
CA MET A 190 -5.11 -17.01 -6.21
C MET A 190 -5.61 -18.06 -7.20
N GLN A 191 -5.51 -19.35 -6.87
CA GLN A 191 -5.99 -20.38 -7.76
C GLN A 191 -7.50 -20.29 -7.96
N LEU A 192 -8.25 -20.05 -6.89
CA LEU A 192 -9.70 -19.98 -6.98
C LEU A 192 -10.18 -18.68 -7.61
N SER A 193 -9.48 -17.57 -7.35
CA SER A 193 -9.80 -16.32 -8.02
C SER A 193 -9.50 -16.42 -9.51
N LYS A 194 -8.46 -17.17 -9.87
CA LYS A 194 -8.16 -17.41 -11.28
C LYS A 194 -9.31 -18.16 -11.95
N LEU A 195 -9.93 -19.10 -11.23
CA LEU A 195 -11.10 -19.80 -11.75
C LEU A 195 -12.33 -18.93 -11.83
N GLY A 196 -12.29 -17.72 -11.27
CA GLY A 196 -13.41 -16.81 -11.29
C GLY A 196 -14.24 -16.79 -10.03
N GLY A 197 -13.91 -17.61 -9.04
CA GLY A 197 -14.70 -17.69 -7.83
C GLY A 197 -14.34 -16.63 -6.80
N GLY A 198 -15.31 -16.29 -5.97
CA GLY A 198 -15.08 -15.42 -4.83
C GLY A 198 -14.65 -16.26 -3.64
N VAL A 199 -13.60 -15.81 -2.96
CA VAL A 199 -12.97 -16.58 -1.90
C VAL A 199 -13.15 -15.85 -0.58
N SER A 200 -13.63 -16.56 0.43
CA SER A 200 -13.72 -16.05 1.79
C SER A 200 -12.74 -16.81 2.67
N LEU A 201 -12.08 -16.10 3.56
CA LEU A 201 -11.07 -16.68 4.43
C LEU A 201 -11.38 -16.36 5.88
N ASN A 202 -11.26 -17.36 6.74
CA ASN A 202 -11.36 -17.16 8.18
C ASN A 202 -9.99 -16.84 8.73
N LEU A 203 -9.85 -15.69 9.38
CA LEU A 203 -8.57 -15.25 9.93
C LEU A 203 -8.57 -15.31 11.46
N SER A 204 -9.52 -15.99 12.06
CA SER A 204 -9.63 -16.02 13.51
C SER A 204 -8.58 -16.91 14.16
N LYS A 205 -8.20 -18.02 13.49
CA LYS A 205 -7.17 -18.89 14.05
C LYS A 205 -5.79 -18.26 14.03
N LEU A 206 -5.58 -17.25 13.19
CA LEU A 206 -4.30 -16.56 13.14
C LEU A 206 -4.07 -15.79 14.43
N ARG A 207 -2.86 -15.88 14.97
CA ARG A 207 -2.56 -15.19 16.22
C ARG A 207 -2.46 -13.69 15.98
N ALA A 208 -2.74 -12.93 17.03
CA ALA A 208 -2.88 -11.49 16.93
C ALA A 208 -1.52 -10.80 16.81
N LYS A 209 -1.56 -9.49 16.62
CA LYS A 209 -0.35 -8.70 16.54
C LYS A 209 0.34 -8.65 17.90
N GLY A 210 1.65 -8.80 17.89
CA GLY A 210 2.41 -8.80 19.13
C GLY A 210 2.49 -10.14 19.82
N GLU A 211 2.23 -11.24 19.11
CA GLU A 211 2.39 -12.58 19.67
C GLU A 211 3.73 -13.16 19.24
N ALA A 212 4.16 -14.18 19.98
CA ALA A 212 5.47 -14.77 19.78
C ALA A 212 5.45 -15.75 18.61
N ILE A 213 6.55 -15.78 17.86
CA ILE A 213 6.78 -16.80 16.84
C ILE A 213 8.02 -17.57 17.27
N LYS A 214 7.80 -18.69 17.97
CA LYS A 214 8.89 -19.52 18.50
C LYS A 214 9.76 -18.71 19.47
N ASP A 215 9.13 -18.35 20.58
CA ASP A 215 9.74 -17.77 21.79
C ASP A 215 10.43 -16.43 21.57
N VAL A 216 10.19 -15.76 20.45
CA VAL A 216 10.57 -14.37 20.28
C VAL A 216 9.29 -13.54 20.24
N GLU A 217 9.16 -12.63 21.20
CA GLU A 217 7.89 -11.97 21.47
C GLU A 217 7.70 -10.74 20.60
N ASN A 218 6.44 -10.30 20.51
CA ASN A 218 6.06 -9.13 19.70
C ASN A 218 6.53 -9.29 18.26
N ALA A 219 6.45 -10.51 17.75
CA ALA A 219 6.98 -10.84 16.44
C ALA A 219 5.91 -10.95 15.36
N THR A 220 4.70 -11.35 15.72
CA THR A 220 3.64 -11.55 14.75
C THR A 220 3.05 -10.22 14.30
N LYS A 221 2.83 -10.08 13.01
CA LYS A 221 2.26 -8.86 12.45
C LYS A 221 0.74 -8.82 12.57
N GLY A 222 0.12 -9.87 13.08
CA GLY A 222 -1.32 -9.90 13.23
C GLY A 222 -2.03 -10.32 11.96
N VAL A 223 -3.36 -10.21 12.01
CA VAL A 223 -4.17 -10.60 10.86
C VAL A 223 -4.12 -9.54 9.75
N VAL A 224 -3.68 -8.32 10.06
CA VAL A 224 -3.66 -7.27 9.04
C VAL A 224 -2.55 -7.51 8.01
N GLY A 225 -1.42 -8.09 8.43
CA GLY A 225 -0.40 -8.45 7.46
C GLY A 225 -0.86 -9.52 6.50
N VAL A 226 -1.53 -10.55 7.01
CA VAL A 226 -2.14 -11.56 6.16
C VAL A 226 -3.22 -10.94 5.30
N MET A 227 -3.93 -9.95 5.83
CA MET A 227 -4.94 -9.24 5.05
C MET A 227 -4.33 -8.52 3.86
N LYS A 228 -3.19 -7.87 4.07
CA LYS A 228 -2.49 -7.21 2.97
C LYS A 228 -1.98 -8.23 1.95
N LEU A 229 -1.43 -9.35 2.43
CA LEU A 229 -1.01 -10.42 1.53
C LEU A 229 -2.17 -10.90 0.67
N LEU A 230 -3.32 -11.16 1.29
CA LEU A 230 -4.49 -11.64 0.56
C LEU A 230 -5.03 -10.59 -0.38
N ASP A 231 -5.00 -9.32 0.02
CA ASP A 231 -5.47 -8.25 -0.85
C ASP A 231 -4.62 -8.16 -2.11
N ASN A 232 -3.30 -8.25 -1.97
CA ASN A 232 -2.46 -8.25 -3.16
C ASN A 232 -2.58 -9.53 -3.97
N ALA A 233 -2.83 -10.66 -3.30
CA ALA A 233 -3.06 -11.90 -4.04
C ALA A 233 -4.32 -11.82 -4.88
N PHE A 234 -5.37 -11.17 -4.35
CA PHE A 234 -6.60 -11.01 -5.10
C PHE A 234 -6.48 -9.93 -6.17
N ARG A 235 -5.68 -8.90 -5.94
CA ARG A 235 -5.39 -7.94 -7.00
C ARG A 235 -4.62 -8.59 -8.14
N TYR A 236 -3.70 -9.51 -7.83
CA TYR A 236 -2.94 -10.16 -8.88
C TYR A 236 -3.82 -11.07 -9.72
N ALA A 237 -4.61 -11.93 -9.06
CA ALA A 237 -5.50 -12.86 -9.77
C ALA A 237 -6.84 -12.16 -10.00
N ASP A 238 -6.91 -11.42 -11.11
CA ASP A 238 -8.07 -10.61 -11.42
C ASP A 238 -8.74 -10.97 -12.73
N GLN A 239 -8.22 -11.96 -13.47
CA GLN A 239 -8.82 -12.46 -14.70
C GLN A 239 -9.00 -11.32 -15.71
N MET A 240 -7.86 -10.79 -16.17
CA MET A 240 -7.79 -9.68 -17.12
C MET A 240 -8.20 -8.36 -16.49
N GLY A 241 -8.69 -8.40 -15.25
CA GLY A 241 -9.27 -7.23 -14.64
C GLY A 241 -10.70 -6.95 -15.05
N GLN A 242 -11.27 -7.77 -15.93
CA GLN A 242 -12.68 -7.61 -16.30
C GLN A 242 -13.56 -7.75 -15.07
N ARG A 243 -13.31 -8.79 -14.27
CA ARG A 243 -13.89 -8.93 -12.93
C ARG A 243 -12.73 -9.16 -11.98
N GLN A 244 -12.29 -8.10 -11.31
CA GLN A 244 -11.11 -8.19 -10.45
C GLN A 244 -11.34 -9.19 -9.32
N GLY A 245 -10.24 -9.74 -8.81
CA GLY A 245 -10.31 -10.73 -7.76
C GLY A 245 -11.02 -10.22 -6.52
N SER A 246 -12.05 -10.94 -6.10
CA SER A 246 -12.86 -10.54 -4.95
C SER A 246 -12.62 -11.51 -3.80
N GLY A 247 -12.22 -10.97 -2.66
CA GLY A 247 -11.99 -11.79 -1.48
C GLY A 247 -12.71 -11.20 -0.29
N ALA A 248 -12.95 -12.07 0.70
CA ALA A 248 -13.53 -11.68 1.96
C ALA A 248 -12.70 -12.26 3.08
N ALA A 249 -12.51 -11.48 4.14
CA ALA A 249 -11.84 -11.95 5.35
C ALA A 249 -12.82 -11.87 6.50
N TYR A 250 -12.80 -12.89 7.35
CA TYR A 250 -13.67 -12.94 8.50
C TYR A 250 -12.84 -13.05 9.78
N LEU A 251 -13.24 -12.30 10.79
CA LEU A 251 -12.58 -12.32 12.09
C LEU A 251 -13.64 -12.39 13.18
N ASN A 252 -13.40 -13.24 14.16
CA ASN A 252 -14.25 -13.28 15.34
C ASN A 252 -14.09 -11.98 16.13
N ILE A 253 -15.21 -11.48 16.67
CA ILE A 253 -15.18 -10.20 17.37
C ILE A 253 -14.33 -10.26 18.63
N PHE A 254 -14.04 -11.46 19.15
CA PHE A 254 -13.20 -11.62 20.33
C PHE A 254 -11.73 -11.79 19.99
N HIS A 255 -11.38 -11.74 18.72
CA HIS A 255 -9.98 -11.69 18.32
C HIS A 255 -9.38 -10.36 18.75
N ARG A 256 -8.12 -10.39 19.21
CA ARG A 256 -7.47 -9.17 19.66
C ARG A 256 -7.31 -8.16 18.54
N ASP A 257 -7.10 -8.64 17.31
CA ASP A 257 -6.89 -7.79 16.15
C ASP A 257 -8.18 -7.23 15.58
N ILE A 258 -9.29 -7.29 16.31
CA ILE A 258 -10.58 -6.90 15.74
C ILE A 258 -10.60 -5.41 15.39
N ASN A 259 -9.99 -4.58 16.23
CA ASN A 259 -9.98 -3.15 15.96
C ASN A 259 -9.10 -2.81 14.76
N ASP A 260 -7.92 -3.44 14.67
CA ASP A 260 -7.10 -3.27 13.48
C ASP A 260 -7.74 -3.90 12.25
N PHE A 261 -8.47 -5.00 12.45
CA PHE A 261 -9.21 -5.62 11.35
C PHE A 261 -10.26 -4.67 10.79
N LEU A 262 -10.96 -3.95 11.67
CA LEU A 262 -11.96 -2.97 11.24
C LEU A 262 -11.33 -1.70 10.71
N ASP A 263 -10.14 -1.33 11.20
CA ASP A 263 -9.49 -0.10 10.75
C ASP A 263 -9.00 -0.19 9.32
N THR A 264 -8.95 -1.39 8.73
CA THR A 264 -8.58 -1.53 7.34
C THR A 264 -9.64 -0.98 6.38
N LYS A 265 -10.85 -0.72 6.88
CA LYS A 265 -11.93 -0.21 6.05
C LYS A 265 -12.25 1.25 6.33
N LYS A 266 -11.58 1.89 7.28
CA LYS A 266 -11.80 3.30 7.53
C LYS A 266 -11.32 4.14 6.36
N ILE A 267 -12.04 5.22 6.10
CA ILE A 267 -11.67 6.11 4.98
C ILE A 267 -10.32 6.76 5.24
N SER A 268 -10.01 7.07 6.50
CA SER A 268 -8.75 7.68 6.87
C SER A 268 -7.62 6.66 7.07
N ALA A 269 -7.77 5.44 6.56
CA ALA A 269 -6.75 4.43 6.73
C ALA A 269 -5.55 4.70 5.82
N ASP A 270 -4.36 4.42 6.33
CA ASP A 270 -3.14 4.62 5.56
C ASP A 270 -2.98 3.52 4.52
N GLU A 271 -2.14 3.80 3.52
CA GLU A 271 -1.91 2.85 2.44
C GLU A 271 -1.19 1.58 2.93
N ASP A 272 -0.50 1.64 4.06
CA ASP A 272 0.18 0.47 4.62
C ASP A 272 -0.74 -0.40 5.46
N VAL A 273 -2.01 0.00 5.63
CA VAL A 273 -2.99 -0.74 6.42
C VAL A 273 -4.22 -1.08 5.60
N ARG A 274 -4.73 -0.11 4.85
CA ARG A 274 -6.01 -0.27 4.16
C ARG A 274 -5.95 -1.36 3.11
N VAL A 275 -6.99 -2.19 3.06
CA VAL A 275 -7.19 -3.19 2.02
C VAL A 275 -8.38 -2.76 1.17
N LYS A 276 -8.25 -2.91 -0.14
CA LYS A 276 -9.25 -2.40 -1.08
C LYS A 276 -10.08 -3.49 -1.74
N THR A 277 -9.46 -4.61 -2.14
CA THR A 277 -10.15 -5.69 -2.84
C THR A 277 -10.66 -6.75 -1.89
N LEU A 278 -10.52 -6.56 -0.58
CA LEU A 278 -10.86 -7.58 0.41
C LEU A 278 -12.04 -7.08 1.25
N SER A 279 -13.19 -7.70 1.07
CA SER A 279 -14.31 -7.48 1.97
C SER A 279 -14.00 -8.06 3.33
N ILE A 280 -14.68 -7.56 4.35
CA ILE A 280 -14.43 -7.98 5.73
C ILE A 280 -15.75 -8.36 6.37
N GLY A 281 -15.73 -9.42 7.16
CA GLY A 281 -16.87 -9.81 7.97
C GLY A 281 -16.44 -10.04 9.40
N VAL A 282 -17.37 -9.79 10.31
CA VAL A 282 -17.13 -9.96 11.74
C VAL A 282 -18.11 -11.00 12.27
N VAL A 283 -17.58 -12.00 12.95
CA VAL A 283 -18.37 -13.07 13.55
C VAL A 283 -18.61 -12.69 15.01
N ILE A 284 -19.88 -12.55 15.38
CA ILE A 284 -20.25 -12.08 16.70
C ILE A 284 -20.98 -13.17 17.46
N PRO A 285 -20.36 -13.80 18.46
CA PRO A 285 -21.09 -14.73 19.32
C PRO A 285 -22.09 -14.01 20.20
N ASP A 286 -23.06 -14.78 20.70
CA ASP A 286 -24.06 -14.23 21.62
C ASP A 286 -23.41 -13.64 22.87
N LYS A 287 -22.21 -14.10 23.23
CA LYS A 287 -21.52 -13.56 24.39
C LYS A 287 -21.22 -12.08 24.22
N PHE A 288 -20.78 -11.67 23.03
CA PHE A 288 -20.47 -10.26 22.80
C PHE A 288 -21.72 -9.40 22.91
N VAL A 289 -22.84 -9.86 22.34
CA VAL A 289 -24.08 -9.10 22.41
C VAL A 289 -24.56 -9.01 23.86
N GLU A 290 -24.40 -10.09 24.62
CA GLU A 290 -24.76 -10.06 26.03
C GLU A 290 -23.89 -9.08 26.81
N LEU A 291 -22.59 -9.07 26.53
CA LEU A 291 -21.69 -8.15 27.22
C LEU A 291 -22.01 -6.71 26.89
N ALA A 292 -22.30 -6.41 25.62
CA ALA A 292 -22.68 -5.06 25.24
C ALA A 292 -24.02 -4.67 25.85
N ARG A 293 -24.95 -5.61 25.95
CA ARG A 293 -26.26 -5.34 26.53
C ARG A 293 -26.15 -4.94 27.99
N GLU A 294 -25.29 -5.62 28.75
CA GLU A 294 -25.10 -5.33 30.17
C GLU A 294 -24.13 -4.19 30.40
N ASP A 295 -23.55 -3.63 29.34
CA ASP A 295 -22.58 -2.54 29.44
C ASP A 295 -21.37 -2.94 30.28
N LYS A 296 -21.05 -4.24 30.28
CA LYS A 296 -19.91 -4.74 31.03
C LYS A 296 -18.63 -4.55 30.22
N ALA A 297 -17.50 -4.81 30.86
CA ALA A 297 -16.21 -4.71 30.19
C ALA A 297 -15.88 -6.02 29.51
N ALA A 298 -15.84 -6.01 28.18
CA ALA A 298 -15.50 -7.19 27.41
C ALA A 298 -13.98 -7.27 27.22
N TYR A 299 -13.53 -8.45 26.81
CA TYR A 299 -12.12 -8.70 26.58
C TYR A 299 -11.94 -9.38 25.22
N VAL A 300 -11.02 -8.85 24.42
CA VAL A 300 -10.54 -9.54 23.23
C VAL A 300 -9.30 -10.32 23.63
N PHE A 301 -9.07 -11.45 22.96
CA PHE A 301 -8.07 -12.41 23.38
C PHE A 301 -7.02 -12.63 22.31
N TYR A 302 -5.82 -12.99 22.77
CA TYR A 302 -4.75 -13.38 21.88
C TYR A 302 -4.91 -14.85 21.53
N PRO A 303 -5.19 -15.21 20.28
CA PRO A 303 -5.52 -16.61 19.97
C PRO A 303 -4.41 -17.59 20.29
N HIS A 304 -3.14 -17.20 20.13
CA HIS A 304 -2.05 -18.14 20.38
C HIS A 304 -1.94 -18.51 21.84
N THR A 305 -2.21 -17.57 22.75
CA THR A 305 -2.21 -17.90 24.16
C THR A 305 -3.29 -18.92 24.50
N ILE A 306 -4.48 -18.75 23.93
CA ILE A 306 -5.56 -19.71 24.16
C ILE A 306 -5.19 -21.07 23.57
N TYR A 307 -4.60 -21.10 22.38
CA TYR A 307 -4.21 -22.36 21.78
C TYR A 307 -3.15 -23.06 22.60
N LYS A 308 -2.16 -22.31 23.11
CA LYS A 308 -1.13 -22.90 23.94
C LYS A 308 -1.69 -23.42 25.25
N GLU A 309 -2.62 -22.68 25.86
CA GLU A 309 -3.14 -23.07 27.17
C GLU A 309 -4.11 -24.24 27.08
N TYR A 310 -4.95 -24.27 26.05
CA TYR A 310 -6.04 -25.24 25.98
C TYR A 310 -5.86 -26.29 24.89
N GLY A 311 -4.93 -26.09 23.96
CA GLY A 311 -4.73 -27.03 22.88
C GLY A 311 -5.73 -26.90 21.74
N GLN A 312 -6.65 -25.95 21.80
CA GLN A 312 -7.62 -25.72 20.76
C GLN A 312 -7.61 -24.25 20.36
N HIS A 313 -7.99 -23.97 19.13
CA HIS A 313 -8.12 -22.59 18.68
C HIS A 313 -9.30 -21.93 19.38
N MET A 314 -9.23 -20.60 19.48
CA MET A 314 -10.28 -19.86 20.16
C MET A 314 -11.61 -19.99 19.44
N ASP A 315 -11.60 -19.90 18.11
CA ASP A 315 -12.84 -20.00 17.35
C ASP A 315 -13.37 -21.41 17.25
N GLU A 316 -12.58 -22.41 17.63
CA GLU A 316 -13.07 -23.79 17.73
C GLU A 316 -13.71 -24.08 19.07
N MET A 317 -13.73 -23.12 19.99
CA MET A 317 -14.28 -23.29 21.32
C MET A 317 -15.55 -22.46 21.47
N ASP A 318 -16.37 -22.84 22.43
CA ASP A 318 -17.62 -22.13 22.71
C ASP A 318 -17.31 -20.92 23.58
N MET A 319 -17.48 -19.72 23.02
CA MET A 319 -17.18 -18.52 23.78
C MET A 319 -18.17 -18.29 24.90
N ASN A 320 -19.44 -18.65 24.69
CA ASN A 320 -20.45 -18.47 25.74
C ASN A 320 -20.17 -19.34 26.97
N GLU A 321 -19.32 -20.36 26.84
CA GLU A 321 -18.95 -21.20 27.97
C GLU A 321 -17.50 -21.09 28.38
N MET A 322 -16.64 -20.51 27.53
CA MET A 322 -15.21 -20.40 27.82
C MET A 322 -14.72 -18.97 27.97
N TYR A 323 -15.59 -17.97 27.79
CA TYR A 323 -15.14 -16.58 27.91
C TYR A 323 -14.67 -16.28 29.32
N ASP A 324 -15.42 -16.72 30.33
CA ASP A 324 -15.04 -16.48 31.71
C ASP A 324 -13.77 -17.25 32.07
N LYS A 325 -13.61 -18.46 31.53
CA LYS A 325 -12.39 -19.21 31.75
C LYS A 325 -11.19 -18.52 31.13
N PHE A 326 -11.35 -17.96 29.92
CA PHE A 326 -10.28 -17.21 29.29
C PHE A 326 -9.92 -15.98 30.11
N VAL A 327 -10.93 -15.28 30.62
CA VAL A 327 -10.68 -14.07 31.40
C VAL A 327 -9.97 -14.41 32.70
N ASP A 328 -10.41 -15.47 33.38
CA ASP A 328 -9.82 -15.87 34.64
C ASP A 328 -8.46 -16.54 34.48
N ASN A 329 -8.14 -17.03 33.29
CA ASN A 329 -6.88 -17.73 33.07
C ASN A 329 -5.73 -16.73 33.01
N PRO A 330 -4.74 -16.82 33.90
CA PRO A 330 -3.60 -15.88 33.81
C PRO A 330 -2.71 -16.13 32.60
N ARG A 331 -2.62 -17.37 32.13
CA ARG A 331 -1.77 -17.69 31.00
C ARG A 331 -2.37 -17.30 29.66
N VAL A 332 -3.65 -16.96 29.62
CA VAL A 332 -4.28 -16.41 28.43
C VAL A 332 -4.08 -14.90 28.46
N LYS A 333 -3.64 -14.35 27.34
CA LYS A 333 -3.44 -12.91 27.21
C LYS A 333 -4.70 -12.27 26.64
N LYS A 334 -5.20 -11.24 27.31
CA LYS A 334 -6.44 -10.59 26.91
C LYS A 334 -6.26 -9.08 26.97
N GLU A 335 -7.05 -8.38 26.16
CA GLU A 335 -7.05 -6.93 26.11
C GLU A 335 -8.46 -6.42 26.40
N LYS A 336 -8.55 -5.39 27.25
CA LYS A 336 -9.83 -4.84 27.65
C LYS A 336 -10.39 -3.96 26.55
N ILE A 337 -11.67 -4.18 26.21
CA ILE A 337 -12.36 -3.38 25.22
C ILE A 337 -13.75 -3.04 25.76
N ASN A 338 -14.36 -2.02 25.15
CA ASN A 338 -15.74 -1.68 25.46
C ASN A 338 -16.64 -2.27 24.40
N PRO A 339 -17.45 -3.28 24.72
CA PRO A 339 -18.29 -3.90 23.67
C PRO A 339 -19.27 -2.95 23.01
N ARG A 340 -19.83 -1.99 23.76
CA ARG A 340 -20.73 -1.03 23.15
C ARG A 340 -19.98 -0.08 22.22
N LYS A 341 -18.76 0.30 22.60
CA LYS A 341 -17.93 1.11 21.70
C LYS A 341 -17.60 0.33 20.43
N LEU A 342 -17.33 -0.96 20.57
CA LEU A 342 -17.08 -1.78 19.39
C LEU A 342 -18.31 -1.88 18.50
N LEU A 343 -19.50 -2.00 19.12
CA LEU A 343 -20.73 -2.03 18.35
C LEU A 343 -20.96 -0.72 17.61
N GLU A 344 -20.72 0.41 18.29
CA GLU A 344 -20.85 1.71 17.65
C GLU A 344 -19.85 1.86 16.50
N LYS A 345 -18.62 1.36 16.69
CA LYS A 345 -17.64 1.39 15.61
C LYS A 345 -18.09 0.55 14.43
N LEU A 346 -18.67 -0.63 14.70
CA LEU A 346 -19.22 -1.44 13.63
C LEU A 346 -20.30 -0.70 12.86
N ALA A 347 -21.21 -0.05 13.59
CA ALA A 347 -22.28 0.70 12.93
C ALA A 347 -21.73 1.85 12.10
N MET A 348 -20.76 2.57 12.64
CA MET A 348 -20.15 3.68 11.89
C MET A 348 -19.45 3.18 10.64
N LEU A 349 -18.72 2.07 10.75
CA LEU A 349 -18.02 1.51 9.59
C LEU A 349 -19.00 1.03 8.54
N ARG A 350 -20.12 0.43 8.95
CA ARG A 350 -21.12 0.02 7.97
C ARG A 350 -21.81 1.21 7.33
N SER A 351 -22.02 2.29 8.09
CA SER A 351 -22.59 3.50 7.51
C SER A 351 -21.66 4.13 6.49
N GLU A 352 -20.36 4.17 6.78
CA GLU A 352 -19.42 4.86 5.93
C GLU A 352 -18.91 4.01 4.76
N SER A 353 -18.94 2.68 4.88
CA SER A 353 -18.41 1.82 3.83
C SER A 353 -19.26 0.61 3.52
N GLY A 354 -20.24 0.24 4.35
CA GLY A 354 -21.00 -0.97 4.16
C GLY A 354 -20.39 -2.21 4.80
N TYR A 355 -19.18 -2.10 5.33
CA TYR A 355 -18.44 -3.17 5.97
C TYR A 355 -18.37 -2.95 7.47
N PRO A 356 -18.21 -4.01 8.28
CA PRO A 356 -18.07 -5.42 7.91
C PRO A 356 -19.38 -6.15 7.71
N TYR A 357 -19.34 -7.33 7.09
CA TYR A 357 -20.45 -8.26 7.18
C TYR A 357 -20.58 -8.71 8.63
N ILE A 358 -21.82 -8.88 9.08
CA ILE A 358 -22.09 -9.28 10.46
C ILE A 358 -22.65 -10.70 10.43
N MET A 359 -21.96 -11.61 11.11
CA MET A 359 -22.43 -12.98 11.31
C MET A 359 -22.73 -13.17 12.79
N PHE A 360 -23.98 -13.51 13.09
CA PHE A 360 -24.37 -13.81 14.46
C PHE A 360 -24.15 -15.31 14.68
N GLN A 361 -23.01 -15.63 15.29
CA GLN A 361 -22.53 -17.01 15.30
C GLN A 361 -23.50 -17.95 16.02
N ASP A 362 -24.06 -17.52 17.15
CA ASP A 362 -25.00 -18.37 17.87
C ASP A 362 -26.35 -18.46 17.18
N ASN A 363 -26.70 -17.48 16.34
CA ASN A 363 -27.90 -17.61 15.52
C ASN A 363 -27.71 -18.66 14.44
N VAL A 364 -26.49 -18.76 13.90
CA VAL A 364 -26.19 -19.76 12.89
C VAL A 364 -26.15 -21.16 13.52
N ASN A 365 -25.53 -21.28 14.69
CA ASN A 365 -25.19 -22.59 15.24
C ASN A 365 -26.26 -23.19 16.13
N LYS A 366 -27.24 -22.39 16.59
CA LYS A 366 -28.33 -22.96 17.37
C LYS A 366 -29.28 -23.76 16.50
N VAL A 367 -29.30 -23.50 15.20
CA VAL A 367 -30.09 -24.25 14.23
C VAL A 367 -29.22 -25.03 13.26
N HIS A 368 -27.90 -24.96 13.39
CA HIS A 368 -27.01 -25.67 12.49
C HIS A 368 -27.17 -27.16 12.64
N ALA A 369 -27.30 -27.86 11.51
CA ALA A 369 -27.60 -29.29 11.53
C ALA A 369 -26.36 -30.16 11.65
N ASN A 370 -25.17 -29.61 11.45
CA ASN A 370 -23.94 -30.39 11.41
C ASN A 370 -22.91 -29.83 12.38
N ASN A 371 -23.34 -29.54 13.60
CA ASN A 371 -22.41 -29.07 14.62
C ASN A 371 -21.47 -30.17 15.07
N HIS A 372 -21.83 -31.44 14.87
CA HIS A 372 -20.92 -32.53 15.19
C HIS A 372 -19.67 -32.48 14.32
N ILE A 373 -19.83 -32.17 13.03
CA ILE A 373 -18.67 -31.99 12.16
C ILE A 373 -17.87 -30.78 12.61
N SER A 374 -18.53 -29.65 12.78
CA SER A 374 -17.92 -28.39 13.20
C SER A 374 -19.02 -27.36 13.35
N LYS A 375 -18.72 -26.31 14.11
CA LYS A 375 -19.59 -25.15 14.14
C LYS A 375 -19.26 -24.22 12.97
N VAL A 376 -20.27 -23.47 12.54
CA VAL A 376 -20.04 -22.47 11.50
C VAL A 376 -19.28 -21.31 12.12
N LYS A 377 -18.11 -21.01 11.57
CA LYS A 377 -17.25 -19.97 12.12
C LYS A 377 -17.17 -18.73 11.25
N PHE A 378 -17.58 -18.80 9.99
CA PHE A 378 -17.53 -17.64 9.11
C PHE A 378 -18.44 -17.90 7.91
N SER A 379 -18.75 -16.83 7.20
CA SER A 379 -19.59 -16.87 6.02
C SER A 379 -18.73 -16.64 4.78
N ASN A 380 -19.39 -16.55 3.63
CA ASN A 380 -18.71 -16.39 2.35
C ASN A 380 -18.62 -14.91 1.99
N LEU A 381 -18.16 -14.63 0.77
CA LEU A 381 -18.07 -13.26 0.30
C LEU A 381 -19.44 -12.60 0.17
N CYS A 382 -20.46 -13.39 -0.16
CA CYS A 382 -21.83 -12.89 -0.24
C CYS A 382 -22.59 -13.02 1.08
N SER A 383 -21.95 -13.58 2.10
CA SER A 383 -22.48 -13.59 3.47
C SER A 383 -23.78 -14.39 3.58
N GLU A 384 -23.86 -15.49 2.84
CA GLU A 384 -25.03 -16.37 2.97
C GLU A 384 -24.69 -17.85 3.07
N VAL A 385 -23.47 -18.27 2.76
CA VAL A 385 -23.06 -19.65 2.90
C VAL A 385 -22.64 -19.88 4.36
N LEU A 386 -23.32 -20.80 5.03
CA LEU A 386 -23.10 -21.08 6.45
C LEU A 386 -23.00 -22.59 6.64
N GLN A 387 -21.79 -23.11 6.55
CA GLN A 387 -21.54 -24.54 6.61
C GLN A 387 -20.39 -24.83 7.56
N ALA A 388 -20.35 -26.06 8.05
CA ALA A 388 -19.27 -26.49 8.92
C ALA A 388 -17.97 -26.63 8.14
N SER A 389 -16.87 -26.17 8.74
CA SER A 389 -15.55 -26.27 8.12
C SER A 389 -14.56 -26.80 9.14
N GLN A 390 -13.57 -27.54 8.63
CA GLN A 390 -12.45 -28.02 9.44
C GLN A 390 -11.17 -27.51 8.83
N VAL A 391 -10.33 -26.88 9.65
CA VAL A 391 -9.11 -26.26 9.14
C VAL A 391 -8.11 -27.34 8.71
N SER A 392 -7.36 -27.03 7.67
CA SER A 392 -6.32 -27.92 7.18
C SER A 392 -5.00 -27.61 7.88
N SER A 393 -4.10 -28.59 7.85
CA SER A 393 -2.77 -28.46 8.44
C SER A 393 -1.76 -28.67 7.31
N TYR A 394 -1.44 -27.60 6.60
CA TYR A 394 -0.46 -27.65 5.53
C TYR A 394 0.93 -27.60 6.14
N THR A 395 1.70 -28.66 5.95
CA THR A 395 3.00 -28.84 6.58
C THR A 395 4.10 -28.47 5.60
N ASP A 396 5.35 -28.78 5.98
CA ASP A 396 6.48 -28.51 5.12
C ASP A 396 6.36 -29.29 3.81
N TYR A 397 7.24 -28.94 2.87
CA TYR A 397 7.18 -29.55 1.54
C TYR A 397 7.34 -31.06 1.60
N ASP A 398 8.28 -31.54 2.41
CA ASP A 398 8.57 -32.96 2.48
C ASP A 398 7.51 -33.75 3.25
N GLU A 399 6.68 -33.08 4.05
CA GLU A 399 5.72 -33.76 4.91
C GLU A 399 4.33 -33.79 4.27
N GLU A 400 3.53 -34.76 4.70
CA GLU A 400 2.16 -34.86 4.23
C GLU A 400 1.28 -33.83 4.92
N ASP A 401 0.31 -33.30 4.18
CA ASP A 401 -0.61 -32.30 4.69
C ASP A 401 -1.87 -32.96 5.23
N GLU A 402 -2.39 -32.42 6.33
CA GLU A 402 -3.66 -32.85 6.87
C GLU A 402 -4.76 -31.97 6.25
N ILE A 403 -5.50 -32.54 5.32
CA ILE A 403 -6.51 -31.80 4.56
C ILE A 403 -7.80 -31.74 5.36
N GLY A 404 -8.32 -30.54 5.56
CA GLY A 404 -9.58 -30.35 6.26
C GLY A 404 -10.76 -30.25 5.34
N LEU A 405 -11.75 -29.43 5.70
CA LEU A 405 -12.96 -29.24 4.92
C LEU A 405 -13.15 -27.76 4.66
N ASP A 406 -13.00 -27.35 3.40
CA ASP A 406 -13.24 -25.97 2.99
C ASP A 406 -14.55 -25.88 2.23
N ILE A 407 -15.35 -24.89 2.58
CA ILE A 407 -16.74 -24.84 2.13
C ILE A 407 -16.82 -24.37 0.68
N SER A 408 -17.73 -24.97 -0.07
CA SER A 408 -18.13 -24.49 -1.39
C SER A 408 -19.47 -25.15 -1.73
N CYS A 409 -20.40 -24.36 -2.24
CA CYS A 409 -21.69 -24.88 -2.64
C CYS A 409 -22.09 -24.28 -3.99
N ASN A 410 -22.88 -25.06 -4.73
CA ASN A 410 -23.40 -24.62 -6.02
C ASN A 410 -24.70 -23.87 -5.81
N LEU A 411 -24.84 -22.74 -6.47
CA LEU A 411 -25.98 -21.85 -6.28
C LEU A 411 -27.03 -22.09 -7.35
N GLY A 412 -28.28 -21.87 -6.98
CA GLY A 412 -29.39 -21.95 -7.91
C GLY A 412 -30.62 -21.32 -7.28
N SER A 413 -31.39 -20.57 -8.05
CA SER A 413 -32.51 -19.81 -7.51
C SER A 413 -33.82 -20.28 -8.14
N LEU A 414 -34.81 -20.51 -7.29
CA LEU A 414 -36.18 -20.64 -7.77
C LEU A 414 -36.76 -19.26 -8.04
N ASN A 415 -37.53 -19.14 -9.11
CA ASN A 415 -38.29 -17.93 -9.38
C ASN A 415 -39.65 -18.08 -8.70
N ILE A 416 -39.85 -17.36 -7.60
CA ILE A 416 -41.05 -17.55 -6.78
C ILE A 416 -42.30 -17.25 -7.60
N LEU A 417 -42.25 -16.19 -8.42
CA LEU A 417 -43.41 -15.83 -9.23
C LEU A 417 -43.78 -16.93 -10.21
N ASN A 418 -42.81 -17.43 -10.96
CA ASN A 418 -43.08 -18.44 -11.98
C ASN A 418 -43.35 -19.80 -11.37
N VAL A 419 -42.69 -20.12 -10.25
CA VAL A 419 -42.98 -21.37 -9.55
C VAL A 419 -44.40 -21.36 -9.00
N MET A 420 -44.82 -20.24 -8.42
CA MET A 420 -46.17 -20.14 -7.86
C MET A 420 -47.22 -20.09 -8.96
N GLU A 421 -46.92 -19.47 -10.10
CA GLU A 421 -47.86 -19.45 -11.21
C GLU A 421 -48.09 -20.85 -11.76
N HIS A 422 -47.03 -21.65 -11.86
CA HIS A 422 -47.13 -23.00 -12.39
C HIS A 422 -47.56 -24.02 -11.34
N LYS A 423 -47.71 -23.60 -10.08
CA LYS A 423 -48.06 -24.49 -8.97
C LYS A 423 -47.12 -25.71 -8.94
N SER A 424 -45.83 -25.43 -9.02
CA SER A 424 -44.81 -26.46 -9.20
C SER A 424 -43.67 -26.27 -8.23
N ILE A 425 -43.99 -26.09 -6.95
CA ILE A 425 -42.93 -25.98 -5.94
C ILE A 425 -42.18 -27.31 -5.84
N GLU A 426 -42.91 -28.42 -5.76
CA GLU A 426 -42.28 -29.72 -5.57
C GLU A 426 -41.38 -30.08 -6.74
N LYS A 427 -41.92 -30.02 -7.96
CA LYS A 427 -41.14 -30.43 -9.13
C LYS A 427 -39.96 -29.52 -9.36
N THR A 428 -40.15 -28.20 -9.21
CA THR A 428 -39.04 -27.28 -9.39
C THR A 428 -37.95 -27.51 -8.35
N VAL A 429 -38.35 -27.69 -7.09
CA VAL A 429 -37.36 -27.89 -6.03
C VAL A 429 -36.58 -29.19 -6.27
N LYS A 430 -37.27 -30.26 -6.64
CA LYS A 430 -36.59 -31.53 -6.85
C LYS A 430 -35.67 -31.49 -8.07
N LEU A 431 -36.13 -30.89 -9.17
CA LEU A 431 -35.28 -30.79 -10.36
C LEU A 431 -34.08 -29.89 -10.11
N ALA A 432 -34.28 -28.78 -9.39
CA ALA A 432 -33.17 -27.91 -9.06
C ALA A 432 -32.18 -28.61 -8.13
N THR A 433 -32.68 -29.41 -7.20
CA THR A 433 -31.80 -30.19 -6.34
C THR A 433 -30.98 -31.18 -7.15
N ASP A 434 -31.62 -31.84 -8.12
CA ASP A 434 -30.88 -32.76 -8.99
C ASP A 434 -29.80 -32.04 -9.79
N SER A 435 -30.15 -30.86 -10.35
CA SER A 435 -29.18 -30.10 -11.13
C SER A 435 -28.01 -29.64 -10.27
N LEU A 436 -28.28 -29.17 -9.06
CA LEU A 436 -27.22 -28.73 -8.16
C LEU A 436 -26.37 -29.91 -7.71
N THR A 437 -26.98 -31.07 -7.50
CA THR A 437 -26.22 -32.27 -7.18
C THR A 437 -25.28 -32.64 -8.32
N HIS A 438 -25.77 -32.55 -9.56
CA HIS A 438 -24.92 -32.84 -10.71
C HIS A 438 -23.77 -31.84 -10.80
N VAL A 439 -24.04 -30.56 -10.55
CA VAL A 439 -22.98 -29.56 -10.59
C VAL A 439 -21.94 -29.84 -9.51
N SER A 440 -22.40 -30.26 -8.33
CA SER A 440 -21.47 -30.64 -7.27
C SER A 440 -20.63 -31.84 -7.67
N GLU A 441 -21.25 -32.82 -8.31
CA GLU A 441 -20.53 -34.05 -8.67
C GLU A 441 -19.53 -33.81 -9.79
N THR A 442 -19.81 -32.89 -10.71
CA THR A 442 -18.91 -32.63 -11.83
C THR A 442 -17.86 -31.59 -11.51
N THR A 443 -17.87 -31.01 -10.31
CA THR A 443 -16.85 -30.04 -9.91
C THR A 443 -15.67 -30.76 -9.28
N ASP A 444 -14.46 -30.45 -9.76
CA ASP A 444 -13.24 -31.05 -9.23
C ASP A 444 -12.15 -29.99 -9.24
N ILE A 445 -11.92 -29.38 -8.07
CA ILE A 445 -10.90 -28.35 -7.91
C ILE A 445 -9.59 -29.06 -7.55
N ARG A 446 -8.64 -29.05 -8.48
CA ARG A 446 -7.40 -29.81 -8.32
C ARG A 446 -6.25 -28.94 -7.80
N ASN A 447 -6.56 -27.76 -7.28
CA ASN A 447 -5.55 -26.93 -6.63
C ASN A 447 -6.00 -26.43 -5.26
N ALA A 448 -7.19 -26.80 -4.81
CA ALA A 448 -7.69 -26.51 -3.46
C ALA A 448 -8.07 -27.83 -2.83
N PRO A 449 -7.14 -28.50 -2.14
CA PRO A 449 -7.42 -29.85 -1.65
C PRO A 449 -8.59 -29.93 -0.68
N ALA A 450 -8.73 -28.94 0.21
CA ALA A 450 -9.83 -28.97 1.17
C ALA A 450 -11.16 -28.68 0.52
N VAL A 451 -11.18 -27.78 -0.46
CA VAL A 451 -12.41 -27.53 -1.22
C VAL A 451 -12.85 -28.80 -1.93
N ARG A 452 -11.91 -29.50 -2.57
CA ARG A 452 -12.23 -30.74 -3.27
C ARG A 452 -12.74 -31.79 -2.29
N ARG A 453 -12.06 -31.95 -1.15
CA ARG A 453 -12.46 -32.96 -0.18
C ARG A 453 -13.84 -32.68 0.38
N ALA A 454 -14.11 -31.41 0.72
CA ALA A 454 -15.41 -31.06 1.27
C ALA A 454 -16.51 -31.15 0.23
N ASN A 455 -16.19 -30.88 -1.04
CA ASN A 455 -17.19 -31.06 -2.09
C ASN A 455 -17.54 -32.54 -2.26
N LYS A 456 -16.54 -33.41 -2.17
CA LYS A 456 -16.82 -34.84 -2.29
C LYS A 456 -17.55 -35.38 -1.07
N ALA A 457 -17.24 -34.86 0.12
CA ALA A 457 -17.77 -35.43 1.36
C ALA A 457 -19.12 -34.83 1.74
N MET A 458 -19.21 -33.50 1.82
CA MET A 458 -20.42 -32.85 2.28
C MET A 458 -21.52 -32.87 1.22
N LYS A 459 -21.14 -32.72 -0.06
CA LYS A 459 -22.10 -32.66 -1.16
C LYS A 459 -23.11 -31.54 -0.94
N SER A 460 -22.63 -30.39 -0.48
CA SER A 460 -23.50 -29.27 -0.15
C SER A 460 -23.93 -28.54 -1.41
N ILE A 461 -25.19 -28.11 -1.44
CA ILE A 461 -25.74 -27.31 -2.51
C ILE A 461 -26.45 -26.11 -1.90
N GLY A 462 -26.62 -25.07 -2.70
CA GLY A 462 -27.41 -23.94 -2.27
C GLY A 462 -28.55 -23.64 -3.22
N LEU A 463 -29.78 -23.88 -2.78
CA LEU A 463 -30.97 -23.61 -3.57
C LEU A 463 -31.65 -22.38 -2.99
N GLY A 464 -31.53 -21.25 -3.67
CA GLY A 464 -32.13 -20.01 -3.26
C GLY A 464 -33.43 -19.72 -3.99
N ALA A 465 -33.94 -18.51 -3.76
CA ALA A 465 -35.13 -18.04 -4.44
C ALA A 465 -34.97 -16.56 -4.73
N MET A 466 -35.72 -16.08 -5.73
CA MET A 466 -35.78 -14.67 -6.06
C MET A 466 -37.22 -14.33 -6.42
N ASN A 467 -37.44 -13.06 -6.75
CA ASN A 467 -38.74 -12.55 -7.15
C ASN A 467 -39.78 -12.66 -6.04
N LEU A 468 -39.32 -12.64 -4.78
CA LEU A 468 -40.27 -12.61 -3.67
C LEU A 468 -41.03 -11.30 -3.64
N HIS A 469 -40.32 -10.18 -3.70
CA HIS A 469 -40.99 -8.88 -3.72
C HIS A 469 -41.76 -8.69 -5.01
N GLY A 470 -41.24 -9.18 -6.13
CA GLY A 470 -41.97 -9.09 -7.38
C GLY A 470 -43.27 -9.85 -7.33
N TYR A 471 -43.23 -11.08 -6.79
CA TYR A 471 -44.44 -11.88 -6.66
C TYR A 471 -45.44 -11.23 -5.72
N LEU A 472 -44.97 -10.69 -4.59
CA LEU A 472 -45.89 -10.08 -3.63
C LEU A 472 -46.50 -8.80 -4.19
N ALA A 473 -45.69 -7.96 -4.85
CA ALA A 473 -46.20 -6.71 -5.39
C ALA A 473 -47.15 -6.96 -6.56
N GLN A 474 -46.88 -7.99 -7.36
CA GLN A 474 -47.79 -8.34 -8.45
C GLN A 474 -49.02 -9.10 -7.97
N ASN A 475 -49.09 -9.44 -6.69
CA ASN A 475 -50.26 -10.07 -6.10
C ASN A 475 -50.95 -9.18 -5.08
N GLY A 476 -50.62 -7.89 -5.05
CA GLY A 476 -51.24 -6.96 -4.12
C GLY A 476 -50.92 -7.22 -2.66
N ILE A 477 -49.68 -7.57 -2.35
CA ILE A 477 -49.25 -7.82 -0.99
C ILE A 477 -48.05 -6.92 -0.69
N ALA A 478 -48.13 -6.15 0.40
CA ALA A 478 -47.01 -5.32 0.81
C ALA A 478 -45.91 -6.20 1.40
N TYR A 479 -44.66 -5.81 1.13
CA TYR A 479 -43.52 -6.58 1.62
C TYR A 479 -43.50 -6.62 3.15
N GLU A 480 -43.82 -5.51 3.79
CA GLU A 480 -43.83 -5.44 5.25
C GLU A 480 -45.08 -6.05 5.87
N SER A 481 -46.09 -6.38 5.07
CA SER A 481 -47.35 -6.85 5.61
C SER A 481 -47.19 -8.23 6.25
N PRO A 482 -48.00 -8.55 7.26
CA PRO A 482 -47.98 -9.90 7.82
C PRO A 482 -48.35 -10.97 6.82
N GLU A 483 -49.17 -10.64 5.81
CA GLU A 483 -49.52 -11.61 4.79
C GLU A 483 -48.31 -12.03 3.97
N ALA A 484 -47.42 -11.07 3.71
CA ALA A 484 -46.19 -11.40 2.99
C ALA A 484 -45.33 -12.38 3.77
N ARG A 485 -45.19 -12.16 5.08
CA ARG A 485 -44.43 -13.09 5.91
C ARG A 485 -45.12 -14.43 6.02
N ASP A 486 -46.46 -14.45 6.03
CA ASP A 486 -47.19 -15.71 6.01
C ASP A 486 -46.91 -16.50 4.74
N PHE A 487 -46.94 -15.80 3.59
CA PHE A 487 -46.63 -16.47 2.34
C PHE A 487 -45.19 -16.98 2.33
N ALA A 488 -44.25 -16.16 2.80
CA ALA A 488 -42.85 -16.60 2.83
C ALA A 488 -42.69 -17.81 3.73
N ASN A 489 -43.35 -17.81 4.88
CA ASN A 489 -43.30 -18.96 5.78
C ASN A 489 -43.77 -20.23 5.08
N THR A 490 -44.96 -20.18 4.48
CA THR A 490 -45.49 -21.38 3.82
C THR A 490 -44.63 -21.79 2.64
N PHE A 491 -44.24 -20.84 1.81
CA PHE A 491 -43.49 -21.15 0.60
C PHE A 491 -42.14 -21.78 0.93
N PHE A 492 -41.41 -21.19 1.87
CA PHE A 492 -40.09 -21.71 2.19
C PHE A 492 -40.14 -22.95 3.06
N MET A 493 -41.20 -23.14 3.85
CA MET A 493 -41.39 -24.43 4.50
C MET A 493 -41.60 -25.51 3.44
N MET A 494 -42.39 -25.22 2.41
CA MET A 494 -42.62 -26.20 1.35
C MET A 494 -41.33 -26.48 0.58
N VAL A 495 -40.55 -25.44 0.31
CA VAL A 495 -39.26 -25.61 -0.37
C VAL A 495 -38.34 -26.48 0.47
N ASN A 496 -38.28 -26.22 1.78
CA ASN A 496 -37.46 -27.04 2.66
C ASN A 496 -37.94 -28.49 2.67
N PHE A 497 -39.26 -28.69 2.73
CA PHE A 497 -39.82 -30.03 2.73
C PHE A 497 -39.40 -30.80 1.48
N TYR A 498 -39.56 -30.18 0.32
CA TYR A 498 -39.26 -30.89 -0.92
C TYR A 498 -37.77 -31.02 -1.17
N SER A 499 -36.96 -30.08 -0.67
CA SER A 499 -35.52 -30.25 -0.78
C SER A 499 -35.02 -31.38 0.11
N ILE A 500 -35.57 -31.49 1.33
CA ILE A 500 -35.22 -32.60 2.20
C ILE A 500 -35.69 -33.92 1.59
N GLN A 501 -36.89 -33.93 1.01
CA GLN A 501 -37.39 -35.13 0.36
C GLN A 501 -36.50 -35.56 -0.81
N ARG A 502 -36.09 -34.59 -1.64
CA ARG A 502 -35.22 -34.92 -2.76
C ARG A 502 -33.85 -35.38 -2.29
N SER A 503 -33.31 -34.77 -1.24
CA SER A 503 -32.03 -35.21 -0.70
C SER A 503 -32.12 -36.64 -0.18
N ALA A 504 -33.21 -36.96 0.53
CA ALA A 504 -33.40 -38.31 1.04
C ALA A 504 -33.58 -39.31 -0.09
N GLU A 505 -34.31 -38.92 -1.14
CA GLU A 505 -34.49 -39.81 -2.29
C GLU A 505 -33.18 -40.04 -3.02
N ILE A 506 -32.35 -39.01 -3.16
CA ILE A 506 -31.04 -39.17 -3.78
C ILE A 506 -30.16 -40.07 -2.94
N ALA A 507 -30.19 -39.91 -1.61
CA ALA A 507 -29.43 -40.79 -0.74
C ALA A 507 -29.90 -42.23 -0.86
N LYS A 508 -31.21 -42.44 -0.95
CA LYS A 508 -31.75 -43.80 -1.11
C LYS A 508 -31.33 -44.40 -2.45
N GLU A 509 -31.38 -43.62 -3.52
CA GLU A 509 -31.04 -44.13 -4.85
C GLU A 509 -29.56 -44.45 -4.95
N LYS A 510 -28.71 -43.51 -4.54
CA LYS A 510 -27.27 -43.71 -4.60
C LYS A 510 -26.73 -44.54 -3.45
N GLY A 511 -27.55 -44.84 -2.44
CA GLY A 511 -27.13 -45.65 -1.33
C GLY A 511 -26.10 -45.02 -0.43
N GLU A 512 -25.82 -43.72 -0.58
CA GLU A 512 -24.83 -43.04 0.22
C GLU A 512 -25.38 -41.71 0.71
N THR A 513 -24.96 -41.33 1.92
CA THR A 513 -25.28 -40.05 2.52
C THR A 513 -24.03 -39.19 2.54
N PHE A 514 -24.18 -37.95 3.00
CA PHE A 514 -23.02 -37.10 3.15
C PHE A 514 -22.19 -37.54 4.35
N ASP A 515 -20.90 -37.22 4.31
CA ASP A 515 -19.97 -37.70 5.33
C ASP A 515 -20.38 -37.18 6.71
N GLN A 516 -20.33 -38.08 7.70
CA GLN A 516 -20.74 -37.79 9.06
C GLN A 516 -22.20 -37.36 9.12
N TYR A 517 -23.05 -38.01 8.33
CA TYR A 517 -24.48 -37.72 8.40
C TYR A 517 -25.08 -38.24 9.69
N GLU A 518 -24.60 -39.37 10.20
CA GLU A 518 -25.23 -40.01 11.35
C GLU A 518 -25.17 -39.14 12.60
N GLY A 519 -24.20 -38.23 12.70
CA GLY A 519 -24.16 -37.30 13.81
C GLY A 519 -24.98 -36.04 13.63
N SER A 520 -25.57 -35.84 12.45
CA SER A 520 -26.33 -34.64 12.15
C SER A 520 -27.70 -34.69 12.84
N THR A 521 -28.36 -33.53 12.87
CA THR A 521 -29.69 -33.46 13.45
C THR A 521 -30.75 -34.11 12.57
N TYR A 522 -30.47 -34.27 11.28
CA TYR A 522 -31.37 -35.04 10.43
C TYR A 522 -31.41 -36.50 10.88
N ALA A 523 -30.25 -37.07 11.20
CA ALA A 523 -30.20 -38.47 11.63
C ALA A 523 -30.84 -38.65 12.99
N THR A 524 -30.59 -37.72 13.92
CA THR A 524 -31.18 -37.82 15.24
C THR A 524 -32.66 -37.44 15.25
N GLY A 525 -33.13 -36.76 14.20
CA GLY A 525 -34.52 -36.34 14.13
C GLY A 525 -34.83 -35.05 14.84
N GLU A 526 -33.85 -34.42 15.49
CA GLU A 526 -34.08 -33.16 16.18
C GLU A 526 -34.35 -32.02 15.21
N TYR A 527 -33.85 -32.12 13.97
CA TYR A 527 -34.09 -31.09 12.98
C TYR A 527 -35.56 -30.90 12.68
N PHE A 528 -36.34 -31.98 12.75
CA PHE A 528 -37.74 -31.97 12.34
C PHE A 528 -38.69 -31.63 13.48
N ASP A 529 -38.19 -31.17 14.63
CA ASP A 529 -39.04 -30.96 15.79
C ASP A 529 -40.12 -29.91 15.52
N LYS A 530 -39.70 -28.73 15.04
CA LYS A 530 -40.66 -27.67 14.77
C LYS A 530 -41.55 -28.00 13.58
N TYR A 531 -41.15 -28.94 12.73
CA TYR A 531 -41.94 -29.32 11.58
C TYR A 531 -42.97 -30.38 11.92
N VAL A 532 -42.66 -31.29 12.85
CA VAL A 532 -43.64 -32.26 13.33
C VAL A 532 -44.51 -31.71 14.44
N SER A 533 -44.13 -30.58 15.04
CA SER A 533 -44.93 -29.97 16.10
C SER A 533 -45.77 -28.79 15.63
N THR A 534 -45.22 -27.95 14.76
CA THR A 534 -45.88 -26.72 14.33
C THR A 534 -46.36 -26.85 12.88
N ASP A 535 -47.60 -26.43 12.64
CA ASP A 535 -48.14 -26.39 11.29
C ASP A 535 -47.80 -25.06 10.64
N PHE A 536 -47.36 -25.11 9.39
CA PHE A 536 -46.93 -23.92 8.66
C PHE A 536 -47.88 -23.59 7.51
N SER A 537 -49.12 -24.04 7.58
CA SER A 537 -50.13 -23.66 6.61
C SER A 537 -50.41 -22.15 6.74
N PRO A 538 -50.77 -21.49 5.64
CA PRO A 538 -51.00 -20.04 5.70
C PRO A 538 -52.13 -19.71 6.68
N LYS A 539 -51.93 -18.63 7.44
CA LYS A 539 -52.90 -18.17 8.42
C LYS A 539 -53.91 -17.18 7.84
N TYR A 540 -53.69 -16.71 6.61
CA TYR A 540 -54.58 -15.75 5.97
C TYR A 540 -55.25 -16.38 4.77
N GLU A 541 -56.54 -16.08 4.59
CA GLU A 541 -57.28 -16.64 3.48
C GLU A 541 -56.75 -16.15 2.13
N LYS A 542 -56.23 -14.92 2.10
CA LYS A 542 -55.62 -14.41 0.87
C LYS A 542 -54.41 -15.22 0.47
N ILE A 543 -53.56 -15.56 1.45
CA ILE A 543 -52.37 -16.36 1.16
C ILE A 543 -52.75 -17.80 0.85
N ALA A 544 -53.76 -18.33 1.55
CA ALA A 544 -54.17 -19.72 1.34
C ALA A 544 -54.68 -19.95 -0.08
N ASN A 545 -55.28 -18.93 -0.70
CA ASN A 545 -55.71 -19.07 -2.09
C ASN A 545 -54.53 -19.05 -3.05
N LEU A 546 -53.42 -18.41 -2.67
CA LEU A 546 -52.24 -18.41 -3.52
C LEU A 546 -51.67 -19.81 -3.68
N PHE A 547 -51.87 -20.67 -2.68
CA PHE A 547 -51.39 -22.04 -2.72
C PHE A 547 -52.46 -23.03 -3.14
N GLU A 548 -53.62 -22.55 -3.59
CA GLU A 548 -54.69 -23.43 -4.02
C GLU A 548 -54.26 -24.22 -5.24
N GLY A 549 -54.57 -25.52 -5.25
CA GLY A 549 -54.12 -26.41 -6.28
C GLY A 549 -52.74 -26.99 -6.05
N MET A 550 -52.11 -26.69 -4.91
CA MET A 550 -50.78 -27.17 -4.59
C MET A 550 -50.80 -27.67 -3.16
N HIS A 551 -50.41 -28.92 -2.95
CA HIS A 551 -50.49 -29.53 -1.63
C HIS A 551 -49.46 -28.93 -0.69
N ILE A 552 -49.92 -28.52 0.49
CA ILE A 552 -49.06 -27.97 1.53
C ILE A 552 -48.79 -29.08 2.55
N PRO A 553 -47.54 -29.49 2.75
CA PRO A 553 -47.26 -30.54 3.73
C PRO A 553 -47.71 -30.14 5.13
N THR A 554 -48.34 -31.09 5.81
CA THR A 554 -48.84 -30.88 7.15
C THR A 554 -47.85 -31.44 8.16
N THR A 555 -48.27 -31.53 9.43
CA THR A 555 -47.42 -32.17 10.43
C THR A 555 -47.27 -33.66 10.16
N GLU A 556 -48.33 -34.31 9.66
CA GLU A 556 -48.24 -35.72 9.32
C GLU A 556 -47.27 -35.96 8.17
N ASP A 557 -47.30 -35.08 7.16
CA ASP A 557 -46.35 -35.19 6.05
C ASP A 557 -44.93 -35.01 6.54
N TRP A 558 -44.72 -34.07 7.46
CA TRP A 558 -43.38 -33.86 8.00
C TRP A 558 -42.93 -35.04 8.87
N LYS A 559 -43.86 -35.68 9.59
CA LYS A 559 -43.50 -36.89 10.33
C LYS A 559 -43.09 -38.01 9.39
N LYS A 560 -43.84 -38.17 8.28
CA LYS A 560 -43.47 -39.18 7.29
C LYS A 560 -42.12 -38.88 6.68
N LEU A 561 -41.84 -37.61 6.37
CA LEU A 561 -40.55 -37.23 5.83
C LEU A 561 -39.43 -37.46 6.84
N LYS A 562 -39.71 -37.20 8.13
CA LYS A 562 -38.71 -37.45 9.16
C LYS A 562 -38.39 -38.94 9.25
N ALA A 563 -39.40 -39.79 9.19
CA ALA A 563 -39.17 -41.23 9.18
C ALA A 563 -38.38 -41.64 7.94
N PHE A 564 -38.73 -41.08 6.79
CA PHE A 564 -38.02 -41.39 5.54
C PHE A 564 -36.55 -41.00 5.63
N VAL A 565 -36.27 -39.82 6.21
CA VAL A 565 -34.88 -39.37 6.36
C VAL A 565 -34.13 -40.25 7.36
N ALA A 566 -34.79 -40.61 8.46
CA ALA A 566 -34.14 -41.46 9.45
C ALA A 566 -33.84 -42.85 8.90
N GLU A 567 -34.65 -43.32 7.96
CA GLU A 567 -34.45 -44.66 7.41
C GLU A 567 -33.58 -44.68 6.16
N HIS A 568 -33.44 -43.56 5.44
CA HIS A 568 -32.63 -43.49 4.24
C HIS A 568 -31.48 -42.49 4.31
N GLY A 569 -31.52 -41.50 5.21
CA GLY A 569 -30.46 -40.53 5.29
C GLY A 569 -30.64 -39.38 4.32
N MET A 570 -29.68 -38.46 4.37
CA MET A 570 -29.68 -37.27 3.53
C MET A 570 -28.41 -37.22 2.70
N TYR A 571 -28.54 -36.84 1.43
CA TYR A 571 -27.39 -36.80 0.54
C TYR A 571 -26.60 -35.51 0.69
N HIS A 572 -27.27 -34.39 0.97
CA HIS A 572 -26.62 -33.10 1.07
C HIS A 572 -26.60 -32.65 2.53
N SER A 573 -25.42 -32.24 3.00
CA SER A 573 -25.32 -31.67 4.33
C SER A 573 -26.09 -30.36 4.42
N TYR A 574 -26.01 -29.54 3.38
CA TYR A 574 -26.72 -28.29 3.28
C TYR A 574 -27.40 -28.21 1.92
N ARG A 575 -28.59 -27.64 1.89
CA ARG A 575 -29.36 -27.63 0.66
C ARG A 575 -29.79 -26.25 0.21
N LEU A 576 -30.16 -25.37 1.13
CA LEU A 576 -30.80 -24.10 0.80
C LEU A 576 -29.94 -22.95 1.29
N CYS A 577 -29.62 -22.03 0.38
CA CYS A 577 -29.00 -20.77 0.74
C CYS A 577 -29.48 -19.73 -0.27
N ILE A 578 -29.87 -18.56 0.23
CA ILE A 578 -30.46 -17.51 -0.59
C ILE A 578 -29.35 -16.50 -0.89
N ALA A 579 -28.79 -16.58 -2.08
CA ALA A 579 -27.72 -15.71 -2.55
C ALA A 579 -28.29 -14.40 -3.07
N PRO A 580 -27.44 -13.39 -3.27
CA PRO A 580 -27.94 -12.11 -3.83
C PRO A 580 -28.56 -12.24 -5.21
N THR A 581 -28.08 -13.15 -6.06
CA THR A 581 -28.59 -13.34 -7.42
C THR A 581 -28.61 -12.02 -8.20
N GLY A 582 -27.40 -11.49 -8.40
CA GLY A 582 -27.25 -10.15 -8.94
C GLY A 582 -27.72 -9.94 -10.37
N SER A 583 -27.05 -10.57 -11.34
CA SER A 583 -27.32 -10.28 -12.74
C SER A 583 -28.32 -11.23 -13.39
N ILE A 584 -28.50 -12.43 -12.84
CA ILE A 584 -29.49 -13.35 -13.40
C ILE A 584 -30.91 -12.89 -13.13
N SER A 585 -31.09 -11.94 -12.22
CA SER A 585 -32.41 -11.42 -11.93
C SER A 585 -32.98 -10.64 -13.11
N TYR A 586 -32.12 -9.94 -13.85
CA TYR A 586 -32.58 -9.27 -15.06
C TYR A 586 -33.04 -10.28 -16.11
N VAL A 587 -32.24 -11.31 -16.35
CA VAL A 587 -32.56 -12.31 -17.36
C VAL A 587 -33.88 -12.99 -17.04
N GLN A 588 -34.09 -13.32 -15.78
CA GLN A 588 -35.32 -13.96 -15.34
C GLN A 588 -36.47 -12.98 -15.15
N SER A 589 -36.22 -11.69 -15.33
CA SER A 589 -37.20 -10.64 -15.09
C SER A 589 -37.79 -10.77 -13.69
N SER A 590 -36.89 -10.69 -12.71
CA SER A 590 -37.24 -10.95 -11.32
C SER A 590 -36.52 -9.95 -10.43
N THR A 591 -37.11 -9.69 -9.27
CA THR A 591 -36.44 -8.89 -8.26
C THR A 591 -35.31 -9.68 -7.63
N ALA A 592 -34.27 -8.98 -7.20
CA ALA A 592 -33.05 -9.63 -6.74
C ALA A 592 -33.29 -10.30 -5.40
N SER A 593 -33.13 -11.62 -5.37
CA SER A 593 -33.17 -12.43 -4.13
C SER A 593 -34.53 -12.25 -3.46
N VAL A 594 -34.59 -12.45 -2.15
CA VAL A 594 -35.81 -12.22 -1.37
C VAL A 594 -35.83 -10.83 -0.75
N MET A 595 -34.84 -10.00 -1.05
CA MET A 595 -34.80 -8.64 -0.53
C MET A 595 -35.79 -7.75 -1.29
N PRO A 596 -36.27 -6.69 -0.67
CA PRO A 596 -37.14 -5.75 -1.39
C PRO A 596 -36.37 -4.93 -2.42
N ILE A 597 -37.12 -4.40 -3.37
CA ILE A 597 -36.51 -3.63 -4.46
C ILE A 597 -35.95 -2.32 -3.93
N MET A 598 -34.89 -1.85 -4.58
CA MET A 598 -34.28 -0.58 -4.23
C MET A 598 -34.90 0.59 -4.97
N GLU A 599 -35.13 0.43 -6.28
CA GLU A 599 -35.77 1.46 -7.10
C GLU A 599 -36.92 0.83 -7.87
N ARG A 600 -38.01 1.57 -8.01
CA ARG A 600 -39.13 1.10 -8.82
C ARG A 600 -38.73 1.04 -10.29
N ILE A 601 -38.15 2.11 -10.80
CA ILE A 601 -37.57 2.15 -12.14
C ILE A 601 -36.08 2.38 -11.98
N GLU A 602 -35.28 1.43 -12.48
CA GLU A 602 -33.85 1.43 -12.26
C GLU A 602 -33.15 2.05 -13.47
N GLU A 603 -32.42 3.13 -13.24
CA GLU A 603 -31.72 3.86 -14.30
C GLU A 603 -30.25 3.47 -14.30
N ARG A 604 -29.77 3.03 -15.45
CA ARG A 604 -28.39 2.60 -15.61
C ARG A 604 -27.79 3.22 -16.86
N THR A 605 -26.47 3.36 -16.86
CA THR A 605 -25.72 3.85 -18.01
C THR A 605 -24.74 2.76 -18.45
N TYR A 606 -24.92 2.28 -19.67
CA TYR A 606 -24.05 1.26 -20.25
C TYR A 606 -23.26 1.90 -21.38
N GLY A 607 -21.96 2.04 -21.19
CA GLY A 607 -21.16 2.78 -22.14
C GLY A 607 -21.59 4.24 -22.16
N ASN A 608 -21.90 4.74 -23.36
CA ASN A 608 -22.40 6.09 -23.52
C ASN A 608 -23.92 6.11 -23.75
N SER A 609 -24.62 5.08 -23.30
CA SER A 609 -26.06 4.95 -23.47
C SER A 609 -26.73 4.82 -22.11
N LYS A 610 -27.84 5.54 -21.95
CA LYS A 610 -28.61 5.53 -20.71
C LYS A 610 -29.92 4.80 -20.95
N THR A 611 -30.22 3.83 -20.09
CA THR A 611 -31.41 3.01 -20.22
C THR A 611 -32.04 2.81 -18.86
N TYR A 612 -33.36 2.59 -18.86
CA TYR A 612 -34.13 2.48 -17.63
C TYR A 612 -34.79 1.12 -17.54
N TYR A 613 -34.78 0.54 -16.34
CA TYR A 613 -35.36 -0.77 -16.09
C TYR A 613 -36.46 -0.69 -15.05
N PRO A 614 -37.73 -0.67 -15.44
CA PRO A 614 -38.81 -0.80 -14.46
C PRO A 614 -38.77 -2.17 -13.81
N MET A 615 -39.24 -2.22 -12.57
CA MET A 615 -39.28 -3.49 -11.86
C MET A 615 -40.25 -4.43 -12.58
N PRO A 616 -39.97 -5.74 -12.55
CA PRO A 616 -40.80 -6.68 -13.31
C PRO A 616 -42.25 -6.63 -12.86
N GLY A 617 -43.15 -6.42 -13.84
CA GLY A 617 -44.55 -6.31 -13.56
C GLY A 617 -45.00 -4.97 -13.01
N LEU A 618 -44.13 -3.98 -12.98
CA LEU A 618 -44.50 -2.67 -12.45
C LEU A 618 -45.53 -2.01 -13.36
N ALA A 619 -46.53 -1.41 -12.73
CA ALA A 619 -47.61 -0.72 -13.44
C ALA A 619 -48.20 0.32 -12.49
N SER A 620 -49.35 0.88 -12.86
CA SER A 620 -50.03 1.80 -11.97
C SER A 620 -50.92 1.09 -10.97
N ASN A 621 -51.35 -0.13 -11.29
CA ASN A 621 -52.21 -0.87 -10.37
C ASN A 621 -51.43 -1.46 -9.21
N ASN A 622 -50.11 -1.59 -9.35
CA ASN A 622 -49.26 -2.12 -8.28
C ASN A 622 -48.03 -1.23 -8.06
N TRP A 623 -48.17 0.07 -8.32
CA TRP A 623 -47.05 0.98 -8.14
C TRP A 623 -46.64 1.08 -6.67
N PHE A 624 -47.62 1.19 -5.78
CA PHE A 624 -47.32 1.38 -4.36
C PHE A 624 -47.06 0.08 -3.63
N PHE A 625 -47.39 -1.07 -4.23
CA PHE A 625 -46.95 -2.34 -3.68
C PHE A 625 -45.48 -2.60 -3.97
N TYR A 626 -44.92 -1.92 -4.96
CA TYR A 626 -43.48 -1.99 -5.24
C TYR A 626 -42.73 -0.93 -4.42
N LYS A 627 -42.97 -0.93 -3.11
CA LYS A 627 -42.33 0.02 -2.23
C LYS A 627 -40.82 -0.18 -2.21
N GLU A 628 -40.08 0.91 -2.34
CA GLU A 628 -38.63 0.82 -2.35
C GLU A 628 -38.11 0.39 -0.98
N ALA A 629 -36.97 -0.30 -1.00
CA ALA A 629 -36.41 -0.86 0.24
C ALA A 629 -36.01 0.24 1.21
N TYR A 630 -35.64 1.42 0.70
CA TYR A 630 -35.21 2.48 1.59
C TYR A 630 -36.37 3.13 2.33
N ASP A 631 -37.57 3.08 1.76
CA ASP A 631 -38.73 3.72 2.36
C ASP A 631 -39.44 2.85 3.41
N MET A 632 -39.05 1.59 3.54
CA MET A 632 -39.73 0.68 4.45
C MET A 632 -38.96 0.51 5.74
N ASP A 633 -39.67 0.03 6.76
CA ASP A 633 -39.07 -0.22 8.07
C ASP A 633 -38.14 -1.43 7.99
N MET A 634 -36.89 -1.24 8.39
CA MET A 634 -35.94 -2.34 8.41
C MET A 634 -36.29 -3.38 9.46
N PHE A 635 -37.10 -3.03 10.47
CA PHE A 635 -37.56 -4.03 11.42
C PHE A 635 -38.49 -5.04 10.75
N LYS A 636 -39.37 -4.57 9.87
CA LYS A 636 -40.26 -5.48 9.17
C LYS A 636 -39.52 -6.31 8.13
N VAL A 637 -38.48 -5.74 7.50
CA VAL A 637 -37.64 -6.52 6.60
C VAL A 637 -36.88 -7.59 7.39
N VAL A 638 -36.41 -7.25 8.59
CA VAL A 638 -35.77 -8.23 9.45
C VAL A 638 -36.76 -9.34 9.81
N ASP A 639 -38.00 -8.95 10.11
CA ASP A 639 -39.03 -9.95 10.40
C ASP A 639 -39.25 -10.89 9.22
N MET A 640 -39.29 -10.34 8.01
CA MET A 640 -39.47 -11.18 6.82
C MET A 640 -38.29 -12.12 6.62
N ILE A 641 -37.07 -11.61 6.74
CA ILE A 641 -35.90 -12.44 6.51
C ILE A 641 -35.78 -13.50 7.59
N ALA A 642 -36.15 -13.18 8.82
CA ALA A 642 -36.14 -14.17 9.89
C ALA A 642 -37.22 -15.22 9.70
N THR A 643 -38.37 -14.83 9.15
CA THR A 643 -39.39 -15.81 8.79
C THR A 643 -38.88 -16.76 7.72
N ILE A 644 -38.19 -16.22 6.70
CA ILE A 644 -37.62 -17.08 5.68
C ILE A 644 -36.46 -17.90 6.24
N GLN A 645 -35.65 -17.29 7.12
CA GLN A 645 -34.44 -17.95 7.59
C GLN A 645 -34.74 -19.22 8.38
N GLN A 646 -35.90 -19.30 9.01
CA GLN A 646 -36.22 -20.48 9.81
C GLN A 646 -36.42 -21.73 8.97
N HIS A 647 -36.58 -21.59 7.66
CA HIS A 647 -36.68 -22.73 6.76
C HIS A 647 -35.45 -22.91 5.89
N ILE A 648 -34.43 -22.08 6.06
CA ILE A 648 -33.21 -22.14 5.27
C ILE A 648 -32.10 -22.64 6.18
N ASP A 649 -31.43 -23.72 5.76
CA ASP A 649 -30.39 -24.30 6.61
C ASP A 649 -29.14 -23.44 6.62
N GLN A 650 -28.80 -22.84 5.49
CA GLN A 650 -27.71 -21.88 5.40
C GLN A 650 -28.28 -20.48 5.62
N GLY A 651 -27.50 -19.45 5.32
CA GLY A 651 -27.92 -18.08 5.56
C GLY A 651 -28.57 -17.44 4.34
N ILE A 652 -28.95 -16.17 4.54
CA ILE A 652 -29.58 -15.34 3.52
C ILE A 652 -28.77 -14.06 3.42
N SER A 653 -28.39 -13.68 2.21
CA SER A 653 -27.65 -12.44 1.99
C SER A 653 -28.57 -11.27 2.27
N PHE A 654 -28.45 -10.70 3.47
CA PHE A 654 -29.39 -9.71 3.98
C PHE A 654 -28.75 -8.33 3.91
N THR A 655 -29.18 -7.52 2.94
CA THR A 655 -28.71 -6.16 2.80
C THR A 655 -29.60 -5.23 3.61
N LEU A 656 -28.98 -4.31 4.36
CA LEU A 656 -29.71 -3.29 5.10
C LEU A 656 -29.77 -2.02 4.27
N PHE A 657 -30.99 -1.53 4.06
CA PHE A 657 -31.23 -0.35 3.24
C PHE A 657 -31.52 0.83 4.16
N LEU A 658 -30.57 1.75 4.26
CA LEU A 658 -30.60 2.82 5.25
C LEU A 658 -30.80 4.17 4.57
N LYS A 659 -31.58 5.02 5.21
CA LYS A 659 -31.68 6.41 4.78
C LYS A 659 -30.53 7.22 5.36
N ASP A 660 -30.30 8.40 4.77
CA ASP A 660 -29.28 9.30 5.28
C ASP A 660 -29.64 9.86 6.64
N THR A 661 -30.92 9.96 6.96
CA THR A 661 -31.34 10.59 8.20
C THR A 661 -30.99 9.76 9.43
N MET A 662 -31.04 8.43 9.32
CA MET A 662 -30.83 7.58 10.48
C MET A 662 -29.37 7.57 10.89
N THR A 663 -29.14 7.52 12.20
CA THR A 663 -27.81 7.62 12.78
C THR A 663 -27.18 6.24 12.88
N THR A 664 -26.01 6.16 13.53
CA THR A 664 -25.41 4.85 13.78
C THR A 664 -26.20 4.08 14.84
N ARG A 665 -26.92 4.78 15.71
CA ARG A 665 -27.76 4.11 16.70
C ARG A 665 -28.88 3.33 16.01
N ASP A 666 -29.46 3.88 14.95
CA ASP A 666 -30.50 3.17 14.23
C ASP A 666 -29.96 1.91 13.56
N LEU A 667 -28.76 2.01 12.96
CA LEU A 667 -28.13 0.83 12.38
C LEU A 667 -27.84 -0.23 13.44
N ASN A 668 -27.35 0.22 14.60
CA ASN A 668 -27.09 -0.72 15.70
C ASN A 668 -28.38 -1.37 16.19
N ARG A 669 -29.46 -0.59 16.25
CA ARG A 669 -30.75 -1.15 16.65
C ARG A 669 -31.24 -2.18 15.66
N ILE A 670 -31.06 -1.92 14.36
CA ILE A 670 -31.44 -2.90 13.34
C ILE A 670 -30.61 -4.16 13.50
N ASP A 671 -29.30 -4.02 13.74
CA ASP A 671 -28.45 -5.18 13.92
C ASP A 671 -28.85 -5.99 15.16
N LEU A 672 -29.18 -5.30 16.25
CA LEU A 672 -29.57 -6.00 17.48
C LEU A 672 -30.94 -6.65 17.35
N TYR A 673 -31.85 -6.04 16.60
CA TYR A 673 -33.15 -6.67 16.34
C TYR A 673 -33.01 -7.87 15.42
N ALA A 674 -32.09 -7.78 14.45
CA ALA A 674 -31.80 -8.94 13.61
C ALA A 674 -31.22 -10.08 14.43
N HIS A 675 -30.30 -9.77 15.34
CA HIS A 675 -29.75 -10.79 16.22
C HIS A 675 -30.84 -11.38 17.12
N HIS A 676 -31.74 -10.54 17.62
CA HIS A 676 -32.83 -11.01 18.47
C HIS A 676 -33.79 -11.90 17.71
N ARG A 677 -34.05 -11.58 16.44
CA ARG A 677 -35.03 -12.30 15.65
C ARG A 677 -34.48 -13.55 14.97
N GLY A 678 -33.22 -13.90 15.22
CA GLY A 678 -32.64 -15.09 14.65
C GLY A 678 -31.97 -14.92 13.30
N ILE A 679 -31.66 -13.69 12.91
CA ILE A 679 -30.96 -13.46 11.65
C ILE A 679 -29.54 -14.01 11.78
N LYS A 680 -29.12 -14.80 10.79
CA LYS A 680 -27.82 -15.44 10.85
C LYS A 680 -26.71 -14.51 10.40
N THR A 681 -26.91 -13.81 9.28
CA THR A 681 -25.90 -12.92 8.74
C THR A 681 -26.56 -11.64 8.23
N ILE A 682 -25.79 -10.55 8.25
CA ILE A 682 -26.20 -9.28 7.65
C ILE A 682 -25.17 -8.93 6.59
N TYR A 683 -25.63 -8.72 5.35
CA TYR A 683 -24.71 -8.59 4.23
C TYR A 683 -24.17 -7.17 4.10
N TYR A 684 -25.04 -6.21 3.78
CA TYR A 684 -24.59 -4.88 3.42
C TYR A 684 -25.45 -3.83 4.11
N ALA A 685 -24.82 -2.70 4.40
CA ALA A 685 -25.51 -1.52 4.90
C ALA A 685 -25.52 -0.51 3.77
N ARG A 686 -26.50 -0.63 2.89
CA ARG A 686 -26.64 0.27 1.74
C ARG A 686 -27.40 1.52 2.15
N THR A 687 -26.82 2.67 1.87
CA THR A 687 -27.40 3.95 2.25
C THR A 687 -27.77 4.74 0.99
N LYS A 688 -28.94 5.38 1.02
CA LYS A 688 -29.39 6.19 -0.10
C LYS A 688 -29.22 7.68 0.22
N VAL B 6 27.27 10.43 29.46
CA VAL B 6 28.18 9.97 28.41
C VAL B 6 29.18 8.96 28.97
N PRO B 7 29.21 7.77 28.40
CA PRO B 7 30.13 6.73 28.88
C PRO B 7 31.59 7.16 28.73
N LYS B 8 32.43 6.63 29.61
CA LYS B 8 33.85 6.97 29.60
C LYS B 8 34.50 6.52 28.29
N TRP B 9 34.17 5.31 27.82
CA TRP B 9 34.74 4.84 26.56
C TRP B 9 34.22 5.68 25.38
N ILE B 10 32.98 6.15 25.45
CA ILE B 10 32.46 7.00 24.39
C ILE B 10 33.20 8.33 24.37
N GLN B 11 33.48 8.89 25.55
CA GLN B 11 34.27 10.12 25.61
C GLN B 11 35.67 9.90 25.05
N LEU B 12 36.33 8.79 25.44
CA LEU B 12 37.66 8.52 24.96
C LEU B 12 37.69 8.32 23.44
N ASN B 13 36.69 7.63 22.91
CA ASN B 13 36.59 7.44 21.46
C ASN B 13 36.34 8.77 20.75
N ASN B 14 35.66 9.70 21.43
CA ASN B 14 35.39 11.00 20.83
C ASN B 14 36.61 11.91 20.82
N GLU B 15 37.64 11.59 21.60
CA GLU B 15 38.86 12.40 21.62
C GLU B 15 39.75 12.15 20.41
N ILE B 16 39.40 11.19 19.56
CA ILE B 16 40.15 10.99 18.32
C ILE B 16 40.05 12.23 17.44
N MET B 17 38.85 12.79 17.31
CA MET B 17 38.66 13.96 16.47
C MET B 17 39.28 15.21 17.07
N ILE B 18 39.50 15.24 18.38
CA ILE B 18 40.18 16.37 19.00
C ILE B 18 41.64 16.33 18.52
N GLN B 19 42.01 17.29 17.68
CA GLN B 19 43.31 17.28 17.04
C GLN B 19 44.35 17.85 18.00
N LYS B 20 45.33 17.02 18.38
CA LYS B 20 46.43 17.43 19.24
C LYS B 20 47.70 17.48 18.41
N ASP B 21 48.38 18.63 18.43
CA ASP B 21 49.62 18.83 17.67
C ASP B 21 49.39 18.61 16.17
N GLY B 22 48.21 19.01 15.69
CA GLY B 22 47.91 18.92 14.28
C GLY B 22 47.59 17.54 13.78
N LYS B 23 47.41 16.55 14.66
CA LYS B 23 47.14 15.18 14.26
C LYS B 23 46.00 14.62 15.10
N PHE B 24 45.25 13.70 14.51
CA PHE B 24 44.22 12.99 15.26
C PHE B 24 44.86 12.12 16.34
N GLN B 25 44.17 11.99 17.46
CA GLN B 25 44.64 11.14 18.56
C GLN B 25 44.16 9.72 18.32
N PHE B 26 44.85 9.04 17.41
CA PHE B 26 44.47 7.67 17.06
C PHE B 26 44.69 6.70 18.21
N ASP B 27 45.64 7.02 19.11
CA ASP B 27 45.91 6.15 20.25
C ASP B 27 44.78 6.17 21.28
N LYS B 28 43.84 7.10 21.17
CA LYS B 28 42.72 7.15 22.12
C LYS B 28 41.77 5.98 21.94
N ASP B 29 41.77 5.33 20.77
CA ASP B 29 40.85 4.22 20.54
C ASP B 29 41.28 2.98 21.32
N LYS B 30 42.59 2.79 21.53
CA LYS B 30 43.04 1.74 22.43
C LYS B 30 42.59 2.01 23.86
N GLU B 31 42.72 3.27 24.30
CA GLU B 31 42.17 3.65 25.59
C GLU B 31 40.66 3.50 25.61
N ALA B 32 39.99 3.84 24.49
CA ALA B 32 38.55 3.71 24.42
C ALA B 32 38.11 2.27 24.56
N VAL B 33 38.76 1.34 23.85
CA VAL B 33 38.36 -0.06 23.94
C VAL B 33 38.73 -0.65 25.30
N HIS B 34 39.87 -0.25 25.87
CA HIS B 34 40.23 -0.72 27.19
C HIS B 34 39.21 -0.27 28.24
N SER B 35 38.80 0.99 28.18
CA SER B 35 37.78 1.49 29.09
C SER B 35 36.45 0.80 28.86
N TYR B 36 36.07 0.61 27.59
CA TYR B 36 34.83 -0.10 27.28
C TYR B 36 34.81 -1.47 27.93
N PHE B 37 35.87 -2.25 27.71
CA PHE B 37 35.95 -3.57 28.34
C PHE B 37 35.87 -3.45 29.85
N VAL B 38 36.86 -2.78 30.45
CA VAL B 38 37.03 -2.78 31.90
C VAL B 38 35.81 -2.23 32.63
N ASP B 39 35.04 -1.34 31.99
CA ASP B 39 33.92 -0.71 32.66
C ASP B 39 32.57 -1.32 32.32
N TYR B 40 32.40 -1.94 31.16
CA TYR B 40 31.11 -2.48 30.77
C TYR B 40 31.13 -3.98 30.53
N ILE B 41 32.12 -4.47 29.78
CA ILE B 41 32.07 -5.87 29.33
C ILE B 41 32.39 -6.80 30.49
N ASN B 42 33.46 -6.52 31.23
CA ASN B 42 33.81 -7.36 32.37
C ASN B 42 32.75 -7.27 33.47
N GLN B 43 32.01 -6.17 33.54
CA GLN B 43 30.92 -6.06 34.50
C GLN B 43 29.70 -6.86 34.05
N ASN B 44 29.40 -6.86 32.75
CA ASN B 44 28.20 -7.50 32.22
C ASN B 44 28.46 -8.89 31.65
N THR B 45 29.66 -9.44 31.85
CA THR B 45 29.97 -10.78 31.39
C THR B 45 29.68 -11.77 32.52
N VAL B 46 28.74 -12.69 32.28
CA VAL B 46 28.47 -13.74 33.24
C VAL B 46 29.70 -14.63 33.37
N PHE B 47 30.17 -14.81 34.60
CA PHE B 47 31.33 -15.64 34.87
C PHE B 47 30.92 -16.88 35.64
N PHE B 48 31.55 -18.00 35.32
CA PHE B 48 31.29 -19.27 35.96
C PHE B 48 32.59 -19.79 36.59
N HIS B 49 32.44 -20.60 37.63
CA HIS B 49 33.61 -21.11 38.34
C HIS B 49 34.51 -21.93 37.43
N ASN B 50 33.91 -22.74 36.56
CA ASN B 50 34.66 -23.56 35.62
C ASN B 50 33.95 -23.54 34.28
N LEU B 51 34.68 -23.96 33.24
CA LEU B 51 34.09 -24.04 31.91
C LEU B 51 32.98 -25.08 31.85
N LYS B 52 33.08 -26.14 32.65
CA LYS B 52 32.03 -27.16 32.67
C LYS B 52 30.70 -26.57 33.12
N GLU B 53 30.72 -25.73 34.16
CA GLU B 53 29.48 -25.11 34.63
C GLU B 53 28.89 -24.19 33.58
N LYS B 54 29.75 -23.41 32.89
CA LYS B 54 29.26 -22.53 31.83
C LYS B 54 28.64 -23.32 30.71
N LEU B 55 29.30 -24.39 30.28
CA LEU B 55 28.77 -25.21 29.18
C LEU B 55 27.45 -25.86 29.57
N ASP B 56 27.36 -26.37 30.80
CA ASP B 56 26.13 -26.98 31.28
C ASP B 56 24.99 -25.97 31.34
N TYR B 57 25.28 -24.76 31.83
CA TYR B 57 24.28 -23.71 31.87
C TYR B 57 23.81 -23.35 30.47
N LEU B 58 24.74 -23.29 29.51
CA LEU B 58 24.37 -22.89 28.16
C LEU B 58 23.55 -23.97 27.44
N VAL B 59 23.91 -25.25 27.62
CA VAL B 59 23.14 -26.29 26.94
C VAL B 59 21.78 -26.46 27.59
N GLU B 60 21.73 -26.44 28.93
CA GLU B 60 20.48 -26.73 29.62
C GLU B 60 19.49 -25.57 29.56
N ASN B 61 19.97 -24.33 29.41
CA ASN B 61 19.11 -23.17 29.29
C ASN B 61 18.76 -22.83 27.85
N GLN B 62 18.89 -23.80 26.94
CA GLN B 62 18.48 -23.64 25.53
C GLN B 62 19.26 -22.52 24.85
N TYR B 63 20.57 -22.46 25.10
CA TYR B 63 21.45 -21.53 24.42
C TYR B 63 22.31 -22.21 23.36
N TYR B 64 22.83 -23.40 23.66
CA TYR B 64 23.65 -24.16 22.74
C TYR B 64 22.91 -25.41 22.27
N GLU B 65 23.55 -26.12 21.35
CA GLU B 65 23.07 -27.41 20.88
C GLU B 65 23.91 -28.51 21.51
N GLU B 66 23.24 -29.46 22.16
CA GLU B 66 23.96 -30.57 22.79
C GLU B 66 24.54 -31.53 21.77
N GLU B 67 24.02 -31.54 20.54
CA GLU B 67 24.45 -32.52 19.54
C GLU B 67 25.91 -32.33 19.17
N PHE B 68 26.31 -31.10 18.83
CA PHE B 68 27.68 -30.88 18.39
C PHE B 68 28.67 -30.90 19.54
N LEU B 69 28.24 -30.49 20.74
CA LEU B 69 29.14 -30.52 21.89
C LEU B 69 29.36 -31.93 22.41
N SER B 70 28.38 -32.83 22.21
CA SER B 70 28.52 -34.21 22.65
C SER B 70 29.56 -34.96 21.83
N LEU B 71 29.97 -34.43 20.68
CA LEU B 71 30.96 -35.08 19.84
C LEU B 71 32.35 -35.05 20.44
N TYR B 72 32.57 -34.26 21.49
CA TYR B 72 33.87 -34.15 22.14
C TYR B 72 33.75 -34.54 23.60
N SER B 73 34.78 -35.16 24.15
CA SER B 73 34.92 -35.23 25.59
C SER B 73 35.18 -33.83 26.13
N PHE B 74 34.77 -33.60 27.38
CA PHE B 74 34.90 -32.26 27.94
C PHE B 74 36.37 -31.82 28.00
N GLU B 75 37.30 -32.77 28.08
CA GLU B 75 38.71 -32.40 28.06
C GLU B 75 39.08 -31.75 26.73
N ASP B 76 38.57 -32.27 25.62
CA ASP B 76 38.86 -31.69 24.32
C ASP B 76 38.29 -30.29 24.20
N ILE B 77 37.05 -30.09 24.68
CA ILE B 77 36.44 -28.76 24.65
C ILE B 77 37.24 -27.79 25.52
N LYS B 78 37.69 -28.27 26.68
CA LYS B 78 38.50 -27.43 27.56
C LYS B 78 39.81 -27.04 26.88
N GLU B 79 40.44 -27.97 26.18
CA GLU B 79 41.67 -27.64 25.47
C GLU B 79 41.41 -26.67 24.30
N VAL B 80 40.26 -26.80 23.64
CA VAL B 80 39.92 -25.86 22.58
C VAL B 80 39.74 -24.45 23.15
N PHE B 81 39.04 -24.35 24.28
CA PHE B 81 38.89 -23.04 24.93
C PHE B 81 40.24 -22.52 25.42
N LYS B 82 41.11 -23.41 25.87
CA LYS B 82 42.46 -23.01 26.26
C LYS B 82 43.20 -22.41 25.07
N THR B 83 43.07 -23.05 23.90
CA THR B 83 43.71 -22.54 22.69
C THR B 83 43.17 -21.17 22.32
N ALA B 84 41.86 -20.97 22.47
CA ALA B 84 41.28 -19.67 22.16
C ALA B 84 41.81 -18.59 23.11
N TYR B 85 41.89 -18.90 24.41
CA TYR B 85 42.36 -17.92 25.38
C TYR B 85 43.87 -17.84 25.46
N ALA B 86 44.59 -18.80 24.88
CA ALA B 86 46.05 -18.74 24.88
C ALA B 86 46.58 -17.59 24.02
N LYS B 87 45.81 -17.14 23.04
CA LYS B 87 46.24 -16.05 22.18
C LYS B 87 46.18 -14.69 22.88
N LYS B 88 45.37 -14.57 23.94
CA LYS B 88 45.17 -13.30 24.63
C LYS B 88 44.76 -12.20 23.65
N PHE B 89 43.76 -12.51 22.83
CA PHE B 89 43.34 -11.60 21.77
C PHE B 89 42.78 -10.31 22.37
N ARG B 90 43.21 -9.18 21.82
CA ARG B 90 42.74 -7.87 22.23
C ARG B 90 42.13 -7.16 21.03
N PHE B 91 40.93 -6.62 21.21
CA PHE B 91 40.34 -5.80 20.17
C PHE B 91 41.13 -4.51 20.03
N PRO B 92 41.62 -4.18 18.83
CA PRO B 92 42.46 -2.98 18.70
C PRO B 92 41.69 -1.69 18.82
N SER B 93 40.41 -1.67 18.45
CA SER B 93 39.61 -0.46 18.44
C SER B 93 38.33 -0.70 19.24
N PHE B 94 37.73 0.40 19.68
CA PHE B 94 36.48 0.30 20.43
C PHE B 94 35.36 -0.25 19.56
N MET B 95 35.35 0.13 18.27
CA MET B 95 34.24 -0.29 17.40
C MET B 95 34.25 -1.79 17.16
N SER B 96 35.42 -2.42 17.11
CA SER B 96 35.48 -3.87 16.93
C SER B 96 34.77 -4.58 18.08
N ALA B 97 35.15 -4.26 19.32
CA ALA B 97 34.55 -4.88 20.48
C ALA B 97 33.07 -4.52 20.60
N PHE B 98 32.73 -3.26 20.32
CA PHE B 98 31.33 -2.84 20.39
C PHE B 98 30.48 -3.61 19.40
N LYS B 99 30.94 -3.73 18.16
CA LYS B 99 30.18 -4.46 17.15
C LYS B 99 30.04 -5.93 17.51
N PHE B 100 31.12 -6.55 18.00
CA PHE B 100 31.02 -7.95 18.37
C PHE B 100 30.04 -8.15 19.52
N TYR B 101 30.19 -7.38 20.60
CA TYR B 101 29.37 -7.57 21.77
C TYR B 101 27.98 -7.00 21.63
N ASN B 102 27.68 -6.31 20.52
CA ASN B 102 26.32 -5.87 20.24
C ASN B 102 25.63 -6.68 19.17
N ASP B 103 26.36 -7.40 18.32
CA ASP B 103 25.74 -8.14 17.23
C ASP B 103 25.93 -9.65 17.32
N TYR B 104 27.07 -10.13 17.79
CA TYR B 104 27.41 -11.55 17.71
C TYR B 104 27.57 -12.22 19.06
N ALA B 105 27.92 -11.48 20.11
CA ALA B 105 28.10 -12.11 21.41
C ALA B 105 26.77 -12.62 21.95
N LEU B 106 26.81 -13.83 22.53
CA LEU B 106 25.60 -14.42 23.08
C LEU B 106 25.19 -13.69 24.34
N LYS B 107 23.91 -13.29 24.41
CA LYS B 107 23.35 -12.59 25.55
C LYS B 107 22.25 -13.43 26.18
N THR B 108 21.89 -13.05 27.40
CA THR B 108 20.80 -13.73 28.09
C THR B 108 19.49 -13.53 27.33
N ASN B 109 18.48 -14.33 27.71
CA ASN B 109 17.19 -14.27 27.03
C ASN B 109 16.55 -12.90 27.15
N ASP B 110 16.86 -12.16 28.22
CA ASP B 110 16.39 -10.79 28.38
C ASP B 110 17.38 -9.77 27.83
N LYS B 111 18.46 -10.23 27.18
CA LYS B 111 19.46 -9.35 26.56
C LYS B 111 20.04 -8.37 27.58
N LYS B 112 20.31 -8.85 28.78
CA LYS B 112 20.84 -8.01 29.86
C LYS B 112 22.31 -8.27 30.14
N LYS B 113 22.74 -9.53 30.17
CA LYS B 113 24.11 -9.90 30.47
C LYS B 113 24.75 -10.55 29.25
N ILE B 114 26.04 -10.86 29.36
CA ILE B 114 26.82 -11.42 28.26
C ILE B 114 27.31 -12.79 28.68
N LEU B 115 26.97 -13.81 27.88
CA LEU B 115 27.46 -15.16 28.13
C LEU B 115 28.75 -15.47 27.40
N GLU B 116 28.92 -14.96 26.19
CA GLU B 116 30.03 -15.32 25.32
C GLU B 116 31.00 -14.16 25.16
N ARG B 117 32.28 -14.43 25.37
CA ARG B 117 33.33 -13.53 24.95
C ARG B 117 33.69 -13.83 23.50
N TYR B 118 34.66 -13.10 22.97
CA TYR B 118 35.12 -13.40 21.62
C TYR B 118 35.73 -14.80 21.56
N GLU B 119 36.51 -15.16 22.57
CA GLU B 119 37.13 -16.49 22.59
C GLU B 119 36.09 -17.58 22.71
N ASP B 120 35.04 -17.37 23.51
CA ASP B 120 34.00 -18.39 23.64
C ASP B 120 33.25 -18.59 22.33
N ARG B 121 32.89 -17.49 21.65
CA ARG B 121 32.22 -17.59 20.37
C ARG B 121 33.10 -18.30 19.34
N ILE B 122 34.39 -17.96 19.31
CA ILE B 122 35.29 -18.60 18.36
C ILE B 122 35.46 -20.07 18.67
N SER B 123 35.56 -20.43 19.96
CA SER B 123 35.70 -21.83 20.34
C SER B 123 34.46 -22.62 19.95
N ILE B 124 33.27 -22.06 20.17
CA ILE B 124 32.04 -22.75 19.82
C ILE B 124 31.94 -22.92 18.31
N VAL B 125 32.30 -21.88 17.55
CA VAL B 125 32.25 -21.98 16.09
C VAL B 125 33.24 -23.03 15.60
N ALA B 126 34.44 -23.08 16.19
CA ALA B 126 35.44 -24.06 15.79
C ALA B 126 35.02 -25.47 16.13
N LEU B 127 34.42 -25.66 17.32
CA LEU B 127 33.96 -26.98 17.71
C LEU B 127 32.82 -27.45 16.82
N PHE B 128 31.97 -26.53 16.38
CA PHE B 128 30.93 -26.88 15.42
C PHE B 128 31.52 -27.22 14.06
N PHE B 129 32.55 -26.47 13.64
CA PHE B 129 33.19 -26.74 12.35
C PHE B 129 33.86 -28.10 12.32
N ALA B 130 34.57 -28.45 13.39
CA ALA B 130 35.38 -29.67 13.37
C ALA B 130 34.53 -30.93 13.36
N ASN B 131 33.35 -30.89 13.99
CA ASN B 131 32.42 -32.01 13.98
C ASN B 131 33.04 -33.27 14.60
N GLY B 132 33.70 -33.09 15.74
CA GLY B 132 34.23 -34.20 16.50
C GLY B 132 35.74 -34.33 16.50
N ASP B 133 36.45 -33.53 15.72
CA ASP B 133 37.91 -33.61 15.64
C ASP B 133 38.52 -32.52 16.52
N THR B 134 39.31 -32.93 17.50
CA THR B 134 39.88 -31.96 18.44
C THR B 134 41.01 -31.17 17.80
N GLU B 135 41.89 -31.84 17.04
CA GLU B 135 42.96 -31.13 16.36
C GLU B 135 42.41 -30.17 15.31
N LYS B 136 41.37 -30.59 14.57
CA LYS B 136 40.74 -29.70 13.61
C LYS B 136 40.09 -28.51 14.31
N ALA B 137 39.45 -28.75 15.46
CA ALA B 137 38.87 -27.65 16.22
C ALA B 137 39.92 -26.66 16.68
N LYS B 138 41.07 -27.18 17.14
CA LYS B 138 42.16 -26.29 17.55
C LYS B 138 42.71 -25.52 16.35
N GLU B 139 42.78 -26.15 15.19
CA GLU B 139 43.21 -25.45 13.98
C GLU B 139 42.25 -24.33 13.62
N TYR B 140 40.94 -24.59 13.71
CA TYR B 140 39.95 -23.55 13.45
C TYR B 140 40.06 -22.43 14.48
N VAL B 141 40.30 -22.78 15.74
CA VAL B 141 40.48 -21.77 16.79
C VAL B 141 41.68 -20.89 16.47
N ASN B 142 42.80 -21.49 16.06
CA ASN B 142 43.97 -20.71 15.70
C ASN B 142 43.69 -19.83 14.49
N LEU B 143 42.95 -20.36 13.51
CA LEU B 143 42.65 -19.60 12.32
C LEU B 143 41.78 -18.38 12.62
N MET B 144 40.79 -18.53 13.50
CA MET B 144 39.85 -17.46 13.76
C MET B 144 40.33 -16.49 14.83
N ILE B 145 41.02 -16.97 15.87
CA ILE B 145 41.55 -16.07 16.89
C ILE B 145 42.71 -15.25 16.32
N ASN B 146 43.47 -15.80 15.38
CA ASN B 146 44.41 -15.00 14.62
C ASN B 146 43.71 -14.10 13.61
N GLN B 147 42.40 -14.29 13.43
CA GLN B 147 41.59 -13.47 12.55
C GLN B 147 42.09 -13.53 11.11
N GLU B 148 42.54 -14.72 10.69
CA GLU B 148 42.88 -14.94 9.30
C GLU B 148 41.64 -15.27 8.47
N TYR B 149 40.68 -15.95 9.06
CA TYR B 149 39.44 -16.32 8.38
C TYR B 149 38.26 -15.92 9.26
N GLN B 150 37.28 -15.27 8.66
CA GLN B 150 36.06 -14.88 9.35
C GLN B 150 34.86 -15.57 8.70
N PRO B 151 34.20 -16.49 9.39
CA PRO B 151 32.93 -17.02 8.86
C PRO B 151 31.90 -15.90 8.74
N SER B 152 30.98 -16.07 7.80
CA SER B 152 30.00 -15.03 7.53
C SER B 152 29.15 -14.76 8.77
N THR B 153 28.46 -13.62 8.73
CA THR B 153 27.58 -13.25 9.84
C THR B 153 26.59 -14.34 10.22
N PRO B 154 25.89 -15.01 9.30
CA PRO B 154 25.03 -16.12 9.73
C PRO B 154 25.79 -17.24 10.42
N THR B 155 26.90 -17.70 9.83
CA THR B 155 27.67 -18.79 10.42
C THR B 155 28.27 -18.38 11.76
N PHE B 156 28.94 -17.23 11.79
CA PHE B 156 29.58 -16.79 13.03
C PHE B 156 28.57 -16.55 14.14
N LEU B 157 27.43 -15.96 13.80
CA LEU B 157 26.43 -15.63 14.81
C LEU B 157 25.68 -16.86 15.31
N ASN B 158 25.36 -17.79 14.41
CA ASN B 158 24.40 -18.83 14.73
C ASN B 158 25.01 -20.20 15.00
N ALA B 159 26.26 -20.44 14.63
CA ALA B 159 26.84 -21.77 14.78
C ALA B 159 26.84 -22.19 16.24
N GLY B 160 26.33 -23.39 16.50
CA GLY B 160 26.28 -23.91 17.85
C GLY B 160 25.24 -23.29 18.75
N ARG B 161 24.20 -22.69 18.19
CA ARG B 161 23.12 -22.07 18.97
C ARG B 161 21.82 -22.82 18.76
N LYS B 162 21.11 -23.07 19.86
CA LYS B 162 19.84 -23.80 19.77
C LYS B 162 18.77 -22.97 19.08
N ARG B 163 18.61 -21.71 19.49
CA ARG B 163 17.63 -20.81 18.87
C ARG B 163 18.31 -19.95 17.81
N ARG B 164 18.74 -20.62 16.73
CA ARG B 164 19.51 -20.01 15.68
C ARG B 164 18.72 -19.98 14.38
N GLY B 165 19.05 -19.00 13.53
CA GLY B 165 18.60 -19.02 12.15
C GLY B 165 19.49 -19.93 11.33
N GLU B 166 19.21 -19.95 10.02
CA GLU B 166 20.03 -20.74 9.12
C GLU B 166 21.43 -20.16 9.00
N LEU B 167 22.39 -21.02 8.72
CA LEU B 167 23.76 -20.58 8.50
C LEU B 167 23.99 -19.99 7.12
N VAL B 168 23.00 -20.09 6.24
CA VAL B 168 23.05 -19.50 4.90
C VAL B 168 22.04 -18.36 4.86
N SER B 169 22.44 -17.24 4.26
CA SER B 169 21.56 -16.09 4.15
C SER B 169 21.36 -15.58 2.74
N CYS B 170 22.01 -16.18 1.74
CA CYS B 170 21.81 -15.80 0.35
C CYS B 170 21.18 -16.96 -0.39
N PHE B 171 20.03 -16.72 -0.99
CA PHE B 171 19.31 -17.72 -1.77
C PHE B 171 18.90 -17.11 -3.11
N LEU B 172 18.92 -17.93 -4.15
CA LEU B 172 18.58 -17.50 -5.49
C LEU B 172 17.53 -18.46 -6.05
N LEU B 173 16.35 -17.94 -6.33
CA LEU B 173 15.23 -18.75 -6.78
C LEU B 173 14.89 -18.43 -8.23
N GLU B 174 14.67 -19.47 -9.02
CA GLU B 174 14.09 -19.33 -10.35
C GLU B 174 12.57 -19.42 -10.24
N VAL B 175 11.88 -18.52 -10.93
CA VAL B 175 10.43 -18.48 -10.94
C VAL B 175 9.95 -18.85 -12.34
N ASN B 176 9.15 -19.90 -12.43
CA ASN B 176 8.61 -20.34 -13.70
C ASN B 176 7.34 -19.58 -14.05
N ASP B 177 7.01 -19.57 -15.33
CA ASP B 177 5.89 -18.78 -15.85
C ASP B 177 4.59 -19.57 -15.64
N SER B 178 4.10 -19.52 -14.41
CA SER B 178 2.86 -20.19 -14.04
C SER B 178 2.42 -19.67 -12.68
N LEU B 179 1.10 -19.72 -12.43
CA LEU B 179 0.58 -19.28 -11.15
C LEU B 179 1.01 -20.21 -10.02
N ASN B 180 1.08 -21.51 -10.30
CA ASN B 180 1.57 -22.46 -9.32
C ASN B 180 3.00 -22.13 -8.91
N ASP B 181 3.85 -21.87 -9.90
CA ASP B 181 5.24 -21.56 -9.61
C ASP B 181 5.40 -20.19 -8.94
N ILE B 182 4.56 -19.22 -9.31
CA ILE B 182 4.63 -17.91 -8.66
C ILE B 182 4.22 -18.01 -7.19
N SER B 183 3.13 -18.75 -6.91
CA SER B 183 2.71 -18.95 -5.54
C SER B 183 3.77 -19.70 -4.74
N ARG B 184 4.39 -20.72 -5.35
CA ARG B 184 5.45 -21.44 -4.66
C ARG B 184 6.65 -20.54 -4.42
N ALA B 185 6.96 -19.65 -5.37
CA ALA B 185 8.06 -18.71 -5.17
C ALA B 185 7.77 -17.77 -4.03
N ILE B 186 6.54 -17.28 -3.92
CA ILE B 186 6.17 -16.42 -2.79
C ILE B 186 6.30 -17.19 -1.47
N ASP B 187 5.82 -18.42 -1.46
CA ASP B 187 5.92 -19.24 -0.24
C ASP B 187 7.37 -19.46 0.16
N ILE B 188 8.21 -19.84 -0.80
CA ILE B 188 9.62 -20.13 -0.50
C ILE B 188 10.35 -18.87 -0.10
N SER B 189 10.02 -17.73 -0.73
CA SER B 189 10.62 -16.47 -0.33
C SER B 189 10.28 -16.12 1.11
N MET B 190 9.01 -16.30 1.49
CA MET B 190 8.63 -16.04 2.88
C MET B 190 9.30 -17.00 3.83
N GLN B 191 9.43 -18.28 3.45
CA GLN B 191 10.07 -19.26 4.32
C GLN B 191 11.55 -18.95 4.51
N LEU B 192 12.24 -18.52 3.45
CA LEU B 192 13.65 -18.22 3.55
C LEU B 192 13.91 -16.89 4.26
N SER B 193 13.05 -15.90 4.02
CA SER B 193 13.16 -14.65 4.75
C SER B 193 12.85 -14.85 6.23
N LYS B 194 11.97 -15.81 6.54
CA LYS B 194 11.72 -16.17 7.94
C LYS B 194 12.99 -16.69 8.60
N LEU B 195 13.77 -17.49 7.87
CA LEU B 195 15.06 -17.96 8.37
C LEU B 195 16.10 -16.85 8.48
N GLY B 196 15.82 -15.68 7.93
CA GLY B 196 16.74 -14.56 7.99
C GLY B 196 17.62 -14.38 6.76
N GLY B 197 17.34 -15.09 5.68
CA GLY B 197 18.17 -15.05 4.49
C GLY B 197 17.61 -14.12 3.43
N GLY B 198 18.51 -13.44 2.73
CA GLY B 198 18.10 -12.65 1.58
C GLY B 198 17.81 -13.56 0.39
N VAL B 199 16.73 -13.25 -0.32
CA VAL B 199 16.22 -14.09 -1.39
C VAL B 199 16.27 -13.29 -2.69
N SER B 200 16.86 -13.89 -3.71
CA SER B 200 16.90 -13.31 -5.05
C SER B 200 16.04 -14.14 -5.98
N LEU B 201 15.19 -13.49 -6.76
CA LEU B 201 14.25 -14.15 -7.64
C LEU B 201 14.50 -13.74 -9.08
N ASN B 202 14.55 -14.73 -9.98
CA ASN B 202 14.68 -14.48 -11.40
C ASN B 202 13.29 -14.38 -12.00
N LEU B 203 12.94 -13.19 -12.50
CA LEU B 203 11.63 -12.93 -13.06
C LEU B 203 11.63 -12.93 -14.58
N SER B 204 12.72 -13.37 -15.20
CA SER B 204 12.83 -13.28 -16.65
C SER B 204 11.94 -14.29 -17.37
N LYS B 205 11.65 -15.41 -16.73
CA LYS B 205 10.78 -16.41 -17.34
C LYS B 205 9.31 -16.01 -17.32
N LEU B 206 8.91 -15.16 -16.38
CA LEU B 206 7.53 -14.69 -16.32
C LEU B 206 7.20 -13.89 -17.58
N ARG B 207 6.05 -14.19 -18.17
CA ARG B 207 5.64 -13.49 -19.37
C ARG B 207 5.26 -12.05 -19.06
N ALA B 208 5.45 -11.19 -20.05
CA ALA B 208 5.32 -9.75 -19.86
C ALA B 208 3.86 -9.35 -19.68
N LYS B 209 3.67 -8.06 -19.40
CA LYS B 209 2.33 -7.50 -19.28
C LYS B 209 1.63 -7.50 -20.64
N GLY B 210 0.34 -7.83 -20.63
CA GLY B 210 -0.41 -7.90 -21.86
C GLY B 210 -0.17 -9.15 -22.67
N GLU B 211 0.11 -10.27 -22.01
CA GLU B 211 0.27 -11.55 -22.68
C GLU B 211 -0.96 -12.43 -22.42
N ALA B 212 -1.11 -13.45 -23.24
CA ALA B 212 -2.27 -14.32 -23.19
C ALA B 212 -2.12 -15.38 -22.11
N ILE B 213 -3.22 -15.66 -21.42
CA ILE B 213 -3.30 -16.74 -20.44
C ILE B 213 -4.33 -17.74 -20.99
N LYS B 214 -3.84 -18.83 -21.58
CA LYS B 214 -4.65 -19.90 -22.16
C LYS B 214 -5.83 -19.38 -22.97
N ASP B 215 -5.54 -18.70 -24.08
CA ASP B 215 -6.44 -18.18 -25.09
C ASP B 215 -7.10 -16.86 -24.68
N VAL B 216 -6.82 -16.33 -23.48
CA VAL B 216 -7.33 -15.03 -23.10
C VAL B 216 -6.19 -14.02 -23.24
N GLU B 217 -6.18 -13.29 -24.35
CA GLU B 217 -5.09 -12.38 -24.68
C GLU B 217 -5.09 -11.17 -23.76
N ASN B 218 -3.92 -10.56 -23.61
CA ASN B 218 -3.76 -9.31 -22.86
C ASN B 218 -4.28 -9.43 -21.43
N ALA B 219 -3.95 -10.56 -20.78
CA ALA B 219 -4.47 -10.84 -19.45
C ALA B 219 -3.42 -10.85 -18.35
N THR B 220 -2.14 -10.84 -18.70
CA THR B 220 -1.07 -10.96 -17.72
C THR B 220 -0.66 -9.58 -17.22
N LYS B 221 -0.51 -9.45 -15.91
CA LYS B 221 -0.04 -8.22 -15.31
C LYS B 221 1.46 -8.02 -15.45
N GLY B 222 2.18 -9.03 -15.92
CA GLY B 222 3.60 -8.92 -16.13
C GLY B 222 4.39 -9.22 -14.87
N VAL B 223 5.67 -8.82 -14.92
CA VAL B 223 6.57 -9.05 -13.78
C VAL B 223 6.31 -8.09 -12.63
N VAL B 224 5.58 -7.00 -12.86
CA VAL B 224 5.37 -6.02 -11.80
C VAL B 224 4.32 -6.48 -10.81
N GLY B 225 3.31 -7.23 -11.25
CA GLY B 225 2.38 -7.82 -10.30
C GLY B 225 3.06 -8.83 -9.39
N VAL B 226 3.91 -9.68 -9.96
CA VAL B 226 4.71 -10.60 -9.15
C VAL B 226 5.67 -9.82 -8.26
N MET B 227 6.18 -8.69 -8.74
CA MET B 227 7.05 -7.84 -7.92
C MET B 227 6.31 -7.31 -6.70
N LYS B 228 5.07 -6.86 -6.87
CA LYS B 228 4.27 -6.40 -5.75
C LYS B 228 3.97 -7.54 -4.78
N LEU B 229 3.63 -8.72 -5.32
CA LEU B 229 3.39 -9.89 -4.47
C LEU B 229 4.63 -10.22 -3.64
N LEU B 230 5.80 -10.21 -4.27
CA LEU B 230 7.04 -10.53 -3.57
C LEU B 230 7.41 -9.45 -2.56
N ASP B 231 7.16 -8.19 -2.89
CA ASP B 231 7.44 -7.11 -1.96
C ASP B 231 6.60 -7.25 -0.70
N ASN B 232 5.30 -7.53 -0.87
CA ASN B 232 4.46 -7.74 0.30
C ASN B 232 4.83 -9.02 1.04
N ALA B 233 5.25 -10.06 0.33
CA ALA B 233 5.68 -11.29 0.99
C ALA B 233 6.92 -11.04 1.85
N PHE B 234 7.87 -10.25 1.34
CA PHE B 234 9.06 -9.93 2.11
C PHE B 234 8.76 -8.98 3.26
N ARG B 235 7.80 -8.06 3.07
CA ARG B 235 7.38 -7.20 4.17
C ARG B 235 6.71 -8.00 5.28
N TYR B 236 5.93 -9.01 4.92
CA TYR B 236 5.28 -9.83 5.94
C TYR B 236 6.29 -10.71 6.67
N ALA B 237 7.15 -11.39 5.91
CA ALA B 237 8.17 -12.27 6.48
C ALA B 237 9.38 -11.41 6.88
N ASP B 238 9.17 -10.63 7.95
CA ASP B 238 10.15 -9.65 8.39
C ASP B 238 11.07 -10.18 9.48
N GLN B 239 11.36 -11.48 9.48
CA GLN B 239 12.28 -12.10 10.43
C GLN B 239 11.82 -11.86 11.87
N MET B 240 10.55 -12.21 12.14
CA MET B 240 9.95 -12.08 13.47
C MET B 240 10.02 -10.64 13.98
N GLY B 241 9.89 -9.67 13.08
CA GLY B 241 9.95 -8.27 13.47
C GLY B 241 11.30 -7.79 13.95
N GLN B 242 12.38 -8.52 13.66
CA GLN B 242 13.71 -8.14 14.11
C GLN B 242 14.43 -7.30 13.06
N ARG B 243 14.60 -7.84 11.86
CA ARG B 243 15.29 -7.17 10.77
C ARG B 243 14.39 -7.21 9.53
N GLN B 244 14.34 -6.09 8.81
CA GLN B 244 13.44 -5.97 7.67
C GLN B 244 13.77 -7.01 6.61
N GLY B 245 12.72 -7.66 6.09
CA GLY B 245 12.88 -8.65 5.05
C GLY B 245 13.41 -8.07 3.76
N SER B 246 14.53 -8.61 3.29
CA SER B 246 15.22 -8.09 2.11
C SER B 246 15.18 -9.12 1.00
N GLY B 247 14.74 -8.69 -0.18
CA GLY B 247 14.70 -9.56 -1.34
C GLY B 247 15.13 -8.80 -2.58
N ALA B 248 15.49 -9.58 -3.60
CA ALA B 248 15.94 -9.02 -4.86
C ALA B 248 15.19 -9.69 -6.01
N ALA B 249 14.93 -8.91 -7.05
CA ALA B 249 14.31 -9.41 -8.27
C ALA B 249 15.22 -9.10 -9.44
N TYR B 250 15.43 -10.07 -10.31
CA TYR B 250 16.28 -9.91 -11.47
C TYR B 250 15.47 -10.09 -12.75
N LEU B 251 15.72 -9.22 -13.71
CA LEU B 251 15.05 -9.29 -15.00
C LEU B 251 16.08 -9.08 -16.10
N ASN B 252 15.97 -9.87 -17.17
CA ASN B 252 16.83 -9.66 -18.33
C ASN B 252 16.48 -8.33 -19.00
N ILE B 253 17.51 -7.66 -19.52
CA ILE B 253 17.29 -6.38 -20.19
C ILE B 253 16.49 -6.53 -21.47
N PHE B 254 16.47 -7.74 -22.06
CA PHE B 254 15.68 -7.99 -23.25
C PHE B 254 14.26 -8.45 -22.93
N HIS B 255 13.92 -8.55 -21.66
CA HIS B 255 12.54 -8.79 -21.26
C HIS B 255 11.68 -7.59 -21.62
N ARG B 256 10.44 -7.85 -22.04
CA ARG B 256 9.55 -6.79 -22.48
C ARG B 256 9.23 -5.83 -21.33
N ASP B 257 9.10 -6.34 -20.12
CA ASP B 257 8.75 -5.55 -18.96
C ASP B 257 9.95 -4.83 -18.34
N ILE B 258 11.05 -4.66 -19.07
CA ILE B 258 12.25 -4.08 -18.46
C ILE B 258 12.00 -2.64 -18.04
N ASN B 259 11.25 -1.87 -18.84
CA ASN B 259 10.98 -0.49 -18.47
C ASN B 259 10.04 -0.40 -17.29
N ASP B 260 9.00 -1.24 -17.24
CA ASP B 260 8.16 -1.33 -16.06
C ASP B 260 8.96 -1.80 -14.86
N PHE B 261 9.87 -2.75 -15.08
CA PHE B 261 10.74 -3.23 -14.01
C PHE B 261 11.57 -2.10 -13.42
N LEU B 262 12.11 -1.23 -14.27
CA LEU B 262 12.92 -0.12 -13.78
C LEU B 262 12.08 0.99 -13.16
N ASP B 263 10.85 1.18 -13.64
CA ASP B 263 9.99 2.25 -13.12
C ASP B 263 9.56 2.00 -11.69
N THR B 264 9.73 0.79 -11.16
CA THR B 264 9.40 0.52 -9.77
C THR B 264 10.34 1.20 -8.79
N LYS B 265 11.47 1.70 -9.26
CA LYS B 265 12.46 2.34 -8.39
C LYS B 265 12.52 3.86 -8.56
N LYS B 266 11.70 4.44 -9.41
CA LYS B 266 11.68 5.88 -9.56
C LYS B 266 11.09 6.53 -8.32
N ILE B 267 11.59 7.73 -8.00
CA ILE B 267 11.08 8.46 -6.84
C ILE B 267 9.64 8.89 -7.05
N SER B 268 9.25 9.12 -8.30
CA SER B 268 7.89 9.52 -8.65
C SER B 268 6.97 8.33 -8.93
N ALA B 269 7.41 7.12 -8.61
CA ALA B 269 6.62 5.94 -8.95
C ALA B 269 5.30 5.92 -8.18
N ASP B 270 4.25 5.48 -8.87
CA ASP B 270 2.94 5.34 -8.25
C ASP B 270 2.98 4.24 -7.20
N GLU B 271 2.12 4.39 -6.18
CA GLU B 271 2.09 3.43 -5.09
C GLU B 271 1.62 2.05 -5.53
N ASP B 272 0.92 1.96 -6.65
CA ASP B 272 0.54 0.66 -7.21
C ASP B 272 1.61 0.08 -8.12
N VAL B 273 2.72 0.79 -8.31
CA VAL B 273 3.85 0.30 -9.07
C VAL B 273 5.11 0.18 -8.22
N ARG B 274 5.33 1.15 -7.33
CA ARG B 274 6.55 1.19 -6.54
C ARG B 274 6.67 -0.01 -5.61
N VAL B 275 7.87 -0.56 -5.51
CA VAL B 275 8.21 -1.60 -4.55
C VAL B 275 9.27 -1.05 -3.61
N LYS B 276 9.13 -1.35 -2.32
CA LYS B 276 9.96 -0.73 -1.28
C LYS B 276 11.08 -1.64 -0.80
N THR B 277 10.78 -2.89 -0.47
CA THR B 277 11.74 -3.81 0.12
C THR B 277 12.33 -4.79 -0.89
N LEU B 278 12.12 -4.55 -2.19
CA LEU B 278 12.56 -5.46 -3.24
C LEU B 278 13.62 -4.77 -4.07
N SER B 279 14.88 -5.14 -3.87
CA SER B 279 15.96 -4.67 -4.74
C SER B 279 15.79 -5.25 -6.13
N ILE B 280 16.32 -4.54 -7.13
CA ILE B 280 16.18 -4.96 -8.51
C ILE B 280 17.57 -5.07 -9.14
N GLY B 281 17.75 -6.09 -9.94
CA GLY B 281 18.97 -6.23 -10.72
C GLY B 281 18.63 -6.51 -12.17
N VAL B 282 19.41 -5.91 -13.07
CA VAL B 282 19.20 -6.06 -14.51
C VAL B 282 20.32 -6.94 -15.06
N VAL B 283 19.95 -7.95 -15.84
CA VAL B 283 20.90 -8.83 -16.51
C VAL B 283 21.07 -8.33 -17.93
N ILE B 284 22.31 -8.05 -18.31
CA ILE B 284 22.60 -7.47 -19.62
C ILE B 284 23.51 -8.40 -20.42
N PRO B 285 23.00 -9.03 -21.47
CA PRO B 285 23.88 -9.80 -22.36
C PRO B 285 24.73 -8.87 -23.21
N ASP B 286 25.77 -9.45 -23.83
CA ASP B 286 26.63 -8.67 -24.71
C ASP B 286 25.87 -8.13 -25.92
N LYS B 287 24.75 -8.77 -26.29
CA LYS B 287 23.98 -8.30 -27.43
C LYS B 287 23.42 -6.90 -27.19
N PHE B 288 22.94 -6.63 -25.97
CA PHE B 288 22.42 -5.30 -25.67
C PHE B 288 23.52 -4.24 -25.73
N VAL B 289 24.70 -4.54 -25.20
CA VAL B 289 25.80 -3.59 -25.25
C VAL B 289 26.25 -3.37 -26.69
N GLU B 290 26.21 -4.41 -27.51
CA GLU B 290 26.56 -4.27 -28.92
C GLU B 290 25.54 -3.40 -29.65
N LEU B 291 24.25 -3.59 -29.35
CA LEU B 291 23.22 -2.77 -29.99
C LEU B 291 23.32 -1.31 -29.56
N ALA B 292 23.59 -1.07 -28.28
CA ALA B 292 23.74 0.30 -27.80
C ALA B 292 25.02 0.95 -28.35
N ARG B 293 26.08 0.16 -28.52
CA ARG B 293 27.32 0.69 -29.05
C ARG B 293 27.15 1.23 -30.46
N GLU B 294 26.43 0.50 -31.30
CA GLU B 294 26.19 0.90 -32.68
C GLU B 294 24.94 1.75 -32.84
N ASP B 295 24.25 2.06 -31.74
CA ASP B 295 23.05 2.91 -31.73
C ASP B 295 21.91 2.32 -32.55
N LYS B 296 21.97 1.03 -32.87
CA LYS B 296 20.85 0.37 -33.53
C LYS B 296 19.68 0.26 -32.58
N ALA B 297 18.47 0.48 -33.08
CA ALA B 297 17.28 0.34 -32.26
C ALA B 297 17.06 -1.11 -31.90
N ALA B 298 16.87 -1.38 -30.61
CA ALA B 298 16.80 -2.74 -30.09
C ALA B 298 15.34 -3.16 -29.87
N TYR B 299 15.16 -4.45 -29.62
CA TYR B 299 13.85 -5.03 -29.39
C TYR B 299 13.83 -5.76 -28.05
N VAL B 300 12.80 -5.51 -27.26
CA VAL B 300 12.50 -6.32 -26.09
C VAL B 300 11.36 -7.27 -26.46
N PHE B 301 11.43 -8.50 -25.95
CA PHE B 301 10.58 -9.57 -26.44
C PHE B 301 9.62 -10.03 -25.34
N TYR B 302 8.45 -10.47 -25.77
CA TYR B 302 7.51 -11.11 -24.88
C TYR B 302 7.94 -12.55 -24.66
N PRO B 303 8.30 -12.95 -23.43
CA PRO B 303 8.87 -14.28 -23.23
C PRO B 303 7.96 -15.43 -23.61
N HIS B 304 6.65 -15.29 -23.42
CA HIS B 304 5.76 -16.41 -23.69
C HIS B 304 5.67 -16.71 -25.18
N THR B 305 5.75 -15.69 -26.03
CA THR B 305 5.78 -15.93 -27.47
C THR B 305 7.02 -16.73 -27.86
N ILE B 306 8.17 -16.39 -27.28
CA ILE B 306 9.40 -17.13 -27.55
C ILE B 306 9.28 -18.57 -27.06
N TYR B 307 8.71 -18.75 -25.86
CA TYR B 307 8.53 -20.10 -25.32
C TYR B 307 7.61 -20.93 -26.21
N LYS B 308 6.53 -20.32 -26.70
CA LYS B 308 5.60 -21.03 -27.58
C LYS B 308 6.25 -21.36 -28.92
N GLU B 309 7.07 -20.45 -29.45
CA GLU B 309 7.66 -20.67 -30.76
C GLU B 309 8.79 -21.70 -30.71
N TYR B 310 9.62 -21.67 -29.67
CA TYR B 310 10.82 -22.49 -29.64
C TYR B 310 10.80 -23.58 -28.58
N GLY B 311 9.81 -23.59 -27.69
CA GLY B 311 9.79 -24.56 -26.62
C GLY B 311 10.79 -24.32 -25.52
N GLN B 312 11.54 -23.23 -25.58
CA GLN B 312 12.53 -22.88 -24.58
C GLN B 312 12.27 -21.46 -24.10
N HIS B 313 12.60 -21.20 -22.85
CA HIS B 313 12.47 -19.86 -22.30
C HIS B 313 13.47 -18.92 -22.96
N MET B 314 13.09 -17.64 -23.03
CA MET B 314 13.94 -16.65 -23.68
C MET B 314 15.27 -16.50 -22.93
N ASP B 315 15.23 -16.55 -21.60
CA ASP B 315 16.45 -16.46 -20.81
C ASP B 315 17.23 -17.76 -20.77
N GLU B 316 16.67 -18.86 -21.27
CA GLU B 316 17.39 -20.12 -21.40
C GLU B 316 18.20 -20.21 -22.69
N MET B 317 18.07 -19.23 -23.59
CA MET B 317 18.72 -19.25 -24.88
C MET B 317 19.77 -18.16 -24.98
N ASP B 318 20.72 -18.36 -25.89
CA ASP B 318 21.81 -17.42 -26.10
C ASP B 318 21.31 -16.26 -26.95
N MET B 319 21.19 -15.08 -26.36
CA MET B 319 20.67 -13.93 -27.09
C MET B 319 21.58 -13.51 -28.23
N ASN B 320 22.88 -13.80 -28.13
CA ASN B 320 23.80 -13.41 -29.18
C ASN B 320 23.48 -14.11 -30.49
N GLU B 321 23.11 -15.38 -30.44
CA GLU B 321 22.71 -16.10 -31.64
C GLU B 321 21.21 -16.05 -31.90
N MET B 322 20.40 -15.89 -30.85
CA MET B 322 18.95 -15.98 -30.99
C MET B 322 18.28 -14.63 -31.20
N TYR B 323 19.00 -13.51 -31.08
CA TYR B 323 18.34 -12.20 -31.17
C TYR B 323 17.82 -11.95 -32.58
N ASP B 324 18.64 -12.22 -33.59
CA ASP B 324 18.20 -12.01 -34.97
C ASP B 324 17.05 -12.94 -35.32
N LYS B 325 17.09 -14.19 -34.85
CA LYS B 325 16.00 -15.12 -35.10
C LYS B 325 14.72 -14.65 -34.41
N PHE B 326 14.83 -14.14 -33.20
CA PHE B 326 13.66 -13.60 -32.51
C PHE B 326 13.08 -12.42 -33.26
N VAL B 327 13.93 -11.50 -33.73
CA VAL B 327 13.46 -10.31 -34.42
C VAL B 327 12.81 -10.68 -35.74
N ASP B 328 13.42 -11.60 -36.49
CA ASP B 328 12.89 -12.00 -37.78
C ASP B 328 11.71 -12.97 -37.69
N ASN B 329 11.41 -13.49 -36.50
CA ASN B 329 10.29 -14.40 -36.35
C ASN B 329 9.00 -13.61 -36.21
N PRO B 330 8.05 -13.73 -37.14
CA PRO B 330 6.78 -13.01 -37.00
C PRO B 330 5.94 -13.49 -35.82
N ARG B 331 6.11 -14.74 -35.39
CA ARG B 331 5.34 -15.27 -34.28
C ARG B 331 5.90 -14.89 -32.91
N VAL B 332 7.06 -14.22 -32.87
CA VAL B 332 7.63 -13.69 -31.65
C VAL B 332 7.24 -12.22 -31.56
N LYS B 333 6.59 -11.84 -30.45
CA LYS B 333 6.13 -10.48 -30.27
C LYS B 333 7.21 -9.64 -29.60
N LYS B 334 7.36 -8.41 -30.07
CA LYS B 334 8.41 -7.52 -29.58
C LYS B 334 7.96 -6.07 -29.76
N GLU B 335 8.62 -5.17 -29.04
CA GLU B 335 8.50 -3.73 -29.28
C GLU B 335 9.87 -3.11 -29.39
N LYS B 336 10.00 -2.11 -30.26
CA LYS B 336 11.25 -1.40 -30.42
C LYS B 336 11.59 -0.61 -29.17
N ILE B 337 12.87 -0.60 -28.81
CA ILE B 337 13.40 0.23 -27.75
C ILE B 337 14.69 0.89 -28.26
N ASN B 338 15.12 1.91 -27.54
CA ASN B 338 16.42 2.51 -27.79
C ASN B 338 17.38 2.00 -26.74
N PRO B 339 18.35 1.14 -27.09
CA PRO B 339 19.26 0.60 -26.07
C PRO B 339 20.09 1.68 -25.38
N ARG B 340 20.48 2.73 -26.10
CA ARG B 340 21.21 3.81 -25.46
C ARG B 340 20.34 4.57 -24.47
N LYS B 341 19.07 4.79 -24.83
CA LYS B 341 18.14 5.41 -23.89
C LYS B 341 17.91 4.53 -22.68
N LEU B 342 17.85 3.21 -22.87
CA LEU B 342 17.72 2.30 -21.74
C LEU B 342 18.96 2.35 -20.86
N LEU B 343 20.15 2.44 -21.46
CA LEU B 343 21.37 2.58 -20.67
C LEU B 343 21.38 3.88 -19.87
N GLU B 344 20.95 4.97 -20.50
CA GLU B 344 20.88 6.24 -19.80
C GLU B 344 19.86 6.20 -18.67
N LYS B 345 18.74 5.50 -18.89
CA LYS B 345 17.75 5.32 -17.83
C LYS B 345 18.33 4.51 -16.68
N LEU B 346 19.11 3.47 -17.00
CA LEU B 346 19.78 2.69 -15.96
C LEU B 346 20.72 3.57 -15.14
N ALA B 347 21.52 4.40 -15.82
CA ALA B 347 22.46 5.27 -15.11
C ALA B 347 21.72 6.29 -14.27
N MET B 348 20.64 6.86 -14.79
CA MET B 348 19.84 7.82 -14.02
C MET B 348 19.25 7.16 -12.79
N LEU B 349 18.74 5.94 -12.92
CA LEU B 349 18.16 5.24 -11.79
C LEU B 349 19.23 4.91 -10.75
N ARG B 350 20.42 4.52 -11.19
CA ARG B 350 21.50 4.24 -10.25
C ARG B 350 21.97 5.50 -9.55
N SER B 351 22.02 6.63 -10.25
CA SER B 351 22.34 7.89 -9.59
C SER B 351 21.29 8.25 -8.55
N GLU B 352 20.01 8.08 -8.88
CA GLU B 352 18.95 8.51 -7.98
C GLU B 352 18.83 7.60 -6.77
N SER B 353 18.87 6.28 -6.98
CA SER B 353 18.56 5.33 -5.91
C SER B 353 19.59 4.22 -5.72
N GLY B 354 20.62 4.13 -6.56
CA GLY B 354 21.59 3.06 -6.48
C GLY B 354 21.18 1.78 -7.16
N TYR B 355 19.98 1.71 -7.73
CA TYR B 355 19.44 0.55 -8.40
C TYR B 355 19.34 0.81 -9.90
N PRO B 356 19.34 -0.24 -10.73
CA PRO B 356 19.45 -1.67 -10.41
C PRO B 356 20.88 -2.17 -10.29
N TYR B 357 21.06 -3.38 -9.77
CA TYR B 357 22.32 -4.08 -9.97
C TYR B 357 22.47 -4.42 -11.44
N ILE B 358 23.70 -4.35 -11.94
CA ILE B 358 24.00 -4.68 -13.32
C ILE B 358 24.78 -5.99 -13.33
N MET B 359 24.23 -6.99 -14.00
CA MET B 359 24.90 -8.26 -14.21
C MET B 359 25.17 -8.43 -15.70
N PHE B 360 26.44 -8.46 -16.07
CA PHE B 360 26.83 -8.63 -17.47
C PHE B 360 26.82 -10.12 -17.76
N GLN B 361 25.76 -10.57 -18.47
CA GLN B 361 25.50 -12.00 -18.61
C GLN B 361 26.64 -12.72 -19.30
N ASP B 362 27.19 -12.14 -20.36
CA ASP B 362 28.23 -12.83 -21.12
C ASP B 362 29.60 -12.73 -20.46
N ASN B 363 29.82 -11.73 -19.61
CA ASN B 363 31.05 -11.72 -18.81
C ASN B 363 31.04 -12.87 -17.80
N VAL B 364 29.88 -13.15 -17.21
CA VAL B 364 29.77 -14.26 -16.27
C VAL B 364 29.96 -15.60 -16.98
N ASN B 365 29.28 -15.78 -18.11
CA ASN B 365 29.18 -17.09 -18.73
C ASN B 365 30.35 -17.42 -19.65
N LYS B 366 31.17 -16.44 -20.02
CA LYS B 366 32.34 -16.74 -20.83
C LYS B 366 33.44 -17.43 -20.02
N VAL B 367 33.41 -17.27 -18.69
CA VAL B 367 34.35 -17.92 -17.79
C VAL B 367 33.64 -18.87 -16.84
N HIS B 368 32.34 -19.07 -17.02
CA HIS B 368 31.58 -19.98 -16.16
C HIS B 368 32.02 -21.41 -16.41
N ALA B 369 32.26 -22.15 -15.32
CA ALA B 369 32.78 -23.51 -15.42
C ALA B 369 31.68 -24.56 -15.50
N ASN B 370 30.41 -24.17 -15.36
CA ASN B 370 29.31 -25.11 -15.32
C ASN B 370 28.22 -24.71 -16.29
N ASN B 371 28.60 -24.27 -17.50
CA ASN B 371 27.62 -23.92 -18.51
C ASN B 371 26.84 -25.13 -19.00
N HIS B 372 27.39 -26.33 -18.86
CA HIS B 372 26.66 -27.54 -19.23
C HIS B 372 25.44 -27.72 -18.35
N ILE B 373 25.58 -27.45 -17.04
CA ILE B 373 24.44 -27.53 -16.13
C ILE B 373 23.42 -26.48 -16.50
N SER B 374 23.86 -25.24 -16.65
CA SER B 374 23.03 -24.10 -17.03
C SER B 374 23.94 -22.89 -17.15
N LYS B 375 23.47 -21.89 -17.89
CA LYS B 375 24.12 -20.59 -17.85
C LYS B 375 23.72 -19.86 -16.57
N VAL B 376 24.57 -18.94 -16.14
CA VAL B 376 24.24 -18.06 -15.03
C VAL B 376 23.30 -16.98 -15.54
N LYS B 377 22.08 -16.95 -15.02
CA LYS B 377 21.05 -16.04 -15.51
C LYS B 377 20.85 -14.83 -14.61
N PHE B 378 21.22 -14.91 -13.34
CA PHE B 378 20.99 -13.82 -12.41
C PHE B 378 21.90 -14.02 -11.20
N SER B 379 21.90 -13.03 -10.33
CA SER B 379 22.76 -13.00 -9.15
C SER B 379 21.90 -12.91 -7.89
N ASN B 380 22.57 -12.78 -6.76
CA ASN B 380 21.90 -12.75 -5.46
C ASN B 380 21.58 -11.32 -5.07
N LEU B 381 21.17 -11.11 -3.83
CA LEU B 381 20.85 -9.79 -3.33
C LEU B 381 22.08 -8.90 -3.20
N CYS B 382 23.27 -9.50 -3.09
CA CYS B 382 24.51 -8.74 -2.97
C CYS B 382 25.35 -8.77 -4.24
N SER B 383 24.88 -9.42 -5.30
CA SER B 383 25.46 -9.33 -6.64
C SER B 383 26.84 -9.97 -6.75
N GLU B 384 27.11 -11.01 -5.96
CA GLU B 384 28.36 -11.73 -6.07
C GLU B 384 28.19 -13.23 -6.33
N VAL B 385 27.01 -13.78 -6.09
CA VAL B 385 26.77 -15.20 -6.32
C VAL B 385 26.35 -15.39 -7.77
N LEU B 386 27.16 -16.14 -8.52
CA LEU B 386 26.95 -16.36 -9.95
C LEU B 386 27.09 -17.86 -10.22
N GLN B 387 25.97 -18.58 -10.14
CA GLN B 387 25.97 -20.03 -10.28
C GLN B 387 24.87 -20.46 -11.23
N ALA B 388 25.03 -21.67 -11.78
CA ALA B 388 24.03 -22.24 -12.65
C ALA B 388 22.78 -22.59 -11.87
N SER B 389 21.62 -22.32 -12.45
CA SER B 389 20.34 -22.62 -11.84
C SER B 389 19.43 -23.31 -12.85
N GLN B 390 18.53 -24.14 -12.34
CA GLN B 390 17.51 -24.79 -13.14
C GLN B 390 16.16 -24.49 -12.53
N VAL B 391 15.22 -24.04 -13.37
CA VAL B 391 13.91 -23.66 -12.86
C VAL B 391 13.11 -24.90 -12.48
N SER B 392 12.36 -24.80 -11.40
CA SER B 392 11.52 -25.89 -10.94
C SER B 392 10.12 -25.78 -11.55
N SER B 393 9.51 -26.92 -11.81
CA SER B 393 8.17 -27.00 -12.35
C SER B 393 7.25 -27.45 -11.21
N TYR B 394 6.73 -26.48 -10.46
CA TYR B 394 5.80 -26.78 -9.38
C TYR B 394 4.41 -26.95 -9.98
N THR B 395 3.90 -28.17 -9.93
CA THR B 395 2.65 -28.53 -10.58
C THR B 395 1.49 -28.35 -9.59
N ASP B 396 0.33 -28.88 -9.94
CA ASP B 396 -0.82 -28.81 -9.05
C ASP B 396 -0.56 -29.61 -7.78
N TYR B 397 -1.47 -29.44 -6.81
CA TYR B 397 -1.27 -30.04 -5.49
C TYR B 397 -1.20 -31.56 -5.58
N ASP B 398 -2.07 -32.17 -6.40
CA ASP B 398 -2.11 -33.63 -6.48
C ASP B 398 -0.93 -34.19 -7.25
N GLU B 399 -0.36 -33.41 -8.17
CA GLU B 399 0.70 -33.89 -9.04
C GLU B 399 2.06 -33.79 -8.35
N GLU B 400 3.06 -34.40 -8.99
CA GLU B 400 4.42 -34.39 -8.48
C GLU B 400 5.20 -33.24 -9.11
N ASP B 401 5.87 -32.45 -8.28
CA ASP B 401 6.65 -31.32 -8.76
C ASP B 401 7.97 -31.79 -9.38
N GLU B 402 8.44 -31.00 -10.34
CA GLU B 402 9.74 -31.23 -10.98
C GLU B 402 10.73 -30.26 -10.35
N ILE B 403 11.52 -30.75 -9.40
CA ILE B 403 12.41 -29.90 -8.63
C ILE B 403 13.67 -29.63 -9.43
N GLY B 404 14.04 -28.35 -9.54
CA GLY B 404 15.24 -27.93 -10.21
C GLY B 404 16.36 -27.61 -9.22
N LEU B 405 17.21 -26.67 -9.60
CA LEU B 405 18.34 -26.25 -8.77
C LEU B 405 18.22 -24.76 -8.49
N ASP B 406 18.10 -24.41 -7.21
CA ASP B 406 18.09 -23.03 -6.76
C ASP B 406 19.35 -22.75 -5.95
N ILE B 407 19.99 -21.62 -6.24
CA ILE B 407 21.33 -21.35 -5.76
C ILE B 407 21.30 -20.93 -4.29
N SER B 408 22.24 -21.46 -3.52
CA SER B 408 22.46 -21.02 -2.13
C SER B 408 23.87 -21.44 -1.74
N CYS B 409 24.75 -20.47 -1.52
CA CYS B 409 26.14 -20.78 -1.20
C CYS B 409 26.50 -20.21 0.17
N ASN B 410 27.50 -20.83 0.79
CA ASN B 410 27.93 -20.50 2.14
C ASN B 410 29.11 -19.55 2.07
N LEU B 411 29.09 -18.51 2.89
CA LEU B 411 30.03 -17.40 2.78
C LEU B 411 31.11 -17.48 3.86
N GLY B 412 32.33 -17.14 3.45
CA GLY B 412 33.43 -16.96 4.38
C GLY B 412 34.42 -16.00 3.78
N SER B 413 35.16 -15.32 4.65
CA SER B 413 36.08 -14.27 4.20
C SER B 413 37.46 -14.48 4.80
N LEU B 414 38.46 -14.52 3.94
CA LEU B 414 39.84 -14.41 4.39
C LEU B 414 40.17 -12.97 4.74
N ASN B 415 40.88 -12.78 5.83
CA ASN B 415 41.45 -11.48 6.16
C ASN B 415 42.79 -11.38 5.46
N ILE B 416 42.86 -10.56 4.41
CA ILE B 416 44.05 -10.50 3.57
C ILE B 416 45.25 -10.02 4.38
N LEU B 417 45.04 -9.06 5.27
CA LEU B 417 46.14 -8.57 6.10
C LEU B 417 46.68 -9.65 7.02
N ASN B 418 45.79 -10.36 7.72
CA ASN B 418 46.24 -11.38 8.66
C ASN B 418 46.74 -12.63 7.96
N VAL B 419 46.14 -13.00 6.84
CA VAL B 419 46.64 -14.13 6.07
C VAL B 419 48.01 -13.82 5.49
N MET B 420 48.21 -12.57 5.07
CA MET B 420 49.48 -12.17 4.46
C MET B 420 50.58 -12.06 5.51
N GLU B 421 50.25 -11.54 6.69
CA GLU B 421 51.25 -11.40 7.75
C GLU B 421 51.63 -12.76 8.33
N HIS B 422 50.71 -13.72 8.33
CA HIS B 422 51.00 -15.06 8.81
C HIS B 422 51.60 -15.97 7.75
N LYS B 423 51.67 -15.51 6.49
CA LYS B 423 52.20 -16.30 5.38
C LYS B 423 51.48 -17.64 5.27
N SER B 424 50.16 -17.59 5.43
CA SER B 424 49.33 -18.79 5.53
C SER B 424 48.17 -18.73 4.54
N ILE B 425 48.46 -18.41 3.27
CA ILE B 425 47.41 -18.42 2.26
C ILE B 425 46.87 -19.84 2.08
N GLU B 426 47.78 -20.81 1.93
CA GLU B 426 47.37 -22.19 1.68
C GLU B 426 46.57 -22.75 2.84
N LYS B 427 47.11 -22.65 4.06
CA LYS B 427 46.46 -23.25 5.22
C LYS B 427 45.12 -22.58 5.51
N THR B 428 45.08 -21.25 5.47
CA THR B 428 43.83 -20.55 5.72
C THR B 428 42.80 -20.88 4.65
N VAL B 429 43.21 -20.91 3.38
CA VAL B 429 42.26 -21.21 2.31
C VAL B 429 41.70 -22.61 2.48
N LYS B 430 42.56 -23.58 2.78
CA LYS B 430 42.10 -24.96 2.89
C LYS B 430 41.20 -25.16 4.11
N LEU B 431 41.55 -24.55 5.25
CA LEU B 431 40.70 -24.67 6.43
C LEU B 431 39.37 -23.96 6.23
N ALA B 432 39.38 -22.80 5.57
CA ALA B 432 38.14 -22.10 5.25
C ALA B 432 37.27 -22.93 4.31
N THR B 433 37.91 -23.60 3.33
CA THR B 433 37.16 -24.48 2.44
C THR B 433 36.53 -25.62 3.22
N ASP B 434 37.27 -26.21 4.16
CA ASP B 434 36.72 -27.29 4.98
C ASP B 434 35.54 -26.80 5.81
N SER B 435 35.66 -25.62 6.42
CA SER B 435 34.57 -25.08 7.23
C SER B 435 33.34 -24.77 6.40
N LEU B 436 33.54 -24.18 5.21
CA LEU B 436 32.43 -23.89 4.32
C LEU B 436 31.77 -25.18 3.83
N THR B 437 32.57 -26.20 3.55
CA THR B 437 32.02 -27.50 3.19
C THR B 437 31.17 -28.07 4.32
N HIS B 438 31.66 -27.98 5.55
CA HIS B 438 30.88 -28.46 6.69
C HIS B 438 29.56 -27.71 6.82
N VAL B 439 29.61 -26.39 6.66
CA VAL B 439 28.38 -25.59 6.73
C VAL B 439 27.42 -26.00 5.63
N SER B 440 27.95 -26.29 4.44
CA SER B 440 27.10 -26.72 3.33
C SER B 440 26.43 -28.06 3.63
N GLU B 441 27.20 -29.01 4.16
CA GLU B 441 26.63 -30.33 4.47
C GLU B 441 25.60 -30.25 5.59
N THR B 442 25.85 -29.44 6.61
CA THR B 442 24.96 -29.39 7.75
C THR B 442 23.73 -28.52 7.51
N THR B 443 23.61 -27.88 6.36
CA THR B 443 22.46 -27.05 6.04
C THR B 443 21.40 -27.91 5.37
N ASP B 444 20.20 -27.92 5.97
CA ASP B 444 19.05 -28.62 5.40
C ASP B 444 17.84 -27.73 5.54
N ILE B 445 17.29 -27.29 4.41
CA ILE B 445 16.15 -26.38 4.39
C ILE B 445 14.92 -27.16 3.94
N ARG B 446 13.89 -27.20 4.78
CA ARG B 446 12.78 -28.11 4.60
C ARG B 446 11.64 -27.54 3.76
N ASN B 447 11.70 -26.26 3.40
CA ASN B 447 10.61 -25.63 2.65
C ASN B 447 11.04 -25.06 1.32
N ALA B 448 12.30 -25.26 0.91
CA ALA B 448 12.80 -24.87 -0.41
C ALA B 448 13.40 -26.11 -1.04
N PRO B 449 12.60 -26.91 -1.74
CA PRO B 449 13.13 -28.18 -2.27
C PRO B 449 14.24 -27.99 -3.29
N ALA B 450 14.15 -26.96 -4.13
CA ALA B 450 15.20 -26.73 -5.12
C ALA B 450 16.48 -26.25 -4.46
N VAL B 451 16.35 -25.40 -3.43
CA VAL B 451 17.53 -24.94 -2.70
C VAL B 451 18.22 -26.12 -2.03
N ARG B 452 17.44 -26.98 -1.38
CA ARG B 452 18.02 -28.15 -0.71
C ARG B 452 18.66 -29.11 -1.72
N ARG B 453 17.99 -29.34 -2.85
CA ARG B 453 18.56 -30.23 -3.86
C ARG B 453 19.86 -29.68 -4.43
N ALA B 454 19.89 -28.37 -4.70
CA ALA B 454 21.11 -27.77 -5.24
C ALA B 454 22.22 -27.72 -4.20
N ASN B 455 21.88 -27.54 -2.92
CA ASN B 455 22.90 -27.61 -1.88
C ASN B 455 23.49 -29.00 -1.78
N LYS B 456 22.64 -30.03 -1.89
CA LYS B 456 23.14 -31.40 -1.82
C LYS B 456 23.94 -31.79 -3.05
N ALA B 457 23.56 -31.28 -4.23
CA ALA B 457 24.18 -31.70 -5.48
C ALA B 457 25.42 -30.87 -5.83
N MET B 458 25.28 -29.55 -5.86
CA MET B 458 26.36 -28.67 -6.30
C MET B 458 27.46 -28.56 -5.25
N LYS B 459 27.09 -28.55 -3.97
CA LYS B 459 28.04 -28.38 -2.87
C LYS B 459 28.86 -27.10 -3.05
N SER B 460 28.20 -26.05 -3.52
CA SER B 460 28.89 -24.79 -3.81
C SER B 460 29.12 -24.01 -2.53
N ILE B 461 30.29 -23.39 -2.42
CA ILE B 461 30.65 -22.54 -1.30
C ILE B 461 31.14 -21.21 -1.84
N GLY B 462 31.11 -20.19 -0.97
CA GLY B 462 31.71 -18.93 -1.33
C GLY B 462 32.77 -18.51 -0.34
N LEU B 463 34.03 -18.51 -0.77
CA LEU B 463 35.14 -18.06 0.05
C LEU B 463 35.58 -16.70 -0.47
N GLY B 464 35.27 -15.65 0.30
CA GLY B 464 35.61 -14.29 -0.06
C GLY B 464 36.91 -13.83 0.60
N ALA B 465 37.20 -12.55 0.41
CA ALA B 465 38.35 -11.91 1.02
C ALA B 465 37.95 -10.51 1.45
N MET B 466 38.69 -9.99 2.42
CA MET B 466 38.45 -8.64 2.93
C MET B 466 39.78 -8.05 3.36
N ASN B 467 39.74 -6.78 3.77
CA ASN B 467 40.93 -6.05 4.22
C ASN B 467 41.97 -5.93 3.11
N LEU B 468 41.53 -5.83 1.86
CA LEU B 468 42.46 -5.59 0.78
C LEU B 468 43.03 -4.17 0.85
N HIS B 469 42.15 -3.18 1.00
CA HIS B 469 42.62 -1.80 1.10
C HIS B 469 43.39 -1.57 2.39
N GLY B 470 42.95 -2.18 3.49
CA GLY B 470 43.70 -2.06 4.73
C GLY B 470 45.09 -2.64 4.63
N TYR B 471 45.21 -3.82 4.02
CA TYR B 471 46.52 -4.44 3.84
C TYR B 471 47.40 -3.61 2.93
N LEU B 472 46.84 -3.06 1.85
CA LEU B 472 47.64 -2.27 0.92
C LEU B 472 48.08 -0.95 1.53
N ALA B 473 47.17 -0.25 2.20
CA ALA B 473 47.50 1.03 2.80
C ALA B 473 48.47 0.87 3.98
N GLN B 474 48.36 -0.22 4.72
CA GLN B 474 49.30 -0.48 5.79
C GLN B 474 50.65 -0.98 5.28
N ASN B 475 50.76 -1.27 3.98
CA ASN B 475 52.02 -1.66 3.36
C ASN B 475 52.53 -0.61 2.40
N GLY B 476 51.98 0.59 2.42
CA GLY B 476 52.43 1.67 1.55
C GLY B 476 52.17 1.45 0.08
N ILE B 477 51.01 0.91 -0.27
CA ILE B 477 50.63 0.67 -1.67
C ILE B 477 49.29 1.35 -1.92
N ALA B 478 49.25 2.21 -2.93
CA ALA B 478 48.00 2.86 -3.30
C ALA B 478 47.05 1.84 -3.95
N TYR B 479 45.76 2.00 -3.66
CA TYR B 479 44.77 1.03 -4.16
C TYR B 479 44.71 1.05 -5.68
N GLU B 480 44.83 2.23 -6.30
CA GLU B 480 44.79 2.33 -7.75
C GLU B 480 46.13 2.05 -8.40
N SER B 481 47.18 1.83 -7.63
CA SER B 481 48.50 1.63 -8.19
C SER B 481 48.58 0.30 -8.93
N PRO B 482 49.42 0.19 -9.96
CA PRO B 482 49.62 -1.11 -10.61
C PRO B 482 50.18 -2.16 -9.67
N GLU B 483 50.92 -1.75 -8.63
CA GLU B 483 51.43 -2.72 -7.65
C GLU B 483 50.29 -3.34 -6.84
N ALA B 484 49.25 -2.55 -6.55
CA ALA B 484 48.09 -3.11 -5.86
C ALA B 484 47.40 -4.18 -6.70
N ARG B 485 47.24 -3.92 -8.00
CA ARG B 485 46.66 -4.91 -8.89
C ARG B 485 47.58 -6.12 -9.03
N ASP B 486 48.89 -5.90 -9.01
CA ASP B 486 49.82 -7.03 -9.05
C ASP B 486 49.66 -7.91 -7.82
N PHE B 487 49.57 -7.30 -6.64
CA PHE B 487 49.34 -8.08 -5.43
C PHE B 487 48.01 -8.81 -5.48
N ALA B 488 46.95 -8.13 -5.93
CA ALA B 488 45.65 -8.79 -6.01
C ALA B 488 45.71 -9.97 -6.95
N ASN B 489 46.36 -9.81 -8.11
CA ASN B 489 46.53 -10.89 -9.07
C ASN B 489 47.20 -12.09 -8.40
N THR B 490 48.36 -11.87 -7.78
CA THR B 490 49.10 -12.99 -7.20
C THR B 490 48.33 -13.62 -6.04
N PHE B 491 47.79 -12.79 -5.14
CA PHE B 491 47.11 -13.30 -3.95
C PHE B 491 45.90 -14.13 -4.32
N PHE B 492 45.06 -13.62 -5.23
CA PHE B 492 43.87 -14.35 -5.59
C PHE B 492 44.14 -15.51 -6.52
N MET B 493 45.24 -15.48 -7.29
CA MET B 493 45.66 -16.70 -7.97
C MET B 493 46.01 -17.78 -6.97
N MET B 494 46.75 -17.42 -5.91
CA MET B 494 47.09 -18.40 -4.88
C MET B 494 45.84 -18.91 -4.16
N VAL B 495 44.90 -18.01 -3.86
CA VAL B 495 43.66 -18.42 -3.21
C VAL B 495 42.89 -19.39 -4.09
N ASN B 496 42.79 -19.09 -5.39
CA ASN B 496 42.11 -20.00 -6.31
C ASN B 496 42.82 -21.33 -6.39
N PHE B 497 44.16 -21.29 -6.46
CA PHE B 497 44.94 -22.53 -6.54
C PHE B 497 44.67 -23.43 -5.34
N TYR B 498 44.74 -22.85 -4.14
CA TYR B 498 44.59 -23.67 -2.95
C TYR B 498 43.14 -24.07 -2.69
N SER B 499 42.18 -23.25 -3.15
CA SER B 499 40.78 -23.68 -3.04
C SER B 499 40.47 -24.82 -4.00
N ILE B 500 41.00 -24.76 -5.22
CA ILE B 500 40.85 -25.87 -6.15
C ILE B 500 41.54 -27.12 -5.61
N GLN B 501 42.73 -26.96 -5.05
CA GLN B 501 43.45 -28.10 -4.49
C GLN B 501 42.69 -28.73 -3.33
N ARG B 502 42.15 -27.90 -2.43
CA ARG B 502 41.39 -28.43 -1.31
C ARG B 502 40.10 -29.10 -1.78
N SER B 503 39.45 -28.53 -2.80
CA SER B 503 38.23 -29.14 -3.32
C SER B 503 38.52 -30.50 -3.96
N ALA B 504 39.62 -30.60 -4.72
CA ALA B 504 40.00 -31.87 -5.29
C ALA B 504 40.41 -32.86 -4.22
N GLU B 505 41.07 -32.40 -3.16
CA GLU B 505 41.42 -33.27 -2.05
C GLU B 505 40.18 -33.80 -1.34
N ILE B 506 39.18 -32.95 -1.14
CA ILE B 506 37.92 -33.39 -0.53
C ILE B 506 37.22 -34.39 -1.44
N ALA B 507 37.25 -34.15 -2.75
CA ALA B 507 36.66 -35.10 -3.69
C ALA B 507 37.36 -36.45 -3.63
N LYS B 508 38.69 -36.43 -3.54
CA LYS B 508 39.45 -37.68 -3.41
C LYS B 508 39.14 -38.39 -2.10
N GLU B 509 39.03 -37.63 -1.01
CA GLU B 509 38.76 -38.24 0.30
C GLU B 509 37.37 -38.87 0.34
N LYS B 510 36.36 -38.15 -0.16
CA LYS B 510 34.99 -38.65 -0.16
C LYS B 510 34.66 -39.50 -1.38
N GLY B 511 35.55 -39.56 -2.37
CA GLY B 511 35.28 -40.31 -3.57
C GLY B 511 34.16 -39.79 -4.43
N GLU B 512 33.71 -38.56 -4.18
CA GLU B 512 32.58 -37.99 -4.92
C GLU B 512 32.89 -36.56 -5.31
N THR B 513 32.42 -36.17 -6.49
CA THR B 513 32.49 -34.81 -6.98
C THR B 513 31.10 -34.19 -6.89
N PHE B 514 30.98 -32.96 -7.39
CA PHE B 514 29.64 -32.38 -7.43
C PHE B 514 28.88 -32.93 -8.63
N ASP B 515 27.55 -32.80 -8.56
CA ASP B 515 26.72 -33.37 -9.61
C ASP B 515 26.99 -32.68 -10.94
N GLN B 516 27.08 -33.49 -12.01
CA GLN B 516 27.39 -33.02 -13.35
C GLN B 516 28.75 -32.33 -13.40
N TYR B 517 29.70 -32.83 -12.61
CA TYR B 517 31.07 -32.32 -12.69
C TYR B 517 31.73 -32.69 -14.00
N GLU B 518 31.41 -33.88 -14.53
CA GLU B 518 32.10 -34.40 -15.70
C GLU B 518 31.95 -33.51 -16.92
N GLY B 519 30.86 -32.73 -17.00
CA GLY B 519 30.70 -31.78 -18.08
C GLY B 519 31.35 -30.44 -17.87
N SER B 520 31.89 -30.20 -16.68
CA SER B 520 32.44 -28.89 -16.35
C SER B 520 33.79 -28.67 -17.04
N THR B 521 34.21 -27.41 -17.06
CA THR B 521 35.52 -27.07 -17.61
C THR B 521 36.66 -27.57 -16.74
N TYR B 522 36.39 -27.84 -15.45
CA TYR B 522 37.38 -28.50 -14.61
C TYR B 522 37.68 -29.91 -15.13
N ALA B 523 36.65 -30.64 -15.52
CA ALA B 523 36.84 -32.00 -16.00
C ALA B 523 37.60 -32.03 -17.33
N THR B 524 37.27 -31.10 -18.23
CA THR B 524 37.91 -31.05 -19.54
C THR B 524 39.25 -30.34 -19.52
N GLY B 525 39.60 -29.67 -18.42
CA GLY B 525 40.84 -28.95 -18.33
C GLY B 525 40.84 -27.58 -18.96
N GLU B 526 39.73 -27.16 -19.58
CA GLU B 526 39.65 -25.84 -20.18
C GLU B 526 39.73 -24.74 -19.14
N TYR B 527 39.36 -25.03 -17.88
CA TYR B 527 39.47 -24.04 -16.83
C TYR B 527 40.91 -23.62 -16.58
N PHE B 528 41.83 -24.58 -16.64
CA PHE B 528 43.22 -24.36 -16.25
C PHE B 528 44.08 -23.80 -17.38
N ASP B 529 43.48 -23.44 -18.52
CA ASP B 529 44.27 -23.03 -19.67
C ASP B 529 45.10 -21.79 -19.36
N LYS B 530 44.46 -20.74 -18.85
CA LYS B 530 45.18 -19.50 -18.54
C LYS B 530 46.14 -19.68 -17.38
N TYR B 531 45.97 -20.71 -16.56
CA TYR B 531 46.87 -20.96 -15.45
C TYR B 531 48.06 -21.81 -15.84
N VAL B 532 47.89 -22.74 -16.78
CA VAL B 532 49.02 -23.51 -17.31
C VAL B 532 49.72 -22.79 -18.44
N SER B 533 49.19 -21.67 -18.91
CA SER B 533 49.82 -20.89 -19.97
C SER B 533 50.43 -19.59 -19.50
N THR B 534 49.84 -18.94 -18.50
CA THR B 534 50.29 -17.64 -18.02
C THR B 534 50.83 -17.77 -16.61
N ASP B 535 51.89 -17.02 -16.32
CA ASP B 535 52.49 -16.96 -15.00
C ASP B 535 51.89 -15.80 -14.23
N PHE B 536 51.44 -16.05 -13.00
CA PHE B 536 50.78 -15.03 -12.18
C PHE B 536 51.62 -14.62 -10.98
N SER B 537 52.93 -14.81 -11.05
CA SER B 537 53.83 -14.30 -10.03
C SER B 537 53.87 -12.78 -10.10
N PRO B 538 54.19 -12.11 -9.00
CA PRO B 538 54.24 -10.65 -9.01
C PRO B 538 55.27 -10.12 -9.99
N LYS B 539 54.93 -9.02 -10.65
CA LYS B 539 55.83 -8.36 -11.60
C LYS B 539 56.61 -7.23 -10.96
N TYR B 540 56.40 -6.96 -9.67
CA TYR B 540 57.07 -5.87 -8.97
C TYR B 540 57.87 -6.45 -7.81
N GLU B 541 59.07 -5.91 -7.60
CA GLU B 541 59.93 -6.41 -6.53
C GLU B 541 59.30 -6.18 -5.16
N LYS B 542 58.63 -5.04 -4.98
CA LYS B 542 57.97 -4.77 -3.71
C LYS B 542 56.86 -5.78 -3.43
N ILE B 543 56.06 -6.11 -4.45
CA ILE B 543 55.00 -7.09 -4.28
C ILE B 543 55.58 -8.48 -4.07
N ALA B 544 56.63 -8.83 -4.83
CA ALA B 544 57.27 -10.13 -4.66
C ALA B 544 57.87 -10.28 -3.27
N ASN B 545 58.27 -9.17 -2.64
CA ASN B 545 58.77 -9.23 -1.28
C ASN B 545 57.65 -9.47 -0.27
N LEU B 546 56.43 -9.07 -0.62
CA LEU B 546 55.29 -9.30 0.28
C LEU B 546 55.01 -10.79 0.44
N PHE B 547 55.32 -11.59 -0.58
CA PHE B 547 55.07 -13.02 -0.56
C PHE B 547 56.30 -13.82 -0.15
N GLU B 548 57.28 -13.17 0.49
CA GLU B 548 58.47 -13.87 0.93
C GLU B 548 58.13 -14.92 1.97
N GLY B 549 58.79 -16.08 1.88
CA GLY B 549 58.48 -17.18 2.75
C GLY B 549 57.22 -17.93 2.39
N MET B 550 56.68 -17.71 1.20
CA MET B 550 55.43 -18.31 0.75
C MET B 550 55.58 -18.74 -0.69
N HIS B 551 55.31 -20.02 -0.97
CA HIS B 551 55.47 -20.55 -2.32
C HIS B 551 54.30 -20.08 -3.19
N ILE B 552 54.61 -19.29 -4.21
CA ILE B 552 53.62 -18.83 -5.17
C ILE B 552 53.48 -19.91 -6.24
N PRO B 553 52.27 -20.43 -6.48
CA PRO B 553 52.12 -21.49 -7.47
C PRO B 553 52.59 -21.04 -8.85
N THR B 554 53.29 -21.94 -9.53
CA THR B 554 53.84 -21.66 -10.85
C THR B 554 52.99 -22.35 -11.91
N THR B 555 53.46 -22.27 -13.15
CA THR B 555 52.79 -22.96 -14.25
C THR B 555 52.85 -24.47 -14.06
N GLU B 556 53.99 -24.99 -13.61
CA GLU B 556 54.11 -26.42 -13.35
C GLU B 556 53.20 -26.85 -12.20
N ASP B 557 53.10 -26.03 -11.16
CA ASP B 557 52.17 -26.32 -10.07
C ASP B 557 50.74 -26.36 -10.56
N TRP B 558 50.38 -25.44 -11.46
CA TRP B 558 49.04 -25.44 -12.02
C TRP B 558 48.80 -26.63 -12.92
N LYS B 559 49.81 -27.09 -13.66
CA LYS B 559 49.67 -28.31 -14.44
C LYS B 559 49.46 -29.52 -13.54
N LYS B 560 50.20 -29.58 -12.42
CA LYS B 560 50.01 -30.66 -11.46
C LYS B 560 48.61 -30.62 -10.86
N LEU B 561 48.12 -29.42 -10.56
CA LEU B 561 46.76 -29.29 -10.05
C LEU B 561 45.73 -29.71 -11.09
N LYS B 562 45.97 -29.37 -12.36
CA LYS B 562 45.07 -29.79 -13.44
C LYS B 562 45.03 -31.30 -13.55
N ALA B 563 46.19 -31.95 -13.48
CA ALA B 563 46.22 -33.41 -13.51
C ALA B 563 45.51 -34.01 -12.30
N PHE B 564 45.72 -33.40 -11.12
CA PHE B 564 45.06 -33.90 -9.91
C PHE B 564 43.54 -33.77 -10.01
N VAL B 565 43.06 -32.65 -10.56
CA VAL B 565 41.62 -32.46 -10.70
C VAL B 565 41.05 -33.41 -11.74
N ALA B 566 41.78 -33.64 -12.82
CA ALA B 566 41.33 -34.60 -13.82
C ALA B 566 41.24 -36.01 -13.23
N GLU B 567 42.21 -36.37 -12.39
CA GLU B 567 42.23 -37.70 -11.81
C GLU B 567 41.14 -37.88 -10.76
N HIS B 568 40.99 -36.91 -9.86
CA HIS B 568 40.16 -37.07 -8.67
C HIS B 568 38.88 -36.26 -8.69
N GLY B 569 38.73 -35.33 -9.62
CA GLY B 569 37.52 -34.54 -9.66
C GLY B 569 37.58 -33.34 -8.75
N MET B 570 36.44 -32.67 -8.65
CA MET B 570 36.32 -31.43 -7.91
C MET B 570 35.06 -31.50 -7.07
N TYR B 571 35.18 -31.21 -5.77
CA TYR B 571 34.05 -31.41 -4.87
C TYR B 571 33.04 -30.27 -4.93
N HIS B 572 33.49 -29.04 -5.16
CA HIS B 572 32.63 -27.87 -5.16
C HIS B 572 32.49 -27.34 -6.58
N SER B 573 31.23 -27.17 -7.02
CA SER B 573 31.00 -26.52 -8.30
C SER B 573 31.48 -25.08 -8.28
N TYR B 574 31.28 -24.40 -7.15
CA TYR B 574 31.70 -23.02 -6.96
C TYR B 574 32.38 -22.90 -5.61
N ARG B 575 33.44 -22.10 -5.56
CA ARG B 575 34.26 -22.00 -4.37
C ARG B 575 34.43 -20.59 -3.84
N LEU B 576 34.61 -19.62 -4.72
CA LEU B 576 35.02 -18.28 -4.33
C LEU B 576 33.98 -17.26 -4.76
N CYS B 577 33.54 -16.44 -3.82
CA CYS B 577 32.71 -15.28 -4.12
C CYS B 577 33.00 -14.23 -3.05
N ILE B 578 33.22 -13.00 -3.47
CA ILE B 578 33.62 -11.92 -2.58
C ILE B 578 32.36 -11.14 -2.21
N ALA B 579 31.78 -11.47 -1.06
CA ALA B 579 30.62 -10.80 -0.53
C ALA B 579 31.00 -9.45 0.09
N PRO B 580 30.02 -8.56 0.30
CA PRO B 580 30.36 -7.25 0.89
C PRO B 580 30.98 -7.33 2.27
N THR B 581 30.64 -8.32 3.09
CA THR B 581 31.17 -8.47 4.45
C THR B 581 30.94 -7.19 5.28
N GLY B 582 29.67 -6.91 5.49
CA GLY B 582 29.28 -5.64 6.10
C GLY B 582 29.70 -5.45 7.54
N SER B 583 29.16 -6.24 8.46
CA SER B 583 29.35 -6.00 9.88
C SER B 583 30.51 -6.79 10.47
N ILE B 584 30.88 -7.93 9.88
CA ILE B 584 32.01 -8.70 10.37
C ILE B 584 33.34 -8.02 10.12
N SER B 585 33.37 -6.99 9.28
CA SER B 585 34.62 -6.28 9.03
C SER B 585 35.06 -5.48 10.25
N TYR B 586 34.11 -4.91 11.01
CA TYR B 586 34.47 -4.21 12.23
C TYR B 586 35.09 -5.15 13.26
N VAL B 587 34.48 -6.32 13.44
CA VAL B 587 34.99 -7.29 14.42
C VAL B 587 36.40 -7.74 14.06
N GLN B 588 36.67 -7.90 12.77
CA GLN B 588 37.98 -8.34 12.31
C GLN B 588 38.97 -7.19 12.17
N SER B 589 38.55 -5.96 12.46
CA SER B 589 39.38 -4.77 12.25
C SER B 589 39.93 -4.75 10.82
N SER B 590 39.00 -4.76 9.88
CA SER B 590 39.33 -4.92 8.47
C SER B 590 38.47 -3.99 7.64
N THR B 591 38.99 -3.61 6.48
CA THR B 591 38.20 -2.86 5.50
C THR B 591 37.25 -3.82 4.79
N ALA B 592 36.06 -3.32 4.45
CA ALA B 592 35.00 -4.19 3.95
C ALA B 592 35.35 -4.72 2.57
N SER B 593 35.42 -6.05 2.47
CA SER B 593 35.57 -6.77 1.19
C SER B 593 36.85 -6.31 0.50
N VAL B 594 36.87 -6.36 -0.83
CA VAL B 594 37.98 -5.85 -1.61
C VAL B 594 37.75 -4.42 -2.05
N MET B 595 36.66 -3.81 -1.60
CA MET B 595 36.36 -2.43 -1.96
C MET B 595 37.30 -1.47 -1.23
N PRO B 596 37.58 -0.31 -1.82
CA PRO B 596 38.30 0.73 -1.08
C PRO B 596 37.40 1.38 -0.04
N ILE B 597 38.04 2.04 0.93
CA ILE B 597 37.31 2.61 2.05
C ILE B 597 36.51 3.82 1.59
N MET B 598 35.28 3.93 2.10
CA MET B 598 34.45 5.10 1.79
C MET B 598 34.95 6.34 2.52
N GLU B 599 35.27 6.20 3.80
CA GLU B 599 35.75 7.30 4.62
C GLU B 599 37.00 6.85 5.38
N ARG B 600 37.90 7.81 5.63
CA ARG B 600 39.08 7.50 6.42
C ARG B 600 38.72 7.25 7.88
N ILE B 601 37.87 8.09 8.45
CA ILE B 601 37.37 7.92 9.80
C ILE B 601 35.86 7.87 9.73
N GLU B 602 35.27 6.83 10.31
CA GLU B 602 33.85 6.55 10.18
C GLU B 602 33.10 7.18 11.36
N GLU B 603 32.19 8.10 11.05
CA GLU B 603 31.38 8.77 12.05
C GLU B 603 29.99 8.13 12.08
N ARG B 604 29.65 7.52 13.19
CA ARG B 604 28.36 6.85 13.35
C ARG B 604 27.77 7.18 14.72
N THR B 605 26.44 7.12 14.80
CA THR B 605 25.71 7.39 16.02
C THR B 605 25.01 6.11 16.47
N TYR B 606 25.30 5.68 17.69
CA TYR B 606 24.65 4.52 18.29
C TYR B 606 23.92 4.98 19.54
N GLY B 607 22.62 4.72 19.61
CA GLY B 607 21.82 5.30 20.66
C GLY B 607 21.80 6.81 20.54
N ASN B 608 22.06 7.49 21.64
CA ASN B 608 22.15 8.95 21.67
C ASN B 608 23.58 9.44 21.63
N SER B 609 24.56 8.54 21.55
CA SER B 609 25.97 8.90 21.55
C SER B 609 26.60 8.61 20.19
N LYS B 610 27.39 9.56 19.71
CA LYS B 610 28.06 9.42 18.42
C LYS B 610 29.44 8.78 18.61
N THR B 611 29.81 7.91 17.67
CA THR B 611 31.04 7.14 17.74
C THR B 611 31.89 7.42 16.52
N TYR B 612 33.21 7.26 16.68
CA TYR B 612 34.18 7.51 15.63
C TYR B 612 34.99 6.23 15.41
N TYR B 613 35.10 5.82 14.14
CA TYR B 613 35.83 4.60 13.78
C TYR B 613 36.86 4.92 12.70
N PRO B 614 38.11 5.15 13.07
CA PRO B 614 39.16 5.24 12.06
C PRO B 614 39.35 3.90 11.37
N MET B 615 39.74 3.96 10.10
CA MET B 615 39.97 2.73 9.36
C MET B 615 41.13 1.96 9.98
N PRO B 616 41.07 0.62 9.98
CA PRO B 616 42.06 -0.17 10.70
C PRO B 616 43.47 0.08 10.18
N GLY B 617 44.36 0.44 11.09
CA GLY B 617 45.73 0.77 10.74
C GLY B 617 45.95 2.20 10.28
N LEU B 618 44.93 3.05 10.33
CA LEU B 618 45.09 4.44 9.94
C LEU B 618 46.01 5.16 10.92
N ALA B 619 46.92 5.95 10.37
CA ALA B 619 47.87 6.71 11.16
C ALA B 619 48.31 7.92 10.34
N SER B 620 49.36 8.60 10.80
CA SER B 620 49.88 9.74 10.05
C SER B 620 50.72 9.28 8.86
N ASN B 621 51.45 8.19 9.00
CA ASN B 621 52.34 7.75 7.93
C ASN B 621 51.56 7.18 6.74
N ASN B 622 50.45 6.49 7.01
CA ASN B 622 49.66 5.86 5.96
C ASN B 622 48.33 6.58 5.73
N TRP B 623 48.24 7.86 6.11
CA TRP B 623 46.99 8.59 5.97
C TRP B 623 46.56 8.71 4.52
N PHE B 624 47.50 9.02 3.63
CA PHE B 624 47.16 9.26 2.23
C PHE B 624 47.14 7.99 1.40
N PHE B 625 47.61 6.86 1.94
CA PHE B 625 47.36 5.57 1.30
C PHE B 625 45.95 5.08 1.56
N TYR B 626 45.29 5.61 2.59
CA TYR B 626 43.88 5.30 2.85
C TYR B 626 42.98 6.26 2.07
N LYS B 627 43.22 6.37 0.77
CA LYS B 627 42.44 7.26 -0.07
C LYS B 627 40.98 6.83 -0.08
N GLU B 628 40.08 7.79 0.09
CA GLU B 628 38.66 7.49 0.10
C GLU B 628 38.20 7.04 -1.27
N ALA B 629 37.19 6.17 -1.29
CA ALA B 629 36.73 5.57 -2.53
C ALA B 629 36.19 6.63 -3.49
N TYR B 630 35.49 7.63 -2.96
CA TYR B 630 34.92 8.67 -3.82
C TYR B 630 36.01 9.51 -4.48
N ASP B 631 37.13 9.72 -3.80
CA ASP B 631 38.24 10.45 -4.40
C ASP B 631 38.98 9.64 -5.46
N MET B 632 38.67 8.35 -5.58
CA MET B 632 39.41 7.47 -6.47
C MET B 632 38.85 7.54 -7.89
N ASP B 633 39.68 7.08 -8.83
CA ASP B 633 39.24 6.90 -10.22
C ASP B 633 38.52 5.57 -10.34
N MET B 634 37.24 5.61 -10.67
CA MET B 634 36.46 4.37 -10.77
C MET B 634 36.97 3.45 -11.86
N PHE B 635 37.67 3.99 -12.86
CA PHE B 635 38.27 3.13 -13.87
C PHE B 635 39.36 2.25 -13.25
N LYS B 636 40.16 2.82 -12.35
CA LYS B 636 41.20 2.03 -11.70
C LYS B 636 40.61 1.03 -10.71
N VAL B 637 39.51 1.38 -10.06
CA VAL B 637 38.82 0.41 -9.21
C VAL B 637 38.26 -0.72 -10.05
N VAL B 638 37.73 -0.41 -11.23
CA VAL B 638 37.28 -1.44 -12.16
C VAL B 638 38.45 -2.33 -12.56
N ASP B 639 39.61 -1.72 -12.82
CA ASP B 639 40.80 -2.50 -13.17
C ASP B 639 41.18 -3.46 -12.04
N MET B 640 41.15 -2.98 -10.80
CA MET B 640 41.46 -3.82 -9.66
C MET B 640 40.47 -4.98 -9.54
N ILE B 641 39.17 -4.69 -9.64
CA ILE B 641 38.17 -5.73 -9.46
C ILE B 641 38.25 -6.74 -10.61
N ALA B 642 38.55 -6.29 -11.82
CA ALA B 642 38.72 -7.21 -12.93
C ALA B 642 39.98 -8.05 -12.77
N THR B 643 41.02 -7.49 -12.17
CA THR B 643 42.20 -8.28 -11.83
C THR B 643 41.84 -9.38 -10.83
N ILE B 644 41.04 -9.04 -9.82
CA ILE B 644 40.60 -10.04 -8.86
C ILE B 644 39.60 -11.00 -9.50
N GLN B 645 38.70 -10.48 -10.34
CA GLN B 645 37.61 -11.29 -10.87
C GLN B 645 38.12 -12.45 -11.73
N GLN B 646 39.30 -12.31 -12.31
CA GLN B 646 39.83 -13.38 -13.16
C GLN B 646 40.26 -14.61 -12.36
N HIS B 647 40.30 -14.52 -11.03
CA HIS B 647 40.62 -15.66 -10.19
C HIS B 647 39.45 -16.09 -9.31
N ILE B 648 38.30 -15.43 -9.42
CA ILE B 648 37.12 -15.74 -8.63
C ILE B 648 36.10 -16.38 -9.56
N ASP B 649 35.65 -17.59 -9.22
CA ASP B 649 34.75 -18.31 -10.12
C ASP B 649 33.35 -17.71 -10.11
N GLN B 650 32.90 -17.22 -8.96
CA GLN B 650 31.66 -16.46 -8.86
C GLN B 650 31.99 -14.99 -9.02
N GLY B 651 31.04 -14.11 -8.68
CA GLY B 651 31.25 -12.69 -8.84
C GLY B 651 31.80 -12.02 -7.60
N ILE B 652 31.92 -10.69 -7.70
CA ILE B 652 32.41 -9.84 -6.62
C ILE B 652 31.41 -8.70 -6.44
N SER B 653 31.07 -8.41 -5.19
CA SER B 653 30.18 -7.28 -4.90
C SER B 653 30.92 -5.99 -5.19
N PHE B 654 30.63 -5.39 -6.34
CA PHE B 654 31.34 -4.23 -6.85
C PHE B 654 30.45 -3.00 -6.70
N THR B 655 30.76 -2.17 -5.71
CA THR B 655 30.04 -0.93 -5.48
C THR B 655 30.72 0.21 -6.21
N LEU B 656 29.94 1.00 -6.95
CA LEU B 656 30.44 2.19 -7.59
C LEU B 656 30.35 3.36 -6.63
N PHE B 657 31.46 4.05 -6.44
CA PHE B 657 31.53 5.21 -5.55
C PHE B 657 31.67 6.45 -6.43
N LEU B 658 30.61 7.26 -6.45
CA LEU B 658 30.51 8.38 -7.37
C LEU B 658 30.45 9.69 -6.61
N LYS B 659 30.96 10.74 -7.23
CA LYS B 659 30.83 12.09 -6.72
C LYS B 659 29.49 12.68 -7.16
N ASP B 660 29.08 13.76 -6.49
CA ASP B 660 27.85 14.44 -6.87
C ASP B 660 27.99 15.11 -8.22
N THR B 661 29.20 15.48 -8.61
CA THR B 661 29.43 16.15 -9.89
C THR B 661 29.37 15.18 -11.07
N MET B 662 29.45 13.88 -10.82
CA MET B 662 29.43 12.91 -11.91
C MET B 662 28.05 12.88 -12.57
N THR B 663 28.05 12.83 -13.89
CA THR B 663 26.81 12.87 -14.67
C THR B 663 26.31 11.45 -14.94
N THR B 664 25.19 11.37 -15.66
CA THR B 664 24.71 10.08 -16.15
C THR B 664 25.70 9.46 -17.12
N ARG B 665 26.32 10.29 -17.97
CA ARG B 665 27.30 9.79 -18.93
C ARG B 665 28.50 9.17 -18.22
N ASP B 666 28.92 9.75 -17.10
CA ASP B 666 30.06 9.19 -16.37
C ASP B 666 29.73 7.83 -15.78
N LEU B 667 28.54 7.68 -15.21
CA LEU B 667 28.13 6.38 -14.68
C LEU B 667 28.03 5.36 -15.80
N ASN B 668 27.48 5.76 -16.95
CA ASN B 668 27.40 4.85 -18.09
C ASN B 668 28.79 4.46 -18.58
N ARG B 669 29.72 5.41 -18.59
CA ARG B 669 31.10 5.10 -18.98
C ARG B 669 31.73 4.11 -18.03
N ILE B 670 31.50 4.28 -16.73
CA ILE B 670 32.03 3.33 -15.75
C ILE B 670 31.43 1.94 -15.99
N ASP B 671 30.12 1.87 -16.23
CA ASP B 671 29.48 0.58 -16.48
C ASP B 671 30.03 -0.08 -17.75
N LEU B 672 30.22 0.71 -18.81
CA LEU B 672 30.70 0.15 -20.07
C LEU B 672 32.17 -0.26 -19.97
N TYR B 673 32.98 0.45 -19.19
CA TYR B 673 34.36 0.04 -18.98
C TYR B 673 34.42 -1.21 -18.11
N ALA B 674 33.52 -1.33 -17.14
CA ALA B 674 33.43 -2.57 -16.36
C ALA B 674 33.05 -3.74 -17.26
N HIS B 675 32.08 -3.53 -18.16
CA HIS B 675 31.74 -4.58 -19.11
C HIS B 675 32.91 -4.92 -20.02
N HIS B 676 33.66 -3.90 -20.46
CA HIS B 676 34.81 -4.13 -21.33
C HIS B 676 35.91 -4.90 -20.61
N ARG B 677 36.11 -4.64 -19.33
CA ARG B 677 37.20 -5.23 -18.57
C ARG B 677 36.86 -6.60 -18.00
N GLY B 678 35.66 -7.12 -18.27
CA GLY B 678 35.28 -8.42 -17.78
C GLY B 678 34.59 -8.44 -16.45
N ILE B 679 34.12 -7.29 -15.96
CA ILE B 679 33.37 -7.26 -14.71
C ILE B 679 32.07 -8.02 -14.88
N LYS B 680 31.76 -8.90 -13.93
CA LYS B 680 30.57 -9.74 -14.02
C LYS B 680 29.33 -9.03 -13.49
N THR B 681 29.43 -8.39 -12.34
CA THR B 681 28.29 -7.73 -11.73
C THR B 681 28.72 -6.38 -11.18
N ILE B 682 27.77 -5.45 -11.11
CA ILE B 682 27.96 -4.16 -10.46
C ILE B 682 26.91 -4.04 -9.37
N TYR B 683 27.36 -3.80 -8.14
CA TYR B 683 26.45 -3.86 -6.99
C TYR B 683 25.67 -2.56 -6.80
N TYR B 684 26.37 -1.47 -6.48
CA TYR B 684 25.70 -0.27 -6.02
C TYR B 684 26.36 0.95 -6.63
N ALA B 685 25.55 1.99 -6.82
CA ALA B 685 26.04 3.30 -7.21
C ALA B 685 25.88 4.20 -5.99
N ARG B 686 26.96 4.36 -5.24
CA ARG B 686 26.96 5.20 -4.04
C ARG B 686 27.51 6.57 -4.40
N THR B 687 26.70 7.60 -4.18
CA THR B 687 27.06 8.98 -4.52
C THR B 687 27.36 9.76 -3.24
N LYS B 688 28.39 10.58 -3.30
CA LYS B 688 28.77 11.42 -2.17
C LYS B 688 28.09 12.77 -2.23
N ASP C 37 -23.27 45.91 9.77
CA ASP C 37 -24.42 45.41 9.02
C ASP C 37 -24.07 44.61 7.77
N PHE C 38 -22.79 44.55 7.42
CA PHE C 38 -22.39 44.01 6.11
C PHE C 38 -21.23 43.00 6.09
N THR C 39 -20.36 43.04 7.11
CA THR C 39 -19.15 42.20 7.09
C THR C 39 -19.45 40.70 6.91
N GLN C 40 -20.43 40.20 7.68
CA GLN C 40 -20.79 38.78 7.61
C GLN C 40 -21.20 38.33 6.22
N MET C 41 -21.99 39.14 5.53
CA MET C 41 -22.40 38.81 4.17
C MET C 41 -21.23 38.91 3.18
N PHE C 42 -20.30 39.83 3.41
CA PHE C 42 -19.06 39.89 2.61
C PHE C 42 -18.14 38.70 2.90
N TYR C 43 -18.06 38.32 4.17
CA TYR C 43 -17.30 37.13 4.55
C TYR C 43 -17.82 35.91 3.78
N ASN C 44 -19.14 35.70 3.82
CA ASN C 44 -19.77 34.57 3.16
C ASN C 44 -19.58 34.61 1.64
N GLN C 45 -19.73 35.79 1.05
CA GLN C 45 -19.55 35.96 -0.38
C GLN C 45 -18.10 35.70 -0.80
N ASN C 46 -17.14 36.25 -0.05
CA ASN C 46 -15.73 36.03 -0.37
C ASN C 46 -15.32 34.56 -0.31
N VAL C 47 -15.70 33.87 0.75
CA VAL C 47 -15.33 32.47 0.90
C VAL C 47 -16.04 31.54 -0.10
N LYS C 48 -17.26 31.90 -0.50
CA LYS C 48 -17.99 31.11 -1.49
C LYS C 48 -17.48 31.36 -2.92
N GLN C 49 -16.72 32.43 -3.10
CA GLN C 49 -16.14 32.73 -4.39
C GLN C 49 -14.75 32.12 -4.54
N PHE C 50 -14.26 31.42 -3.51
CA PHE C 50 -12.91 30.86 -3.54
C PHE C 50 -12.64 29.99 -4.77
N TRP C 51 -11.47 30.21 -5.40
CA TRP C 51 -11.08 29.48 -6.59
C TRP C 51 -9.56 29.40 -6.73
N LEU C 52 -9.09 28.50 -7.60
CA LEU C 52 -7.67 28.39 -7.97
C LEU C 52 -7.54 28.32 -9.49
N PRO C 53 -6.50 28.95 -10.06
CA PRO C 53 -6.33 28.96 -11.53
C PRO C 53 -6.25 27.57 -12.13
N GLU C 54 -5.72 26.61 -11.38
CA GLU C 54 -5.60 25.21 -11.83
C GLU C 54 -6.93 24.54 -12.14
N GLU C 55 -8.03 25.12 -11.66
CA GLU C 55 -9.38 24.63 -11.97
C GLU C 55 -9.73 24.83 -13.45
N ILE C 56 -9.04 25.77 -14.10
CA ILE C 56 -9.26 26.13 -15.50
C ILE C 56 -8.09 25.61 -16.34
N ALA C 57 -8.37 24.70 -17.27
CA ALA C 57 -7.33 24.20 -18.19
C ALA C 57 -7.09 25.23 -19.29
N LEU C 58 -5.83 25.55 -19.56
CA LEU C 58 -5.49 26.68 -20.41
C LEU C 58 -5.02 26.32 -21.82
N ASN C 59 -4.76 25.04 -22.04
CA ASN C 59 -4.25 24.57 -23.34
C ASN C 59 -5.21 24.84 -24.51
N GLY C 60 -6.49 25.05 -24.20
CA GLY C 60 -7.49 25.44 -25.21
C GLY C 60 -7.29 26.80 -25.85
N ASP C 61 -6.61 27.72 -25.15
CA ASP C 61 -6.25 29.03 -25.73
C ASP C 61 -5.04 29.01 -26.67
N LEU C 62 -4.33 27.88 -26.74
CA LEU C 62 -3.06 27.80 -27.48
C LEU C 62 -3.16 28.27 -28.94
N LEU C 63 -4.24 27.87 -29.61
CA LEU C 63 -4.41 28.23 -31.01
C LEU C 63 -4.86 29.67 -31.26
N THR C 64 -5.85 30.17 -30.52
CA THR C 64 -6.25 31.57 -30.70
C THR C 64 -5.12 32.54 -30.31
N TRP C 65 -4.21 32.10 -29.43
CA TRP C 65 -3.03 32.89 -29.07
C TRP C 65 -2.01 32.92 -30.21
N LYS C 66 -1.69 31.74 -30.72
CA LYS C 66 -0.80 31.58 -31.87
C LYS C 66 -1.20 32.47 -33.05
N TYR C 67 -2.51 32.71 -33.19
CA TYR C 67 -3.10 33.41 -34.33
C TYR C 67 -3.10 34.94 -34.23
N LEU C 68 -2.82 35.47 -33.04
CA LEU C 68 -2.77 36.91 -32.84
C LEU C 68 -1.50 37.48 -33.45
N GLY C 69 -1.57 38.73 -33.90
CA GLY C 69 -0.38 39.45 -34.37
C GLY C 69 0.64 39.67 -33.26
N LYS C 70 1.88 39.95 -33.64
CA LYS C 70 2.93 40.21 -32.66
C LYS C 70 2.60 41.41 -31.75
N ASN C 71 2.01 42.45 -32.35
CA ASN C 71 1.55 43.63 -31.60
C ASN C 71 0.50 43.26 -30.55
N GLU C 72 -0.43 42.40 -30.93
CA GLU C 72 -1.51 41.98 -30.03
C GLU C 72 -0.98 41.16 -28.86
N GLN C 73 -0.07 40.22 -29.15
CA GLN C 73 0.55 39.39 -28.12
C GLN C 73 1.38 40.24 -27.16
N ASP C 74 2.11 41.22 -27.70
CA ASP C 74 2.94 42.11 -26.89
C ASP C 74 2.08 42.90 -25.90
N THR C 75 1.01 43.52 -26.40
CA THR C 75 0.10 44.30 -25.57
C THR C 75 -0.54 43.41 -24.51
N TYR C 76 -0.99 42.22 -24.93
CA TYR C 76 -1.60 41.28 -23.99
C TYR C 76 -0.66 40.89 -22.83
N MET C 77 0.59 40.53 -23.14
CA MET C 77 1.57 40.14 -22.13
C MET C 77 1.81 41.28 -21.15
N LYS C 78 1.93 42.49 -21.69
CA LYS C 78 2.31 43.66 -20.91
C LYS C 78 1.16 44.06 -19.98
N VAL C 79 -0.06 44.03 -20.53
CA VAL C 79 -1.29 44.28 -19.81
C VAL C 79 -1.41 43.35 -18.57
N LEU C 80 -1.21 42.05 -18.76
CA LEU C 80 -1.29 41.10 -17.66
C LEU C 80 -0.15 41.28 -16.67
N ALA C 81 1.03 41.68 -17.16
CA ALA C 81 2.18 41.97 -16.29
C ALA C 81 1.91 43.17 -15.37
N GLY C 82 1.27 44.21 -15.92
CA GLY C 82 0.85 45.37 -15.15
C GLY C 82 -0.16 45.00 -14.07
N LEU C 83 -1.06 44.09 -14.41
CA LEU C 83 -2.02 43.55 -13.45
C LEU C 83 -1.32 42.75 -12.37
N THR C 84 -0.34 41.92 -12.77
CA THR C 84 0.42 41.11 -11.82
C THR C 84 1.10 41.99 -10.78
N LEU C 85 1.67 43.11 -11.22
CA LEU C 85 2.35 44.03 -10.33
C LEU C 85 1.38 44.61 -9.29
N LEU C 86 0.25 45.11 -9.77
CA LEU C 86 -0.80 45.65 -8.89
C LEU C 86 -1.26 44.64 -7.83
N ASP C 87 -1.56 43.41 -8.24
CA ASP C 87 -1.96 42.34 -7.30
C ASP C 87 -0.85 41.91 -6.34
N THR C 88 0.39 41.92 -6.82
CA THR C 88 1.55 41.65 -5.97
C THR C 88 1.58 42.62 -4.78
N GLU C 89 1.40 43.92 -5.06
CA GLU C 89 1.47 44.92 -4.01
C GLU C 89 0.18 44.98 -3.17
N GLN C 90 -0.96 44.70 -3.79
CA GLN C 90 -2.23 44.63 -3.07
C GLN C 90 -2.22 43.47 -2.06
N GLY C 91 -1.60 42.35 -2.46
CA GLY C 91 -1.50 41.17 -1.60
C GLY C 91 -0.40 41.27 -0.56
N ASN C 92 0.78 41.73 -0.97
CA ASN C 92 1.94 41.85 -0.06
C ASN C 92 1.78 42.96 0.97
N THR C 93 1.12 44.05 0.56
CA THR C 93 1.21 45.31 1.31
C THR C 93 -0.15 45.89 1.65
N GLY C 94 -0.94 46.17 0.61
CA GLY C 94 -2.21 46.92 0.74
C GLY C 94 -3.22 46.28 1.65
N MET C 95 -3.65 45.07 1.30
CA MET C 95 -4.65 44.38 2.12
C MET C 95 -4.19 44.02 3.54
N PRO C 96 -2.95 43.47 3.72
CA PRO C 96 -2.45 43.20 5.08
C PRO C 96 -2.34 44.44 5.97
N ILE C 97 -1.85 45.55 5.42
CA ILE C 97 -1.72 46.79 6.20
C ILE C 97 -3.08 47.39 6.62
N VAL C 98 -4.05 47.38 5.70
CA VAL C 98 -5.41 47.80 6.03
C VAL C 98 -6.01 46.85 7.10
N ALA C 99 -5.79 45.54 6.93
CA ALA C 99 -6.25 44.56 7.93
C ALA C 99 -5.69 44.88 9.32
N GLU C 100 -4.42 45.28 9.38
CA GLU C 100 -3.75 45.59 10.64
C GLU C 100 -4.44 46.75 11.39
N HIS C 101 -4.92 47.74 10.65
CA HIS C 101 -5.43 48.96 11.24
C HIS C 101 -6.95 48.99 11.47
N VAL C 102 -7.67 48.09 10.81
CA VAL C 102 -9.12 48.00 10.95
C VAL C 102 -9.46 47.13 12.17
N ASP C 103 -10.37 47.63 13.01
CA ASP C 103 -10.77 46.94 14.24
C ASP C 103 -11.89 45.94 14.02
N GLY C 104 -11.80 44.80 14.71
CA GLY C 104 -12.84 43.77 14.68
C GLY C 104 -12.38 42.50 13.97
N HIS C 105 -12.46 41.37 14.68
CA HIS C 105 -11.96 40.09 14.18
C HIS C 105 -12.60 39.64 12.87
N GLN C 106 -13.88 39.93 12.70
CA GLN C 106 -14.57 39.56 11.47
C GLN C 106 -14.15 40.45 10.28
N ARG C 107 -14.01 41.74 10.52
CA ARG C 107 -13.52 42.67 9.49
C ARG C 107 -12.11 42.26 9.08
N LYS C 108 -11.28 41.91 10.07
CA LYS C 108 -9.91 41.45 9.79
C LYS C 108 -9.88 40.15 9.01
N ALA C 109 -10.82 39.24 9.31
CA ALA C 109 -10.91 37.97 8.58
C ALA C 109 -11.23 38.15 7.10
N VAL C 110 -12.14 39.09 6.80
CA VAL C 110 -12.49 39.42 5.42
C VAL C 110 -11.28 40.01 4.70
N LEU C 111 -10.65 41.00 5.33
CA LEU C 111 -9.48 41.65 4.73
C LEU C 111 -8.29 40.70 4.54
N ASN C 112 -8.07 39.81 5.50
CA ASN C 112 -7.05 38.76 5.37
C ASN C 112 -7.33 37.80 4.21
N PHE C 113 -8.60 37.41 4.06
CA PHE C 113 -9.01 36.56 2.95
C PHE C 113 -8.77 37.25 1.59
N MET C 114 -9.18 38.51 1.50
CA MET C 114 -8.96 39.32 0.29
C MET C 114 -7.46 39.44 -0.05
N ALA C 115 -6.63 39.66 0.98
CA ALA C 115 -5.16 39.69 0.80
C ALA C 115 -4.61 38.39 0.22
N MET C 116 -5.08 37.26 0.74
CA MET C 116 -4.67 35.96 0.25
C MET C 116 -5.04 35.81 -1.24
N MET C 117 -6.26 36.20 -1.59
CA MET C 117 -6.70 36.13 -2.98
C MET C 117 -5.78 36.93 -3.90
N GLU C 118 -5.40 38.13 -3.47
CA GLU C 118 -4.53 39.00 -4.27
C GLU C 118 -3.22 38.31 -4.69
N ASN C 119 -2.47 37.80 -3.72
CA ASN C 119 -1.15 37.26 -4.05
C ASN C 119 -1.05 35.74 -4.22
N ALA C 120 -1.89 34.98 -3.52
CA ALA C 120 -1.89 33.52 -3.61
C ALA C 120 -2.76 33.02 -4.76
N VAL C 121 -3.74 33.81 -5.19
CA VAL C 121 -4.62 33.38 -6.28
C VAL C 121 -4.50 34.24 -7.55
N HIS C 122 -4.74 35.54 -7.42
CA HIS C 122 -4.76 36.44 -8.58
C HIS C 122 -3.40 36.59 -9.24
N ALA C 123 -2.41 37.06 -8.47
CA ALA C 123 -1.07 37.30 -9.01
C ALA C 123 -0.52 36.02 -9.63
N LYS C 124 -0.75 34.88 -8.97
CA LYS C 124 -0.27 33.59 -9.46
C LYS C 124 -0.93 33.11 -10.76
N SER C 125 -2.24 33.35 -10.90
CA SER C 125 -2.98 33.00 -12.11
C SER C 125 -2.34 33.59 -13.37
N TYR C 126 -1.80 34.79 -13.27
CA TYR C 126 -1.16 35.41 -14.44
C TYR C 126 0.04 34.62 -14.90
N SER C 127 0.79 34.05 -13.94
CA SER C 127 1.92 33.20 -14.27
C SER C 127 1.46 31.90 -14.93
N ASN C 128 0.30 31.39 -14.52
CA ASN C 128 -0.28 30.20 -15.18
C ASN C 128 -0.57 30.53 -16.64
N ILE C 129 -1.16 31.69 -16.88
CA ILE C 129 -1.41 32.13 -18.25
C ILE C 129 -0.09 32.30 -19.03
N PHE C 130 0.86 33.05 -18.46
CA PHE C 130 2.17 33.24 -19.10
C PHE C 130 2.87 31.93 -19.45
N MET C 131 2.86 30.99 -18.50
CA MET C 131 3.59 29.72 -18.67
C MET C 131 2.99 28.83 -19.74
N THR C 132 1.70 28.99 -19.98
CA THR C 132 0.99 28.27 -21.04
C THR C 132 1.30 28.88 -22.43
N LEU C 133 1.12 30.19 -22.55
CA LEU C 133 1.17 30.86 -23.85
C LEU C 133 2.56 31.26 -24.35
N ALA C 134 3.47 31.57 -23.43
CA ALA C 134 4.72 32.22 -23.80
C ALA C 134 5.95 31.40 -23.44
N PRO C 135 7.02 31.51 -24.25
CA PRO C 135 8.30 30.91 -23.90
C PRO C 135 8.97 31.70 -22.78
N THR C 136 9.84 31.03 -22.03
CA THR C 136 10.48 31.60 -20.85
C THR C 136 11.14 32.98 -21.07
N GLU C 137 11.76 33.17 -22.24
CA GLU C 137 12.48 34.42 -22.55
C GLU C 137 11.52 35.60 -22.65
N THR C 138 10.35 35.36 -23.24
CA THR C 138 9.33 36.38 -23.36
C THR C 138 8.74 36.70 -21.99
N ILE C 139 8.60 35.68 -21.15
CA ILE C 139 8.16 35.87 -19.77
C ILE C 139 9.19 36.69 -18.98
N ASN C 140 10.47 36.31 -19.07
CA ASN C 140 11.56 37.06 -18.42
C ASN C 140 11.59 38.53 -18.84
N GLU C 141 11.46 38.76 -20.15
CA GLU C 141 11.47 40.11 -20.74
C GLU C 141 10.31 40.97 -20.23
N VAL C 142 9.12 40.41 -20.14
CA VAL C 142 7.96 41.20 -19.67
C VAL C 142 8.07 41.60 -18.20
N PHE C 143 8.65 40.73 -17.37
CA PHE C 143 8.87 41.08 -15.96
C PHE C 143 9.98 42.13 -15.81
N GLU C 144 10.99 42.06 -16.68
CA GLU C 144 12.00 43.13 -16.75
C GLU C 144 11.36 44.45 -17.20
N TRP C 145 10.43 44.35 -18.16
CA TRP C 145 9.69 45.52 -18.64
C TRP C 145 8.86 46.21 -17.56
N VAL C 146 8.22 45.45 -16.67
CA VAL C 146 7.48 46.12 -15.56
C VAL C 146 8.40 46.96 -14.68
N LYS C 147 9.61 46.45 -14.40
CA LYS C 147 10.57 47.16 -13.53
C LYS C 147 10.99 48.53 -14.08
N GLN C 148 11.06 48.64 -15.40
CA GLN C 148 11.58 49.86 -16.05
C GLN C 148 10.51 50.76 -16.65
N ASN C 149 9.25 50.31 -16.66
CA ASN C 149 8.16 51.10 -17.21
C ASN C 149 7.78 52.23 -16.26
N LYS C 150 7.88 53.48 -16.72
CA LYS C 150 7.73 54.64 -15.82
C LYS C 150 6.32 54.87 -15.27
N TYR C 151 5.29 54.53 -16.05
CA TYR C 151 3.90 54.68 -15.62
C TYR C 151 3.50 53.66 -14.58
N LEU C 152 3.98 52.43 -14.76
CA LEU C 152 3.72 51.36 -13.82
C LEU C 152 4.47 51.61 -12.52
N GLN C 153 5.74 52.04 -12.61
CA GLN C 153 6.47 52.45 -11.40
C GLN C 153 5.83 53.64 -10.67
N LYS C 154 5.40 54.65 -11.43
CA LYS C 154 4.72 55.80 -10.80
C LYS C 154 3.45 55.38 -10.06
N LYS C 155 2.62 54.52 -10.67
CA LYS C 155 1.35 54.17 -10.02
C LYS C 155 1.57 53.33 -8.77
N ALA C 156 2.52 52.39 -8.84
CA ALA C 156 2.97 51.64 -7.66
C ALA C 156 3.54 52.54 -6.56
N GLN C 157 4.39 53.50 -6.95
CA GLN C 157 4.98 54.44 -5.97
C GLN C 157 3.89 55.17 -5.21
N MET C 158 2.89 55.65 -5.96
CA MET C 158 1.82 56.46 -5.38
C MET C 158 0.91 55.65 -4.46
N ILE C 159 0.53 54.47 -4.92
CA ILE C 159 -0.40 53.65 -4.16
C ILE C 159 0.27 53.08 -2.91
N VAL C 160 1.45 52.49 -3.08
CA VAL C 160 2.18 51.88 -1.97
C VAL C 160 2.64 52.94 -0.97
N GLY C 161 2.94 54.14 -1.46
CA GLY C 161 3.35 55.22 -0.59
C GLY C 161 2.27 55.54 0.40
N LEU C 162 1.03 55.62 -0.10
CA LEU C 162 -0.12 55.87 0.76
C LEU C 162 -0.37 54.73 1.77
N TYR C 163 -0.22 53.47 1.34
CA TYR C 163 -0.30 52.33 2.26
C TYR C 163 0.70 52.43 3.40
N LYS C 164 1.93 52.82 3.06
CA LYS C 164 2.99 52.83 4.04
C LYS C 164 2.97 54.10 4.91
N ALA C 165 2.13 55.07 4.54
CA ALA C 165 1.97 56.26 5.33
C ALA C 165 0.91 56.11 6.45
N ILE C 166 0.18 55.00 6.47
CA ILE C 166 -0.83 54.79 7.52
C ILE C 166 -0.17 54.85 8.90
N GLN C 167 -0.74 55.63 9.80
CA GLN C 167 -0.25 55.74 11.16
C GLN C 167 -1.26 55.08 12.09
N LYS C 168 -0.77 54.31 13.05
CA LYS C 168 -1.63 53.62 14.01
C LYS C 168 -2.55 54.64 14.67
N ASP C 169 -3.80 54.25 14.88
CA ASP C 169 -4.82 55.10 15.50
C ASP C 169 -5.08 56.44 14.81
N ASP C 170 -4.63 56.57 13.57
CA ASP C 170 -4.86 57.79 12.81
C ASP C 170 -5.77 57.43 11.63
N GLU C 171 -7.05 57.74 11.81
CA GLU C 171 -8.09 57.35 10.89
C GLU C 171 -7.98 58.06 9.54
N ILE C 172 -7.44 59.27 9.53
CA ILE C 172 -7.29 60.04 8.29
C ILE C 172 -6.26 59.40 7.36
N SER C 173 -5.11 58.98 7.89
CA SER C 173 -4.13 58.30 7.06
C SER C 173 -4.68 56.98 6.53
N LEU C 174 -5.49 56.32 7.36
CA LEU C 174 -6.14 55.06 6.97
C LEU C 174 -7.14 55.29 5.83
N PHE C 175 -7.98 56.32 5.96
CA PHE C 175 -8.93 56.71 4.91
C PHE C 175 -8.24 56.94 3.57
N LYS C 176 -7.12 57.66 3.61
CA LYS C 176 -6.36 57.97 2.40
C LYS C 176 -5.86 56.70 1.70
N ALA C 177 -5.34 55.76 2.50
CA ALA C 177 -4.93 54.46 1.97
C ALA C 177 -6.11 53.63 1.42
N MET C 178 -7.27 53.71 2.06
CA MET C 178 -8.48 53.01 1.58
C MET C 178 -8.97 53.59 0.27
N VAL C 179 -8.84 54.91 0.11
CA VAL C 179 -9.19 55.55 -1.18
C VAL C 179 -8.25 55.02 -2.26
N ALA C 180 -6.97 54.98 -1.94
CA ALA C 180 -5.95 54.45 -2.86
C ALA C 180 -6.28 52.99 -3.24
N SER C 181 -6.63 52.17 -2.26
CA SER C 181 -7.03 50.78 -2.49
C SER C 181 -8.28 50.67 -3.37
N VAL C 182 -9.34 51.45 -3.07
CA VAL C 182 -10.50 51.46 -3.96
C VAL C 182 -10.10 51.86 -5.38
N TYR C 183 -9.25 52.88 -5.53
CA TYR C 183 -8.79 53.28 -6.87
C TYR C 183 -8.01 52.19 -7.59
N LEU C 184 -7.24 51.41 -6.83
CA LEU C 184 -6.55 50.25 -7.40
C LEU C 184 -7.56 49.17 -7.81
N GLU C 185 -8.52 48.85 -6.93
CA GLU C 185 -9.48 47.76 -7.18
C GLU C 185 -10.44 48.05 -8.34
N SER C 186 -10.96 49.27 -8.35
CA SER C 186 -12.14 49.62 -9.14
C SER C 186 -11.85 50.53 -10.32
N PHE C 187 -10.62 51.05 -10.39
CA PHE C 187 -10.21 51.95 -11.47
C PHE C 187 -8.94 51.45 -12.20
N LEU C 188 -7.84 51.33 -11.46
CA LEU C 188 -6.51 51.04 -12.05
C LEU C 188 -6.37 49.68 -12.76
N PHE C 189 -7.08 48.66 -12.28
CA PHE C 189 -7.03 47.35 -12.91
C PHE C 189 -7.62 47.38 -14.33
N TYR C 190 -8.46 48.38 -14.60
CA TYR C 190 -9.33 48.29 -15.77
C TYR C 190 -8.68 48.57 -17.13
N SER C 191 -7.57 49.32 -17.12
CA SER C 191 -6.78 49.51 -18.34
C SER C 191 -6.20 48.16 -18.77
N GLY C 192 -5.97 47.30 -17.79
CA GLY C 192 -5.51 45.92 -17.98
C GLY C 192 -6.63 44.96 -18.35
N PHE C 193 -7.71 44.96 -17.56
CA PHE C 193 -8.86 44.07 -17.81
C PHE C 193 -9.49 44.22 -19.19
N TYR C 194 -9.40 45.42 -19.78
CA TYR C 194 -10.04 45.70 -21.06
C TYR C 194 -9.72 44.63 -22.11
N TYR C 195 -8.44 44.28 -22.23
CA TYR C 195 -7.98 43.50 -23.36
C TYR C 195 -8.40 42.01 -23.29
N PRO C 196 -8.21 41.35 -22.12
CA PRO C 196 -8.77 39.99 -21.99
C PRO C 196 -10.28 39.95 -22.22
N LEU C 197 -11.00 40.98 -21.74
CA LEU C 197 -12.44 41.05 -21.94
C LEU C 197 -12.80 41.27 -23.42
N TYR C 198 -11.99 42.09 -24.09
CA TYR C 198 -12.18 42.40 -25.49
C TYR C 198 -12.05 41.11 -26.33
N PHE C 199 -11.07 40.29 -26.01
CA PHE C 199 -10.92 38.99 -26.68
C PHE C 199 -12.00 37.97 -26.33
N TYR C 200 -12.30 37.84 -25.03
CA TYR C 200 -13.36 36.94 -24.54
C TYR C 200 -14.66 37.21 -25.29
N GLY C 201 -14.99 38.49 -25.45
CA GLY C 201 -16.20 38.90 -26.14
C GLY C 201 -16.25 38.55 -27.61
N GLN C 202 -15.11 38.26 -28.22
CA GLN C 202 -15.02 37.83 -29.62
C GLN C 202 -14.85 36.33 -29.75
N GLY C 203 -14.89 35.62 -28.61
CA GLY C 203 -14.69 34.18 -28.58
C GLY C 203 -13.23 33.78 -28.72
N LYS C 204 -12.33 34.65 -28.26
CA LYS C 204 -10.91 34.39 -28.35
C LYS C 204 -10.28 34.39 -26.96
N LEU C 205 -9.29 33.51 -26.76
CA LEU C 205 -8.61 33.37 -25.47
C LEU C 205 -9.59 33.21 -24.32
N MET C 206 -10.51 32.27 -24.48
CA MET C 206 -11.63 32.19 -23.56
C MET C 206 -11.30 31.54 -22.22
N GLN C 207 -10.27 30.71 -22.17
CA GLN C 207 -9.86 30.09 -20.91
C GLN C 207 -9.14 31.09 -20.02
N SER C 208 -8.16 31.81 -20.59
CA SER C 208 -7.52 32.95 -19.93
C SER C 208 -8.57 33.97 -19.51
N GLY C 209 -9.54 34.21 -20.41
CA GLY C 209 -10.64 35.13 -20.16
C GLY C 209 -11.51 34.72 -18.99
N GLU C 210 -11.71 33.42 -18.83
CA GLU C 210 -12.47 32.88 -17.70
C GLU C 210 -11.75 33.19 -16.37
N ILE C 211 -10.44 33.02 -16.34
CA ILE C 211 -9.62 33.39 -15.18
C ILE C 211 -9.79 34.88 -14.85
N ILE C 212 -9.64 35.72 -15.86
CA ILE C 212 -9.75 37.17 -15.71
C ILE C 212 -11.12 37.59 -15.18
N ASN C 213 -12.19 36.97 -15.67
CA ASN C 213 -13.55 37.25 -15.16
C ASN C 213 -13.72 36.89 -13.69
N LEU C 214 -13.08 35.80 -13.28
CA LEU C 214 -13.09 35.42 -11.87
C LEU C 214 -12.33 36.45 -11.02
N ILE C 215 -11.16 36.87 -11.49
CA ILE C 215 -10.40 37.95 -10.85
C ILE C 215 -11.26 39.21 -10.76
N LEU C 216 -11.91 39.58 -11.86
CA LEU C 216 -12.72 40.81 -11.89
C LEU C 216 -13.90 40.74 -10.93
N ARG C 217 -14.57 39.59 -10.89
CA ARG C 217 -15.65 39.34 -9.95
C ARG C 217 -15.18 39.57 -8.50
N ASP C 218 -13.99 39.07 -8.14
CA ASP C 218 -13.38 39.31 -6.83
C ASP C 218 -13.11 40.81 -6.59
N GLU C 219 -12.45 41.49 -7.55
CA GLU C 219 -12.08 42.90 -7.33
C GLU C 219 -13.29 43.79 -7.14
N ALA C 220 -14.38 43.49 -7.84
CA ALA C 220 -15.61 44.26 -7.70
C ALA C 220 -16.12 44.26 -6.25
N ILE C 221 -16.14 43.09 -5.61
CA ILE C 221 -16.57 42.99 -4.21
C ILE C 221 -15.51 43.55 -3.24
N HIS C 222 -14.23 43.41 -3.58
CA HIS C 222 -13.15 44.02 -2.78
C HIS C 222 -13.26 45.54 -2.76
N GLY C 223 -13.51 46.15 -3.93
CA GLY C 223 -13.70 47.60 -4.06
C GLY C 223 -14.90 48.13 -3.30
N VAL C 224 -16.01 47.38 -3.34
CA VAL C 224 -17.20 47.76 -2.58
C VAL C 224 -16.93 47.71 -1.07
N TYR C 225 -16.34 46.61 -0.61
CA TYR C 225 -16.06 46.42 0.82
C TYR C 225 -15.14 47.51 1.38
N VAL C 226 -13.98 47.70 0.74
CA VAL C 226 -13.05 48.75 1.18
C VAL C 226 -13.71 50.14 1.09
N GLY C 227 -14.50 50.36 0.04
CA GLY C 227 -15.30 51.58 -0.08
C GLY C 227 -16.21 51.85 1.12
N LEU C 228 -16.87 50.80 1.60
CA LEU C 228 -17.74 50.95 2.78
C LEU C 228 -16.95 51.30 4.04
N LEU C 229 -15.77 50.71 4.21
CA LEU C 229 -14.89 51.06 5.34
C LEU C 229 -14.40 52.51 5.26
N ALA C 230 -14.04 52.96 4.07
CA ALA C 230 -13.64 54.35 3.84
C ALA C 230 -14.77 55.32 4.20
N GLN C 231 -15.98 55.01 3.75
CA GLN C 231 -17.16 55.84 4.07
C GLN C 231 -17.42 55.94 5.56
N GLU C 232 -17.16 54.86 6.30
CA GLU C 232 -17.29 54.88 7.75
C GLU C 232 -16.42 55.98 8.36
N ILE C 233 -15.17 56.06 7.90
CA ILE C 233 -14.22 57.04 8.43
C ILE C 233 -14.60 58.45 8.00
N TYR C 234 -14.89 58.62 6.71
CA TYR C 234 -15.37 59.90 6.17
C TYR C 234 -16.58 60.45 6.94
N ASN C 235 -17.53 59.56 7.26
CA ASN C 235 -18.76 60.00 7.93
C ASN C 235 -18.57 60.48 9.37
N LYS C 236 -17.41 60.18 9.96
CA LYS C 236 -17.08 60.66 11.30
C LYS C 236 -16.56 62.12 11.33
N GLN C 237 -16.27 62.67 10.16
CA GLN C 237 -15.59 63.97 10.09
C GLN C 237 -16.53 65.18 10.15
N THR C 238 -15.99 66.34 10.50
CA THR C 238 -16.71 67.61 10.34
C THR C 238 -16.93 67.87 8.85
N GLU C 239 -17.83 68.81 8.55
CA GLU C 239 -18.08 69.19 7.15
C GLU C 239 -16.82 69.76 6.48
N GLU C 240 -16.05 70.53 7.25
CA GLU C 240 -14.80 71.10 6.77
C GLU C 240 -13.77 70.02 6.41
N LYS C 241 -13.64 69.03 7.30
CA LYS C 241 -12.74 67.90 7.08
C LYS C 241 -13.16 67.05 5.88
N LYS C 242 -14.47 66.80 5.76
CA LYS C 242 -15.05 66.10 4.62
C LYS C 242 -14.71 66.77 3.30
N ALA C 243 -14.85 68.10 3.27
CA ALA C 243 -14.49 68.88 2.09
C ALA C 243 -13.03 68.68 1.69
N GLU C 244 -12.13 68.61 2.67
CA GLU C 244 -10.72 68.32 2.40
C GLU C 244 -10.50 66.88 1.89
N LEU C 245 -11.23 65.93 2.46
CA LEU C 245 -11.11 64.54 2.04
C LEU C 245 -11.59 64.30 0.60
N ARG C 246 -12.66 65.00 0.21
CA ARG C 246 -13.13 64.98 -1.18
C ARG C 246 -12.07 65.56 -2.11
N GLU C 247 -11.45 66.67 -1.69
CA GLU C 247 -10.34 67.25 -2.44
C GLU C 247 -9.21 66.25 -2.62
N PHE C 248 -8.82 65.59 -1.52
CA PHE C 248 -7.78 64.56 -1.58
C PHE C 248 -8.16 63.48 -2.60
N ALA C 249 -9.40 62.99 -2.50
CA ALA C 249 -9.84 61.86 -3.34
C ALA C 249 -9.87 62.23 -4.83
N ILE C 250 -10.38 63.43 -5.11
CA ILE C 250 -10.46 63.91 -6.49
C ILE C 250 -9.10 64.28 -7.07
N ASP C 251 -8.26 64.95 -6.28
CA ASP C 251 -6.87 65.22 -6.71
C ASP C 251 -6.09 63.93 -6.99
N LEU C 252 -6.26 62.94 -6.12
CA LEU C 252 -5.57 61.66 -6.30
C LEU C 252 -6.09 60.96 -7.55
N LEU C 253 -7.41 60.98 -7.74
CA LEU C 253 -8.00 60.33 -8.89
C LEU C 253 -7.47 60.95 -10.19
N ASN C 254 -7.51 62.28 -10.26
CA ASN C 254 -6.97 63.00 -11.43
C ASN C 254 -5.50 62.71 -11.71
N GLN C 255 -4.69 62.68 -10.66
CA GLN C 255 -3.28 62.37 -10.82
C GLN C 255 -3.06 60.94 -11.35
N LEU C 256 -3.79 59.98 -10.79
CA LEU C 256 -3.73 58.60 -11.26
C LEU C 256 -4.26 58.48 -12.68
N TYR C 257 -5.35 59.19 -12.95
CA TYR C 257 -6.00 59.20 -14.26
C TYR C 257 -5.03 59.67 -15.36
N GLU C 258 -4.37 60.82 -15.13
CA GLU C 258 -3.44 61.38 -16.11
C GLU C 258 -2.30 60.42 -16.41
N ASN C 259 -1.78 59.76 -15.39
CA ASN C 259 -0.76 58.74 -15.57
C ASN C 259 -1.31 57.52 -16.34
N GLU C 260 -2.54 57.12 -16.04
CA GLU C 260 -3.16 55.96 -16.69
C GLU C 260 -3.39 56.21 -18.19
N LEU C 261 -3.71 57.46 -18.54
CA LEU C 261 -3.85 57.85 -19.95
C LEU C 261 -2.56 57.57 -20.75
N GLU C 262 -1.44 58.02 -20.20
CA GLU C 262 -0.15 57.80 -20.84
C GLU C 262 0.21 56.30 -20.92
N TYR C 263 -0.06 55.56 -19.84
CA TYR C 263 0.11 54.10 -19.81
C TYR C 263 -0.75 53.43 -20.87
N THR C 264 -2.00 53.86 -20.97
CA THR C 264 -2.95 53.29 -21.93
C THR C 264 -2.48 53.51 -23.37
N GLU C 265 -2.05 54.74 -23.68
CA GLU C 265 -1.55 55.05 -25.01
C GLU C 265 -0.31 54.24 -25.33
N ASP C 266 0.59 54.14 -24.37
CA ASP C 266 1.81 53.37 -24.53
C ASP C 266 1.53 51.90 -24.89
N LEU C 267 0.53 51.30 -24.26
CA LEU C 267 0.20 49.90 -24.52
C LEU C 267 -0.69 49.65 -25.72
N TYR C 268 -1.70 50.50 -25.89
CA TYR C 268 -2.76 50.23 -26.86
C TYR C 268 -2.65 50.88 -28.24
N ASP C 269 -1.81 51.90 -28.39
CA ASP C 269 -1.65 52.53 -29.71
C ASP C 269 -1.25 51.51 -30.78
N GLN C 270 -0.39 50.56 -30.42
CA GLN C 270 0.06 49.53 -31.39
C GLN C 270 -1.03 48.53 -31.82
N VAL C 271 -2.15 48.51 -31.09
CA VAL C 271 -3.30 47.63 -31.45
C VAL C 271 -4.55 48.46 -31.80
N GLY C 272 -4.41 49.78 -31.78
CA GLY C 272 -5.44 50.69 -32.28
C GLY C 272 -6.61 50.94 -31.35
N LEU C 273 -6.41 50.69 -30.06
CA LEU C 273 -7.56 50.68 -29.12
C LEU C 273 -7.53 51.72 -28.01
N SER C 274 -6.57 52.64 -28.05
CA SER C 274 -6.33 53.53 -26.92
C SER C 274 -7.57 54.36 -26.52
N HIS C 275 -8.25 54.91 -27.52
CA HIS C 275 -9.43 55.75 -27.27
C HIS C 275 -10.57 54.94 -26.60
N ASP C 276 -10.76 53.72 -27.07
CA ASP C 276 -11.76 52.81 -26.51
C ASP C 276 -11.47 52.47 -25.05
N VAL C 277 -10.21 52.12 -24.76
CA VAL C 277 -9.78 51.80 -23.39
C VAL C 277 -9.98 53.01 -22.46
N LYS C 278 -9.63 54.20 -22.96
CA LYS C 278 -9.81 55.44 -22.19
C LYS C 278 -11.25 55.65 -21.75
N LYS C 279 -12.21 55.36 -22.63
CA LYS C 279 -13.62 55.43 -22.27
C LYS C 279 -13.94 54.45 -21.16
N PHE C 280 -13.36 53.26 -21.24
CA PHE C 280 -13.57 52.19 -20.25
C PHE C 280 -13.04 52.56 -18.86
N ILE C 281 -11.85 53.15 -18.81
CA ILE C 281 -11.26 53.54 -17.53
C ILE C 281 -12.02 54.69 -16.87
N ARG C 282 -12.57 55.60 -17.68
CA ARG C 282 -13.41 56.68 -17.15
C ARG C 282 -14.70 56.13 -16.54
N TYR C 283 -15.33 55.19 -17.26
CA TYR C 283 -16.48 54.45 -16.76
C TYR C 283 -16.21 53.84 -15.38
N ASN C 284 -15.09 53.14 -15.27
CA ASN C 284 -14.71 52.51 -14.01
C ASN C 284 -14.25 53.47 -12.91
N ALA C 285 -13.63 54.59 -13.29
CA ALA C 285 -13.35 55.67 -12.33
C ALA C 285 -14.63 56.13 -11.60
N ASN C 286 -15.72 56.30 -12.36
CA ASN C 286 -17.02 56.64 -11.77
C ASN C 286 -17.53 55.61 -10.78
N LYS C 287 -17.30 54.33 -11.08
CA LYS C 287 -17.67 53.23 -10.18
C LYS C 287 -16.83 53.26 -8.90
N ALA C 288 -15.54 53.58 -9.04
CA ALA C 288 -14.67 53.75 -7.86
C ALA C 288 -15.16 54.90 -6.96
N LEU C 289 -15.48 56.05 -7.58
CA LEU C 289 -16.03 57.17 -6.82
C LEU C 289 -17.31 56.77 -6.12
N MET C 290 -18.19 56.04 -6.82
CA MET C 290 -19.43 55.60 -6.21
C MET C 290 -19.22 54.65 -5.04
N ASN C 291 -18.22 53.77 -5.15
CA ASN C 291 -17.84 52.87 -4.06
C ASN C 291 -17.40 53.65 -2.80
N LEU C 292 -16.91 54.87 -3.03
CA LEU C 292 -16.51 55.80 -1.96
C LEU C 292 -17.62 56.75 -1.50
N GLY C 293 -18.82 56.60 -2.08
CA GLY C 293 -19.96 57.46 -1.74
C GLY C 293 -19.95 58.84 -2.38
N PHE C 294 -19.20 58.97 -3.48
CA PHE C 294 -19.09 60.25 -4.18
C PHE C 294 -19.83 60.20 -5.53
N ASP C 295 -20.21 61.37 -6.03
CA ASP C 295 -20.86 61.51 -7.34
C ASP C 295 -19.90 61.17 -8.49
N PRO C 296 -20.42 60.63 -9.60
CA PRO C 296 -19.59 60.40 -10.80
C PRO C 296 -18.90 61.69 -11.31
N TYR C 297 -17.68 61.55 -11.81
CA TYR C 297 -16.85 62.70 -12.21
C TYR C 297 -16.73 62.86 -13.72
N PHE C 298 -16.83 61.75 -14.45
CA PHE C 298 -16.71 61.78 -15.90
C PHE C 298 -18.07 61.59 -16.55
N GLU C 299 -18.27 62.19 -17.72
CA GLU C 299 -19.54 62.02 -18.44
C GLU C 299 -19.64 60.62 -19.04
N GLU C 300 -20.86 60.11 -19.14
CA GLU C 300 -21.12 58.77 -19.71
C GLU C 300 -20.77 58.70 -21.21
N GLU C 301 -20.20 57.57 -21.61
CA GLU C 301 -19.84 57.31 -23.01
C GLU C 301 -20.18 55.86 -23.40
N ASP C 302 -20.36 55.61 -24.69
CA ASP C 302 -20.64 54.25 -25.18
C ASP C 302 -19.36 53.41 -25.16
N ILE C 303 -19.39 52.33 -24.38
CA ILE C 303 -18.29 51.37 -24.30
C ILE C 303 -18.41 50.35 -25.43
N ASN C 304 -17.27 49.87 -25.95
CA ASN C 304 -17.27 48.85 -26.99
C ASN C 304 -18.16 47.67 -26.59
N PRO C 305 -19.19 47.34 -27.41
CA PRO C 305 -20.14 46.28 -27.04
C PRO C 305 -19.48 44.90 -26.94
N ILE C 306 -18.33 44.73 -27.60
CA ILE C 306 -17.53 43.52 -27.49
C ILE C 306 -17.09 43.29 -26.05
N VAL C 307 -16.58 44.34 -25.42
CA VAL C 307 -16.14 44.31 -24.02
C VAL C 307 -17.30 44.03 -23.06
N LEU C 308 -18.49 44.54 -23.39
CA LEU C 308 -19.71 44.30 -22.63
C LEU C 308 -20.19 42.85 -22.74
N ASN C 309 -19.98 42.24 -23.91
CA ASN C 309 -20.17 40.81 -24.09
C ASN C 309 -19.09 39.99 -23.39
N GLY C 310 -17.92 40.59 -23.17
CA GLY C 310 -16.84 39.98 -22.39
C GLY C 310 -17.19 39.81 -20.92
N LEU C 311 -18.17 40.59 -20.44
CA LEU C 311 -18.65 40.49 -19.07
C LEU C 311 -19.76 39.44 -18.93
N LYS C 330 -19.88 11.27 6.60
CA LYS C 330 -20.13 10.29 7.65
C LYS C 330 -21.57 10.39 8.16
N ALA C 331 -22.07 9.29 8.71
CA ALA C 331 -23.37 9.28 9.36
C ALA C 331 -23.22 9.69 10.82
N THR C 332 -24.24 10.39 11.33
CA THR C 332 -24.20 10.90 12.68
C THR C 332 -24.06 9.76 13.69
N VAL C 333 -23.14 9.93 14.63
CA VAL C 333 -22.87 8.92 15.64
C VAL C 333 -23.73 9.21 16.87
N GLU C 334 -24.59 8.27 17.22
CA GLU C 334 -25.44 8.39 18.39
C GLU C 334 -25.21 7.21 19.32
N PRO C 335 -24.91 7.44 20.59
CA PRO C 335 -24.58 6.32 21.48
C PRO C 335 -25.77 5.40 21.70
N LEU C 336 -25.45 4.12 21.90
CA LEU C 336 -26.48 3.11 22.17
C LEU C 336 -27.00 3.26 23.59
N LYS C 337 -28.31 3.17 23.74
CA LYS C 337 -28.94 3.18 25.05
C LYS C 337 -29.10 1.74 25.56
N ASP C 338 -29.39 1.62 26.85
CA ASP C 338 -29.67 0.31 27.42
C ASP C 338 -30.94 -0.28 26.83
N ASP C 339 -31.96 0.54 26.62
CA ASP C 339 -33.23 0.07 26.07
C ASP C 339 -33.13 -0.36 24.62
N ASP C 340 -32.03 -0.03 23.92
CA ASP C 340 -31.84 -0.45 22.55
C ASP C 340 -31.57 -1.95 22.42
N PHE C 341 -31.19 -2.61 23.51
CA PHE C 341 -30.84 -4.02 23.49
C PHE C 341 -32.02 -4.93 23.81
N TYR C 342 -33.18 -4.38 24.09
CA TYR C 342 -34.38 -5.17 24.37
C TYR C 342 -35.49 -4.77 23.41
N PHE C 343 -36.29 -5.76 23.05
CA PHE C 343 -37.33 -5.58 22.03
C PHE C 343 -38.64 -6.23 22.47
N ASP D 37 13.92 26.41 -2.56
CA ASP D 37 13.77 24.99 -2.89
C ASP D 37 12.43 24.38 -2.48
N PHE D 38 11.59 25.14 -1.77
CA PHE D 38 10.47 24.52 -1.07
C PHE D 38 9.13 25.26 -1.10
N THR D 39 9.13 26.55 -1.39
CA THR D 39 7.92 27.38 -1.26
C THR D 39 6.77 26.97 -2.20
N GLN D 40 7.08 26.65 -3.45
CA GLN D 40 6.03 26.22 -4.37
C GLN D 40 5.40 24.88 -3.95
N MET D 41 6.22 23.95 -3.49
CA MET D 41 5.72 22.70 -2.94
C MET D 41 4.77 22.93 -1.73
N PHE D 42 5.15 23.83 -0.82
CA PHE D 42 4.30 24.12 0.32
C PHE D 42 3.04 24.87 -0.07
N TYR D 43 3.17 25.73 -1.08
CA TYR D 43 2.01 26.40 -1.66
C TYR D 43 0.96 25.36 -2.07
N ASN D 44 1.41 24.37 -2.83
CA ASN D 44 0.53 23.31 -3.32
C ASN D 44 -0.16 22.56 -2.20
N GLN D 45 0.64 22.10 -1.22
CA GLN D 45 0.10 21.35 -0.09
C GLN D 45 -0.88 22.19 0.75
N ASN D 46 -0.58 23.47 0.94
CA ASN D 46 -1.47 24.36 1.67
C ASN D 46 -2.82 24.56 1.01
N VAL D 47 -2.81 24.90 -0.28
CA VAL D 47 -4.06 25.22 -0.98
C VAL D 47 -4.92 23.97 -1.21
N LYS D 48 -4.29 22.82 -1.36
CA LYS D 48 -5.07 21.60 -1.53
C LYS D 48 -5.69 21.09 -0.21
N GLN D 49 -5.25 21.64 0.92
CA GLN D 49 -5.80 21.32 2.23
C GLN D 49 -6.91 22.29 2.63
N PHE D 50 -7.33 23.16 1.71
CA PHE D 50 -8.33 24.19 2.04
C PHE D 50 -9.65 23.53 2.45
N TRP D 51 -10.26 24.09 3.49
CA TRP D 51 -11.53 23.58 4.02
C TRP D 51 -12.29 24.71 4.70
N LEU D 52 -13.56 24.46 4.99
CA LEU D 52 -14.43 25.44 5.62
C LEU D 52 -15.20 24.80 6.78
N PRO D 53 -15.49 25.57 7.84
CA PRO D 53 -16.20 25.05 9.02
C PRO D 53 -17.54 24.38 8.69
N GLU D 54 -18.32 25.01 7.81
CA GLU D 54 -19.66 24.53 7.40
C GLU D 54 -19.70 23.08 6.90
N GLU D 55 -18.56 22.56 6.46
CA GLU D 55 -18.47 21.21 5.89
C GLU D 55 -18.77 20.10 6.92
N ILE D 56 -18.44 20.36 8.18
CA ILE D 56 -18.69 19.41 9.26
C ILE D 56 -19.92 19.85 10.06
N ALA D 57 -20.95 19.01 10.09
CA ALA D 57 -22.13 19.26 10.92
C ALA D 57 -21.80 18.95 12.38
N LEU D 58 -22.04 19.91 13.27
CA LEU D 58 -21.61 19.77 14.68
C LEU D 58 -22.66 19.24 15.66
N ASN D 59 -23.93 19.35 15.30
CA ASN D 59 -25.02 19.09 16.25
C ASN D 59 -25.03 17.69 16.88
N GLY D 60 -24.57 16.69 16.13
CA GLY D 60 -24.51 15.30 16.61
C GLY D 60 -23.54 15.02 17.74
N ASP D 61 -22.71 16.02 18.08
CA ASP D 61 -21.82 15.91 19.25
C ASP D 61 -22.55 15.96 20.58
N LEU D 62 -23.73 16.56 20.57
CA LEU D 62 -24.54 16.71 21.78
C LEU D 62 -24.97 15.34 22.33
N LEU D 63 -24.94 14.33 21.47
CA LEU D 63 -25.29 12.95 21.83
C LEU D 63 -24.20 12.22 22.64
N THR D 64 -22.98 12.76 22.64
CA THR D 64 -21.93 12.22 23.52
C THR D 64 -21.52 13.21 24.60
N TRP D 65 -21.66 14.50 24.29
CA TRP D 65 -21.35 15.59 25.23
C TRP D 65 -22.16 15.47 26.53
N LYS D 66 -23.45 15.19 26.38
CA LYS D 66 -24.36 15.02 27.52
C LYS D 66 -23.97 13.89 28.47
N TYR D 67 -23.15 12.96 27.99
CA TYR D 67 -22.74 11.82 28.82
C TYR D 67 -21.39 12.00 29.52
N LEU D 68 -20.71 13.12 29.29
CA LEU D 68 -19.45 13.39 30.00
C LEU D 68 -19.71 13.96 31.39
N GLY D 69 -18.83 13.64 32.33
CA GLY D 69 -18.86 14.24 33.67
C GLY D 69 -18.53 15.72 33.65
N LYS D 70 -18.78 16.39 34.77
CA LYS D 70 -18.51 17.82 34.90
C LYS D 70 -17.03 18.15 34.70
N ASN D 71 -16.13 17.34 35.26
CA ASN D 71 -14.69 17.55 35.12
C ASN D 71 -14.24 17.43 33.67
N GLU D 72 -14.81 16.45 32.96
CA GLU D 72 -14.50 16.24 31.53
C GLU D 72 -14.97 17.43 30.68
N GLN D 73 -16.17 17.92 30.97
CA GLN D 73 -16.74 19.05 30.25
C GLN D 73 -15.95 20.32 30.56
N ASP D 74 -15.57 20.48 31.82
CA ASP D 74 -14.76 21.63 32.29
C ASP D 74 -13.39 21.63 31.62
N THR D 75 -12.71 20.49 31.62
CA THR D 75 -11.39 20.41 30.99
C THR D 75 -11.48 20.72 29.50
N TYR D 76 -12.42 20.08 28.82
CA TYR D 76 -12.64 20.32 27.39
C TYR D 76 -12.86 21.80 27.07
N MET D 77 -13.76 22.45 27.80
CA MET D 77 -14.02 23.88 27.63
C MET D 77 -12.76 24.73 27.80
N LYS D 78 -12.00 24.44 28.86
CA LYS D 78 -10.78 25.20 29.17
C LYS D 78 -9.70 25.00 28.12
N VAL D 79 -9.56 23.76 27.66
CA VAL D 79 -8.58 23.43 26.62
C VAL D 79 -8.95 24.15 25.33
N LEU D 80 -10.23 24.09 24.99
CA LEU D 80 -10.73 24.68 23.77
C LEU D 80 -10.48 26.19 23.77
N ALA D 81 -10.76 26.84 24.91
CA ALA D 81 -10.54 28.28 25.04
C ALA D 81 -9.06 28.64 24.94
N GLY D 82 -8.22 27.78 25.52
CA GLY D 82 -6.77 27.94 25.42
C GLY D 82 -6.32 27.93 23.98
N LEU D 83 -6.76 26.94 23.21
CA LEU D 83 -6.42 26.85 21.79
C LEU D 83 -6.93 28.06 21.02
N THR D 84 -8.16 28.47 21.31
CA THR D 84 -8.79 29.60 20.62
C THR D 84 -7.97 30.88 20.83
N LEU D 85 -7.66 31.16 22.09
CA LEU D 85 -6.90 32.35 22.45
C LEU D 85 -5.51 32.39 21.81
N LEU D 86 -4.78 31.26 21.86
CA LEU D 86 -3.47 31.20 21.21
C LEU D 86 -3.54 31.35 19.69
N ASP D 87 -4.55 30.75 19.08
CA ASP D 87 -4.67 30.79 17.64
C ASP D 87 -5.02 32.18 17.10
N THR D 88 -5.75 32.95 17.91
CA THR D 88 -6.08 34.33 17.59
C THR D 88 -4.83 35.19 17.54
N GLU D 89 -3.92 34.99 18.48
CA GLU D 89 -2.64 35.71 18.44
C GLU D 89 -1.90 35.37 17.15
N GLN D 90 -1.92 34.11 16.75
CA GLN D 90 -1.22 33.68 15.53
C GLN D 90 -1.84 34.31 14.28
N GLY D 91 -3.16 34.42 14.24
CA GLY D 91 -3.87 35.05 13.12
C GLY D 91 -3.72 36.56 13.04
N ASN D 92 -3.78 37.23 14.18
CA ASN D 92 -3.69 38.68 14.20
C ASN D 92 -2.28 39.25 14.15
N THR D 93 -1.31 38.48 14.68
CA THR D 93 0.05 38.97 14.81
C THR D 93 1.11 38.03 14.21
N GLY D 94 1.15 36.78 14.71
CA GLY D 94 2.20 35.83 14.34
C GLY D 94 2.43 35.64 12.86
N MET D 95 1.38 35.26 12.14
CA MET D 95 1.57 35.05 10.70
C MET D 95 1.72 36.35 9.95
N PRO D 96 0.87 37.37 10.25
CA PRO D 96 1.06 38.60 9.46
C PRO D 96 2.39 39.31 9.69
N ILE D 97 2.95 39.23 10.90
CA ILE D 97 4.21 39.90 11.18
C ILE D 97 5.36 39.23 10.46
N VAL D 98 5.32 37.89 10.39
CA VAL D 98 6.35 37.14 9.66
C VAL D 98 6.24 37.39 8.15
N ALA D 99 5.02 37.42 7.63
CA ALA D 99 4.79 37.73 6.22
C ALA D 99 5.35 39.11 5.87
N GLU D 100 5.20 40.06 6.80
CA GLU D 100 5.71 41.42 6.59
C GLU D 100 7.23 41.49 6.46
N HIS D 101 7.96 40.75 7.30
CA HIS D 101 9.42 40.85 7.33
C HIS D 101 10.19 39.88 6.40
N VAL D 102 9.52 38.81 5.96
CA VAL D 102 10.14 37.86 5.03
C VAL D 102 10.19 38.45 3.61
N ASP D 103 11.34 38.35 2.95
CA ASP D 103 11.46 38.77 1.56
C ASP D 103 11.14 37.63 0.61
N GLY D 104 10.47 37.96 -0.49
CA GLY D 104 10.13 36.97 -1.52
C GLY D 104 8.63 36.98 -1.75
N HIS D 105 8.21 37.20 -2.99
CA HIS D 105 6.79 37.26 -3.31
C HIS D 105 6.06 35.94 -3.05
N GLN D 106 6.70 34.82 -3.34
CA GLN D 106 6.03 33.53 -3.23
C GLN D 106 5.89 33.15 -1.76
N ARG D 107 6.90 33.47 -0.95
CA ARG D 107 6.84 33.24 0.49
C ARG D 107 5.75 34.08 1.13
N LYS D 108 5.67 35.35 0.73
CA LYS D 108 4.62 36.22 1.26
C LYS D 108 3.22 35.68 0.92
N ALA D 109 3.08 35.07 -0.25
CA ALA D 109 1.78 34.51 -0.65
C ALA D 109 1.41 33.31 0.21
N VAL D 110 2.36 32.41 0.42
CA VAL D 110 2.13 31.23 1.26
C VAL D 110 1.78 31.69 2.69
N LEU D 111 2.61 32.59 3.23
CA LEU D 111 2.35 33.14 4.57
C LEU D 111 0.97 33.82 4.68
N ASN D 112 0.59 34.58 3.66
CA ASN D 112 -0.77 35.16 3.59
C ASN D 112 -1.87 34.10 3.63
N PHE D 113 -1.65 33.01 2.91
CA PHE D 113 -2.60 31.92 2.90
C PHE D 113 -2.74 31.32 4.31
N MET D 114 -1.62 31.09 4.97
CA MET D 114 -1.63 30.58 6.34
C MET D 114 -2.34 31.54 7.30
N ALA D 115 -2.08 32.84 7.19
CA ALA D 115 -2.77 33.85 8.02
C ALA D 115 -4.27 33.81 7.78
N MET D 116 -4.67 33.70 6.51
CA MET D 116 -6.08 33.54 6.15
C MET D 116 -6.73 32.35 6.87
N MET D 117 -6.06 31.19 6.85
CA MET D 117 -6.58 29.98 7.51
C MET D 117 -6.80 30.20 9.02
N GLU D 118 -5.87 30.90 9.66
CA GLU D 118 -6.02 31.22 11.09
C GLU D 118 -7.27 32.05 11.35
N ASN D 119 -7.45 33.12 10.59
CA ASN D 119 -8.49 34.13 10.84
C ASN D 119 -9.87 33.80 10.27
N ALA D 120 -9.87 33.21 9.08
CA ALA D 120 -11.11 32.95 8.35
C ALA D 120 -11.66 31.54 8.59
N VAL D 121 -10.78 30.59 8.89
CA VAL D 121 -11.21 29.20 8.97
C VAL D 121 -11.11 28.66 10.40
N HIS D 122 -9.91 28.67 10.95
CA HIS D 122 -9.70 28.16 12.32
C HIS D 122 -10.50 28.90 13.36
N ALA D 123 -10.49 30.24 13.32
CA ALA D 123 -11.19 31.03 14.34
C ALA D 123 -12.71 30.80 14.33
N LYS D 124 -13.27 30.71 13.13
CA LYS D 124 -14.69 30.43 12.96
C LYS D 124 -15.03 29.01 13.44
N SER D 125 -14.10 28.07 13.20
CA SER D 125 -14.28 26.67 13.59
C SER D 125 -14.34 26.49 15.11
N TYR D 126 -13.43 27.17 15.82
CA TYR D 126 -13.42 27.14 17.28
C TYR D 126 -14.69 27.76 17.85
N SER D 127 -15.11 28.88 17.29
CA SER D 127 -16.35 29.55 17.70
C SER D 127 -17.57 28.63 17.52
N ASN D 128 -17.66 28.00 16.34
CA ASN D 128 -18.70 27.01 16.04
C ASN D 128 -18.78 25.85 17.04
N ILE D 129 -17.62 25.28 17.38
CA ILE D 129 -17.58 24.22 18.39
C ILE D 129 -18.14 24.71 19.74
N PHE D 130 -17.68 25.88 20.19
CA PHE D 130 -18.15 26.47 21.43
C PHE D 130 -19.68 26.69 21.45
N MET D 131 -20.18 27.36 20.42
CA MET D 131 -21.61 27.68 20.31
C MET D 131 -22.49 26.45 20.29
N THR D 132 -21.95 25.34 19.79
CA THR D 132 -22.68 24.07 19.75
C THR D 132 -22.79 23.42 21.14
N LEU D 133 -21.70 23.45 21.91
CA LEU D 133 -21.59 22.72 23.17
C LEU D 133 -22.02 23.51 24.42
N ALA D 134 -21.84 24.82 24.41
CA ALA D 134 -22.17 25.60 25.61
C ALA D 134 -23.13 26.75 25.31
N PRO D 135 -23.97 27.14 26.29
CA PRO D 135 -24.77 28.35 26.10
C PRO D 135 -23.90 29.62 26.21
N THR D 136 -24.39 30.74 25.67
CA THR D 136 -23.63 31.99 25.58
C THR D 136 -22.97 32.39 26.90
N GLU D 137 -23.72 32.32 28.00
CA GLU D 137 -23.20 32.72 29.32
C GLU D 137 -22.03 31.86 29.78
N THR D 138 -22.09 30.55 29.50
CA THR D 138 -21.00 29.62 29.83
C THR D 138 -19.72 29.91 29.03
N ILE D 139 -19.89 30.23 27.75
CA ILE D 139 -18.76 30.59 26.88
C ILE D 139 -18.03 31.83 27.42
N ASN D 140 -18.81 32.87 27.73
CA ASN D 140 -18.26 34.12 28.28
C ASN D 140 -17.47 33.90 29.59
N GLU D 141 -17.97 33.03 30.46
CA GLU D 141 -17.32 32.72 31.74
C GLU D 141 -16.01 31.93 31.58
N VAL D 142 -16.03 30.92 30.70
CA VAL D 142 -14.84 30.13 30.41
C VAL D 142 -13.72 31.02 29.85
N PHE D 143 -14.07 31.91 28.94
CA PHE D 143 -13.10 32.83 28.36
C PHE D 143 -12.57 33.84 29.37
N GLU D 144 -13.44 34.30 30.28
CA GLU D 144 -13.02 35.14 31.40
C GLU D 144 -11.98 34.41 32.27
N TRP D 145 -12.26 33.14 32.59
CA TRP D 145 -11.37 32.30 33.42
C TRP D 145 -10.03 32.06 32.73
N VAL D 146 -10.08 31.59 31.48
CA VAL D 146 -8.85 31.26 30.75
C VAL D 146 -8.04 32.53 30.46
N LYS D 147 -8.74 33.66 30.27
CA LYS D 147 -8.07 34.95 30.08
C LYS D 147 -7.27 35.41 31.31
N GLN D 148 -7.71 34.99 32.50
CA GLN D 148 -7.03 35.33 33.75
C GLN D 148 -6.04 34.25 34.19
N ASN D 149 -6.13 33.06 33.59
CA ASN D 149 -5.28 31.93 33.96
C ASN D 149 -3.78 32.19 33.79
N LYS D 150 -3.03 31.95 34.86
CA LYS D 150 -1.60 32.25 34.92
C LYS D 150 -0.75 31.51 33.88
N TYR D 151 -1.02 30.22 33.67
CA TYR D 151 -0.19 29.39 32.77
C TYR D 151 -0.48 29.65 31.30
N LEU D 152 -1.76 29.86 30.97
CA LEU D 152 -2.14 30.26 29.62
C LEU D 152 -1.54 31.63 29.28
N GLN D 153 -1.74 32.60 30.17
CA GLN D 153 -1.15 33.95 29.97
C GLN D 153 0.37 33.93 29.84
N LYS D 154 1.05 33.18 30.71
CA LYS D 154 2.51 33.16 30.63
C LYS D 154 2.99 32.79 29.22
N LYS D 155 2.51 31.66 28.68
CA LYS D 155 2.92 31.25 27.34
C LYS D 155 2.41 32.21 26.26
N ALA D 156 1.16 32.65 26.34
CA ALA D 156 0.63 33.57 25.31
C ALA D 156 1.49 34.85 25.21
N GLN D 157 1.81 35.44 26.37
CA GLN D 157 2.59 36.68 26.38
C GLN D 157 4.06 36.50 26.01
N MET D 158 4.65 35.35 26.35
CA MET D 158 6.02 35.03 25.93
C MET D 158 6.16 35.02 24.41
N ILE D 159 5.20 34.38 23.74
CA ILE D 159 5.21 34.26 22.28
C ILE D 159 5.00 35.64 21.64
N VAL D 160 3.97 36.35 22.11
CA VAL D 160 3.59 37.69 21.61
C VAL D 160 4.75 38.69 21.80
N GLY D 161 5.45 38.56 22.94
CA GLY D 161 6.62 39.41 23.22
C GLY D 161 7.69 39.29 22.14
N LEU D 162 7.95 38.06 21.69
CA LEU D 162 8.94 37.85 20.62
C LEU D 162 8.48 38.38 19.26
N TYR D 163 7.19 38.28 18.96
CA TYR D 163 6.63 38.89 17.73
C TYR D 163 6.75 40.41 17.75
N LYS D 164 6.50 41.02 18.91
CA LYS D 164 6.59 42.48 19.05
C LYS D 164 8.04 43.00 18.99
N ALA D 165 9.01 42.12 19.19
CA ALA D 165 10.42 42.52 19.23
C ALA D 165 11.15 42.43 17.88
N ILE D 166 10.44 41.98 16.83
CA ILE D 166 11.04 41.94 15.49
C ILE D 166 11.35 43.38 15.04
N GLN D 167 12.56 43.58 14.54
CA GLN D 167 12.97 44.88 14.02
C GLN D 167 13.17 44.81 12.51
N LYS D 168 12.77 45.87 11.82
CA LYS D 168 12.95 45.96 10.37
C LYS D 168 14.41 45.68 9.98
N ASP D 169 14.60 44.87 8.94
CA ASP D 169 15.93 44.50 8.43
C ASP D 169 16.87 43.85 9.45
N ASP D 170 16.32 43.24 10.49
CA ASP D 170 17.15 42.49 11.44
C ASP D 170 16.70 41.04 11.44
N GLU D 171 17.50 40.20 10.77
CA GLU D 171 17.16 38.80 10.59
C GLU D 171 17.29 37.97 11.87
N ILE D 172 18.08 38.45 12.83
CA ILE D 172 18.22 37.75 14.11
C ILE D 172 16.91 37.81 14.90
N SER D 173 16.31 39.00 14.98
CA SER D 173 15.04 39.19 15.66
C SER D 173 13.91 38.45 14.92
N LEU D 174 14.00 38.40 13.60
CA LEU D 174 13.02 37.65 12.81
C LEU D 174 13.13 36.16 13.13
N PHE D 175 14.36 35.64 13.19
CA PHE D 175 14.59 34.24 13.51
C PHE D 175 13.99 33.87 14.86
N LYS D 176 14.25 34.71 15.87
CA LYS D 176 13.72 34.47 17.22
C LYS D 176 12.19 34.38 17.23
N ALA D 177 11.56 35.27 16.48
CA ALA D 177 10.10 35.23 16.32
C ALA D 177 9.63 33.95 15.59
N MET D 178 10.43 33.50 14.62
CA MET D 178 10.08 32.27 13.86
C MET D 178 10.16 31.06 14.76
N VAL D 179 11.16 31.05 15.64
CA VAL D 179 11.31 30.01 16.65
C VAL D 179 10.08 29.97 17.55
N ALA D 180 9.67 31.16 18.03
CA ALA D 180 8.45 31.28 18.83
C ALA D 180 7.23 30.75 18.06
N SER D 181 7.13 31.13 16.78
CA SER D 181 6.02 30.67 15.94
C SER D 181 6.00 29.14 15.78
N VAL D 182 7.16 28.56 15.48
CA VAL D 182 7.26 27.10 15.37
C VAL D 182 6.90 26.43 16.70
N TYR D 183 7.36 27.00 17.81
CA TYR D 183 7.01 26.44 19.12
C TYR D 183 5.51 26.49 19.36
N LEU D 184 4.83 27.52 18.88
CA LEU D 184 3.38 27.58 19.04
C LEU D 184 2.71 26.53 18.15
N GLU D 185 3.02 26.56 16.86
CA GLU D 185 2.41 25.66 15.88
C GLU D 185 2.66 24.17 16.14
N SER D 186 3.88 23.84 16.55
CA SER D 186 4.32 22.45 16.59
C SER D 186 4.47 21.89 18.01
N PHE D 187 4.17 22.68 19.03
CA PHE D 187 4.47 22.27 20.39
C PHE D 187 3.41 22.73 21.39
N LEU D 188 3.23 24.05 21.52
CA LEU D 188 2.33 24.61 22.54
C LEU D 188 0.85 24.24 22.38
N PHE D 189 0.39 24.09 21.13
CA PHE D 189 -0.98 23.67 20.86
C PHE D 189 -1.28 22.24 21.37
N TYR D 190 -0.25 21.42 21.51
CA TYR D 190 -0.48 19.98 21.69
C TYR D 190 -0.92 19.54 23.08
N SER D 191 -0.60 20.32 24.12
CA SER D 191 -1.18 20.06 25.44
C SER D 191 -2.70 20.24 25.36
N GLY D 192 -3.14 21.06 24.43
CA GLY D 192 -4.57 21.29 24.18
C GLY D 192 -5.19 20.26 23.25
N PHE D 193 -4.56 20.03 22.10
CA PHE D 193 -5.05 19.05 21.11
C PHE D 193 -5.24 17.66 21.72
N TYR D 194 -4.47 17.35 22.76
CA TYR D 194 -4.52 16.02 23.39
C TYR D 194 -5.96 15.59 23.69
N TYR D 195 -6.73 16.47 24.31
CA TYR D 195 -8.02 16.08 24.83
C TYR D 195 -9.05 15.76 23.72
N PRO D 196 -9.24 16.68 22.74
CA PRO D 196 -10.12 16.36 21.60
C PRO D 196 -9.69 15.09 20.86
N LEU D 197 -8.38 14.87 20.71
CA LEU D 197 -7.88 13.65 20.08
C LEU D 197 -8.17 12.40 20.92
N TYR D 198 -8.07 12.56 22.24
CA TYR D 198 -8.39 11.50 23.21
C TYR D 198 -9.86 11.09 23.08
N PHE D 199 -10.77 12.06 23.03
CA PHE D 199 -12.18 11.74 22.79
C PHE D 199 -12.43 11.15 21.41
N TYR D 200 -11.83 11.76 20.40
CA TYR D 200 -11.95 11.36 19.00
C TYR D 200 -11.53 9.90 18.81
N GLY D 201 -10.45 9.51 19.49
CA GLY D 201 -9.97 8.13 19.46
C GLY D 201 -10.86 7.12 20.18
N GLN D 202 -11.79 7.61 21.00
CA GLN D 202 -12.75 6.77 21.76
C GLN D 202 -14.14 6.75 21.15
N GLY D 203 -14.36 7.52 20.09
CA GLY D 203 -15.70 7.61 19.49
C GLY D 203 -16.59 8.69 20.09
N LYS D 204 -16.00 9.56 20.90
CA LYS D 204 -16.74 10.67 21.52
C LYS D 204 -16.42 12.00 20.85
N LEU D 205 -17.42 12.89 20.79
CA LEU D 205 -17.29 14.21 20.18
C LEU D 205 -16.54 14.14 18.83
N MET D 206 -17.06 13.30 17.95
CA MET D 206 -16.47 12.99 16.66
C MET D 206 -16.48 14.13 15.64
N GLN D 207 -17.52 14.97 15.68
CA GLN D 207 -17.66 16.07 14.73
C GLN D 207 -16.66 17.18 15.06
N SER D 208 -16.59 17.57 16.33
CA SER D 208 -15.62 18.58 16.75
C SER D 208 -14.21 18.04 16.69
N GLY D 209 -14.06 16.73 16.94
CA GLY D 209 -12.74 16.06 16.82
C GLY D 209 -12.23 16.03 15.38
N GLU D 210 -13.15 15.87 14.42
CA GLU D 210 -12.79 15.95 13.02
C GLU D 210 -12.29 17.36 12.67
N ILE D 211 -13.03 18.37 13.12
CA ILE D 211 -12.62 19.76 12.96
C ILE D 211 -11.24 20.00 13.56
N ILE D 212 -11.01 19.51 14.79
CA ILE D 212 -9.73 19.73 15.45
C ILE D 212 -8.59 19.07 14.69
N ASN D 213 -8.86 17.87 14.15
CA ASN D 213 -7.86 17.15 13.36
C ASN D 213 -7.47 17.92 12.09
N LEU D 214 -8.43 18.64 11.48
CA LEU D 214 -8.14 19.43 10.30
C LEU D 214 -7.31 20.65 10.66
N ILE D 215 -7.66 21.28 11.78
CA ILE D 215 -6.91 22.41 12.30
C ILE D 215 -5.48 21.98 12.59
N LEU D 216 -5.35 20.88 13.32
CA LEU D 216 -4.03 20.38 13.73
C LEU D 216 -3.17 20.09 12.49
N ARG D 217 -3.78 19.49 11.46
CA ARG D 217 -3.08 19.21 10.21
C ARG D 217 -2.56 20.50 9.53
N ASP D 218 -3.34 21.58 9.57
CA ASP D 218 -2.86 22.90 9.12
C ASP D 218 -1.69 23.41 9.99
N GLU D 219 -1.82 23.34 11.32
CA GLU D 219 -0.74 23.86 12.19
C GLU D 219 0.56 23.10 11.99
N ALA D 220 0.47 21.79 11.74
CA ALA D 220 1.65 20.96 11.45
C ALA D 220 2.44 21.49 10.25
N ILE D 221 1.76 21.68 9.11
CA ILE D 221 2.41 22.26 7.94
C ILE D 221 2.88 23.72 8.16
N HIS D 222 2.12 24.51 8.92
CA HIS D 222 2.56 25.87 9.25
C HIS D 222 3.90 25.82 9.99
N GLY D 223 3.98 24.97 11.02
CA GLY D 223 5.21 24.77 11.79
C GLY D 223 6.40 24.33 10.95
N VAL D 224 6.18 23.37 10.05
CA VAL D 224 7.26 22.89 9.16
C VAL D 224 7.76 24.00 8.23
N TYR D 225 6.83 24.76 7.66
CA TYR D 225 7.16 25.84 6.72
C TYR D 225 7.94 26.98 7.40
N VAL D 226 7.40 27.49 8.50
CA VAL D 226 8.09 28.55 9.24
C VAL D 226 9.46 28.04 9.72
N GLY D 227 9.52 26.77 10.10
CA GLY D 227 10.79 26.12 10.46
C GLY D 227 11.86 26.19 9.37
N LEU D 228 11.44 25.97 8.13
CA LEU D 228 12.38 26.04 7.00
C LEU D 228 12.85 27.49 6.78
N LEU D 229 11.96 28.45 6.95
CA LEU D 229 12.35 29.88 6.87
C LEU D 229 13.34 30.28 7.98
N ALA D 230 13.16 29.72 9.17
CA ALA D 230 14.10 29.95 10.28
C ALA D 230 15.48 29.32 10.01
N GLN D 231 15.49 28.10 9.49
CA GLN D 231 16.76 27.43 9.14
C GLN D 231 17.54 28.19 8.07
N GLU D 232 16.83 28.77 7.11
CA GLU D 232 17.45 29.64 6.11
C GLU D 232 18.23 30.79 6.75
N ILE D 233 17.62 31.45 7.74
CA ILE D 233 18.32 32.52 8.48
C ILE D 233 19.48 31.97 9.29
N TYR D 234 19.23 30.90 10.04
CA TYR D 234 20.24 30.25 10.86
C TYR D 234 21.49 29.89 10.05
N ASN D 235 21.28 29.35 8.84
CA ASN D 235 22.38 28.91 7.97
C ASN D 235 23.21 30.04 7.37
N LYS D 236 22.70 31.27 7.48
CA LYS D 236 23.43 32.43 7.00
C LYS D 236 24.36 33.00 8.08
N GLN D 237 24.33 32.40 9.27
CA GLN D 237 25.07 32.95 10.42
C GLN D 237 26.44 32.30 10.60
N THR D 238 27.32 33.00 11.31
CA THR D 238 28.61 32.43 11.71
C THR D 238 28.44 31.28 12.70
N GLU D 239 29.52 30.56 12.98
CA GLU D 239 29.45 29.46 13.93
C GLU D 239 29.16 29.91 15.36
N GLU D 240 29.75 31.04 15.76
CA GLU D 240 29.50 31.59 17.09
C GLU D 240 28.06 32.06 17.22
N LYS D 241 27.56 32.72 16.17
CA LYS D 241 26.17 33.21 16.15
C LYS D 241 25.18 32.05 16.14
N LYS D 242 25.51 30.98 15.41
CA LYS D 242 24.69 29.76 15.40
C LYS D 242 24.57 29.17 16.81
N ALA D 243 25.71 28.98 17.49
CA ALA D 243 25.72 28.47 18.86
C ALA D 243 24.86 29.32 19.81
N GLU D 244 24.86 30.62 19.57
CA GLU D 244 24.10 31.59 20.34
C GLU D 244 22.59 31.48 20.07
N LEU D 245 22.24 31.27 18.79
CA LEU D 245 20.86 31.03 18.41
C LEU D 245 20.33 29.68 18.90
N ARG D 246 21.19 28.66 18.94
CA ARG D 246 20.83 27.36 19.52
C ARG D 246 20.54 27.49 21.01
N GLU D 247 21.40 28.22 21.72
CA GLU D 247 21.19 28.46 23.14
C GLU D 247 19.86 29.20 23.37
N PHE D 248 19.58 30.21 22.55
CA PHE D 248 18.30 30.92 22.60
C PHE D 248 17.11 29.96 22.47
N ALA D 249 17.15 29.11 21.45
CA ALA D 249 16.07 28.17 21.14
C ALA D 249 15.83 27.17 22.28
N ILE D 250 16.92 26.62 22.81
CA ILE D 250 16.83 25.64 23.91
C ILE D 250 16.35 26.31 25.20
N ASP D 251 16.86 27.50 25.49
CA ASP D 251 16.44 28.26 26.67
C ASP D 251 14.94 28.59 26.60
N LEU D 252 14.50 29.09 25.44
CA LEU D 252 13.08 29.36 25.22
C LEU D 252 12.23 28.09 25.39
N LEU D 253 12.70 26.99 24.78
CA LEU D 253 11.98 25.72 24.89
C LEU D 253 11.82 25.30 26.35
N ASN D 254 12.92 25.37 27.11
CA ASN D 254 12.90 25.07 28.54
C ASN D 254 11.87 25.89 29.34
N GLN D 255 11.83 27.21 29.09
CA GLN D 255 10.88 28.08 29.79
C GLN D 255 9.45 27.66 29.48
N LEU D 256 9.17 27.46 28.19
CA LEU D 256 7.84 27.07 27.74
C LEU D 256 7.46 25.69 28.26
N TYR D 257 8.42 24.77 28.23
CA TYR D 257 8.18 23.41 28.69
C TYR D 257 7.83 23.35 30.18
N GLU D 258 8.55 24.09 31.00
CA GLU D 258 8.28 24.08 32.44
C GLU D 258 6.91 24.65 32.77
N ASN D 259 6.52 25.69 32.04
CA ASN D 259 5.16 26.24 32.14
C ASN D 259 4.06 25.27 31.60
N GLU D 260 4.38 24.53 30.53
CA GLU D 260 3.46 23.50 30.00
C GLU D 260 3.17 22.40 31.02
N LEU D 261 4.17 22.01 31.79
CA LEU D 261 3.99 21.00 32.81
C LEU D 261 3.00 21.48 33.86
N GLU D 262 3.13 22.73 34.27
CA GLU D 262 2.20 23.34 35.22
C GLU D 262 0.80 23.52 34.62
N TYR D 263 0.75 24.00 33.38
CA TYR D 263 -0.51 24.13 32.63
C TYR D 263 -1.23 22.79 32.56
N THR D 264 -0.45 21.73 32.29
CA THR D 264 -0.97 20.38 32.12
C THR D 264 -1.59 19.86 33.42
N GLU D 265 -0.85 19.96 34.53
CA GLU D 265 -1.39 19.50 35.82
C GLU D 265 -2.64 20.27 36.20
N ASP D 266 -2.64 21.58 35.94
CA ASP D 266 -3.76 22.47 36.26
C ASP D 266 -5.07 22.03 35.56
N LEU D 267 -4.97 21.52 34.34
CA LEU D 267 -6.15 21.13 33.55
C LEU D 267 -6.49 19.64 33.62
N TYR D 268 -5.47 18.79 33.63
CA TYR D 268 -5.65 17.35 33.44
C TYR D 268 -5.62 16.46 34.68
N ASP D 269 -5.09 16.95 35.81
CA ASP D 269 -5.15 16.18 37.04
C ASP D 269 -6.60 15.77 37.42
N GLN D 270 -7.57 16.66 37.20
CA GLN D 270 -8.96 16.39 37.56
C GLN D 270 -9.61 15.29 36.72
N VAL D 271 -9.00 14.95 35.58
CA VAL D 271 -9.47 13.83 34.76
C VAL D 271 -8.42 12.71 34.65
N GLY D 272 -7.36 12.80 35.46
CA GLY D 272 -6.35 11.73 35.61
C GLY D 272 -5.43 11.42 34.43
N LEU D 273 -5.20 12.42 33.58
CA LEU D 273 -4.49 12.18 32.33
C LEU D 273 -3.09 12.79 32.21
N SER D 274 -2.67 13.55 33.21
CA SER D 274 -1.47 14.41 33.11
C SER D 274 -0.18 13.68 32.71
N HIS D 275 0.05 12.49 33.27
CA HIS D 275 1.23 11.67 32.92
C HIS D 275 1.35 11.46 31.40
N ASP D 276 0.25 11.02 30.78
CA ASP D 276 0.23 10.75 29.35
C ASP D 276 0.31 12.02 28.52
N VAL D 277 -0.33 13.10 28.99
CA VAL D 277 -0.25 14.38 28.29
C VAL D 277 1.20 14.89 28.24
N LYS D 278 1.92 14.73 29.36
CA LYS D 278 3.33 15.13 29.43
C LYS D 278 4.20 14.41 28.40
N LYS D 279 3.96 13.11 28.19
CA LYS D 279 4.67 12.35 27.14
C LYS D 279 4.40 12.97 25.76
N PHE D 280 3.14 13.37 25.53
CA PHE D 280 2.70 13.96 24.25
C PHE D 280 3.31 15.34 23.99
N ILE D 281 3.43 16.15 25.05
CA ILE D 281 4.14 17.43 24.97
C ILE D 281 5.61 17.25 24.54
N ARG D 282 6.33 16.31 25.16
CA ARG D 282 7.76 16.10 24.87
C ARG D 282 7.98 15.59 23.45
N TYR D 283 7.11 14.67 23.03
CA TYR D 283 7.13 14.13 21.68
C TYR D 283 6.93 15.26 20.65
N ASN D 284 6.03 16.18 20.92
CA ASN D 284 5.79 17.29 20.02
C ASN D 284 6.85 18.39 20.10
N ALA D 285 7.43 18.59 21.28
CA ALA D 285 8.61 19.45 21.43
C ALA D 285 9.77 19.00 20.52
N ASN D 286 10.01 17.68 20.48
CA ASN D 286 11.01 17.09 19.60
C ASN D 286 10.71 17.34 18.11
N LYS D 287 9.44 17.27 17.72
CA LYS D 287 9.05 17.58 16.34
C LYS D 287 9.33 19.05 16.00
N ALA D 288 9.02 19.95 16.94
CA ALA D 288 9.27 21.38 16.78
C ALA D 288 10.76 21.68 16.60
N LEU D 289 11.60 21.04 17.42
CA LEU D 289 13.04 21.15 17.27
C LEU D 289 13.50 20.64 15.91
N MET D 290 12.98 19.48 15.50
CA MET D 290 13.37 18.96 14.19
C MET D 290 12.94 19.90 13.04
N ASN D 291 11.77 20.54 13.17
CA ASN D 291 11.35 21.60 12.22
C ASN D 291 12.35 22.76 12.09
N LEU D 292 13.06 23.04 13.18
CA LEU D 292 14.06 24.10 13.21
C LEU D 292 15.47 23.57 12.91
N GLY D 293 15.54 22.32 12.44
CA GLY D 293 16.80 21.68 12.09
C GLY D 293 17.68 21.33 13.26
N PHE D 294 17.09 21.26 14.46
CA PHE D 294 17.82 20.92 15.69
C PHE D 294 17.58 19.47 16.12
N ASP D 295 18.49 18.93 16.94
CA ASP D 295 18.36 17.58 17.48
C ASP D 295 17.22 17.49 18.51
N PRO D 296 16.61 16.30 18.66
CA PRO D 296 15.59 16.15 19.70
C PRO D 296 16.18 16.38 21.08
N TYR D 297 15.40 16.97 21.97
CA TYR D 297 15.87 17.30 23.32
C TYR D 297 15.52 16.18 24.31
N PHE D 298 14.38 15.54 24.08
CA PHE D 298 13.82 14.55 24.99
C PHE D 298 13.98 13.14 24.44
N GLU D 299 14.16 12.17 25.34
CA GLU D 299 14.20 10.75 24.96
C GLU D 299 12.87 10.35 24.30
N GLU D 300 12.93 9.37 23.40
CA GLU D 300 11.76 8.85 22.71
C GLU D 300 10.85 8.12 23.69
N GLU D 301 9.55 8.41 23.60
CA GLU D 301 8.55 7.78 24.44
C GLU D 301 7.39 7.32 23.56
N ASP D 302 6.69 6.28 24.01
CA ASP D 302 5.49 5.84 23.30
C ASP D 302 4.33 6.75 23.69
N ILE D 303 3.36 6.93 22.81
CA ILE D 303 2.23 7.79 23.08
C ILE D 303 0.95 6.99 23.38
N ASN D 304 0.06 7.56 24.19
CA ASN D 304 -1.23 6.96 24.48
C ASN D 304 -1.92 6.45 23.20
N PRO D 305 -2.28 5.15 23.16
CA PRO D 305 -2.84 4.56 21.94
C PRO D 305 -4.20 5.11 21.52
N ILE D 306 -4.97 5.64 22.47
CA ILE D 306 -6.26 6.25 22.16
C ILE D 306 -6.05 7.56 21.39
N VAL D 307 -5.15 8.39 21.90
CA VAL D 307 -4.72 9.59 21.20
C VAL D 307 -4.10 9.26 19.83
N LEU D 308 -3.28 8.22 19.76
CA LEU D 308 -2.75 7.77 18.46
C LEU D 308 -3.87 7.40 17.47
N ASN D 309 -4.89 6.72 17.95
CA ASN D 309 -6.03 6.36 17.11
C ASN D 309 -6.77 7.60 16.61
N GLY D 310 -6.83 8.62 17.46
CA GLY D 310 -7.37 9.93 17.08
C GLY D 310 -6.52 10.59 16.00
N LEU D 311 -5.20 10.61 16.22
CA LEU D 311 -4.25 11.24 15.29
C LEU D 311 -4.26 10.59 13.91
N LYS D 330 18.99 12.56 -8.80
CA LYS D 330 19.07 13.43 -9.97
C LYS D 330 20.37 14.23 -9.96
N ALA D 331 21.45 13.65 -10.46
CA ALA D 331 22.70 14.40 -10.52
C ALA D 331 22.78 15.31 -11.74
N THR D 332 22.90 14.74 -12.94
CA THR D 332 22.69 15.45 -14.20
C THR D 332 22.64 14.47 -15.36
N VAL D 333 21.49 14.38 -16.03
CA VAL D 333 21.35 13.52 -17.20
C VAL D 333 22.20 14.04 -18.34
N GLU D 334 23.09 13.19 -18.86
CA GLU D 334 23.89 13.52 -20.04
C GLU D 334 23.84 12.34 -20.99
N PRO D 335 23.57 12.56 -22.28
CA PRO D 335 23.48 11.43 -23.21
C PRO D 335 24.84 10.83 -23.51
N LEU D 336 24.83 9.55 -23.89
CA LEU D 336 26.03 8.88 -24.39
C LEU D 336 26.28 9.32 -25.82
N LYS D 337 27.42 9.95 -26.06
CA LYS D 337 27.72 10.57 -27.35
C LYS D 337 28.73 9.75 -28.16
N ASP D 338 28.64 8.42 -28.05
CA ASP D 338 29.56 7.50 -28.72
C ASP D 338 31.00 7.70 -28.28
N ASP D 339 31.87 6.76 -28.64
CA ASP D 339 33.27 6.73 -28.21
C ASP D 339 33.36 6.46 -26.71
N ASP D 340 32.21 6.41 -26.04
CA ASP D 340 32.12 5.93 -24.67
C ASP D 340 31.99 4.41 -24.60
N PHE D 341 31.74 3.77 -25.74
CA PHE D 341 31.69 2.32 -25.84
C PHE D 341 33.02 1.73 -26.29
N TYR D 342 34.03 2.57 -26.52
CA TYR D 342 35.33 2.13 -26.99
C TYR D 342 36.39 2.61 -26.02
N PHE D 343 37.38 1.76 -25.76
CA PHE D 343 38.43 2.06 -24.80
C PHE D 343 39.81 1.67 -25.32
PA TTP E . 4.71 -20.34 12.19
O1A TTP E . 4.94 -20.58 10.72
O2A TTP E . 3.83 -21.41 12.77
O3A TTP E . 6.12 -20.18 12.96
PB TTP E . 6.64 -21.31 13.99
O1B TTP E . 8.14 -21.45 13.86
O2B TTP E . 5.97 -22.65 13.80
O3B TTP E . 6.24 -20.62 15.39
PG TTP E . 5.39 -21.40 16.50
O1G TTP E . 4.21 -22.09 15.86
O2G TTP E . 4.89 -20.40 17.51
O3G TTP E . 6.25 -22.42 17.20
O5' TTP E . 4.06 -18.90 12.44
C5' TTP E . 2.86 -18.82 13.20
C4' TTP E . 2.27 -17.42 13.11
O4' TTP E . 3.33 -16.45 13.12
C3' TTP E . 1.50 -17.24 11.82
O3' TTP E . 0.10 -17.21 12.08
C2' TTP E . 1.95 -15.90 11.27
C1' TTP E . 3.01 -15.39 12.22
N1 TTP E . 4.21 -14.99 11.47
C2 TTP E . 4.42 -13.64 11.15
O2 TTP E . 3.58 -12.79 11.51
N3 TTP E . 5.50 -13.24 10.47
C4 TTP E . 6.41 -14.13 10.08
O4 TTP E . 7.42 -13.76 9.44
C5 TTP E . 6.22 -15.56 10.40
C5M TTP E . 7.23 -16.59 9.97
C6 TTP E . 5.09 -15.93 11.11
MG MG F . 3.56 -23.20 13.73
PG ATP G . -45.86 -12.55 -33.29
O1G ATP G . -46.82 -13.69 -33.17
O2G ATP G . -46.52 -11.24 -33.71
O3G ATP G . -45.02 -12.33 -32.03
PB ATP G . -43.29 -13.37 -34.60
O1B ATP G . -43.11 -14.70 -33.97
O2B ATP G . -42.95 -13.30 -36.09
O3B ATP G . -44.78 -12.85 -34.44
PA ATP G . -41.69 -10.91 -34.27
O1A ATP G . -42.12 -9.75 -33.47
O2A ATP G . -41.84 -10.74 -35.78
O3A ATP G . -42.46 -12.24 -33.85
O5' ATP G . -40.18 -11.28 -33.96
C5' ATP G . -39.40 -12.07 -34.88
C4' ATP G . -38.35 -12.83 -34.11
O4' ATP G . -37.58 -11.91 -33.32
C3' ATP G . -38.88 -13.87 -33.12
O3' ATP G . -39.09 -15.12 -33.76
C2' ATP G . -37.75 -13.94 -32.10
O2' ATP G . -36.70 -14.79 -32.54
C1' ATP G . -37.27 -12.48 -32.06
N9 ATP G . -37.89 -11.68 -31.02
C8 ATP G . -38.64 -10.54 -31.18
N7 ATP G . -39.07 -10.01 -30.06
C5 ATP G . -38.58 -10.87 -29.09
C6 ATP G . -38.69 -10.87 -27.68
N6 ATP G . -39.36 -9.95 -26.98
N1 ATP G . -38.07 -11.86 -27.01
C2 ATP G . -37.40 -12.79 -27.70
N3 ATP G . -37.23 -12.90 -29.02
C4 ATP G . -37.84 -11.90 -29.66
O1B DGI H . -36.33 -27.52 -38.46
PB DGI H . -35.76 -28.92 -38.49
O2B DGI H . -35.41 -29.39 -39.89
O3B DGI H . -36.59 -29.92 -37.72
O3A DGI H . -34.34 -28.77 -37.69
PA DGI H . -33.17 -27.73 -37.42
O1A DGI H . -31.91 -28.47 -37.20
O2A DGI H . -33.21 -26.67 -38.45
O5' DGI H . -33.62 -27.12 -36.01
C5' DGI H . -33.98 -28.00 -34.93
C4' DGI H . -34.07 -27.20 -33.65
O4' DGI H . -32.81 -26.54 -33.40
C3' DGI H . -35.14 -26.11 -33.65
O3' DGI H . -35.91 -26.16 -32.44
C2' DGI H . -34.34 -24.81 -33.71
C1' DGI H . -33.05 -25.20 -33.02
N9 DGI H . -31.87 -24.40 -33.42
C8 DGI H . -31.02 -23.72 -32.60
N7 DGI H . -30.08 -23.07 -33.25
C5 DGI H . -30.32 -23.36 -34.58
C4 DGI H . -31.42 -24.18 -34.71
N3 DGI H . -31.97 -24.67 -35.83
C2 DGI H . -31.32 -24.29 -36.93
N2 DGI H . -31.75 -24.70 -38.12
N1 DGI H . -30.22 -23.48 -36.90
C6 DGI H . -29.64 -22.95 -35.77
O6 DGI H . -28.65 -22.24 -35.84
PA TTP I . -0.40 -20.04 -15.86
O1A TTP I . -1.12 -19.88 -14.54
O2A TTP I . 0.39 -21.32 -15.87
O3A TTP I . -1.42 -20.00 -17.10
PB TTP I . -2.33 -21.26 -17.52
O1B TTP I . -3.69 -21.16 -16.87
O2B TTP I . -1.68 -22.57 -17.18
O3B TTP I . -2.44 -21.07 -19.10
PG TTP I . -1.11 -20.94 -20.00
O1G TTP I . -0.76 -19.49 -20.16
O2G TTP I . -1.34 -21.55 -21.35
O3G TTP I . 0.04 -21.65 -19.31
O5' TTP I . 0.55 -18.79 -16.16
C5' TTP I . 0.02 -17.64 -16.81
C4' TTP I . 0.92 -16.44 -16.56
O4' TTP I . 0.09 -15.29 -16.42
C3' TTP I . 1.69 -16.61 -15.26
O3' TTP I . 3.08 -16.44 -15.50
C2' TTP I . 1.20 -15.53 -14.33
C1' TTP I . 0.27 -14.66 -15.15
N1 TTP I . -1.03 -14.53 -14.49
C2 TTP I . -1.55 -13.25 -14.22
O2 TTP I . -0.90 -12.24 -14.54
N3 TTP I . -2.73 -13.09 -13.60
C4 TTP I . -3.46 -14.16 -13.24
O4 TTP I . -4.56 -14.01 -12.68
C5 TTP I . -2.93 -15.51 -13.53
C5M TTP I . -3.71 -16.73 -13.13
C6 TTP I . -1.70 -15.63 -14.16
MG MG J . 1.29 -22.36 -17.77
PG ATP K . 45.75 -8.97 30.36
O1G ATP K . 47.23 -9.20 30.34
O2G ATP K . 45.16 -8.74 28.97
O3G ATP K . 44.97 -10.08 31.07
PB ATP K . 45.39 -7.09 32.66
O1B ATP K . 44.55 -7.90 33.54
O2B ATP K . 46.85 -6.95 33.10
O3B ATP K . 45.41 -7.64 31.17
PA ATP K . 43.66 -4.94 31.62
O1A ATP K . 44.21 -4.23 30.45
O2A ATP K . 42.85 -4.07 32.58
O3A ATP K . 44.82 -5.62 32.47
O5' ATP K . 42.77 -6.16 31.17
C5' ATP K . 41.66 -6.61 31.98
C4' ATP K . 40.84 -7.59 31.18
O4' ATP K . 39.89 -6.85 30.36
C3' ATP K . 41.62 -8.45 30.19
O3' ATP K . 42.11 -9.62 30.83
C2' ATP K . 40.56 -8.77 29.14
O2' ATP K . 39.74 -9.86 29.53
C1' ATP K . 39.75 -7.48 29.10
N9 ATP K . 40.17 -6.53 28.07
C8 ATP K . 40.67 -5.27 28.26
N7 ATP K . 40.96 -4.64 27.15
C5 ATP K . 40.64 -5.56 26.15
C6 ATP K . 40.71 -5.51 24.75
N6 ATP K . 41.16 -4.45 24.06
N1 ATP K . 40.30 -6.59 24.06
C2 ATP K . 39.86 -7.66 24.73
N3 ATP K . 39.74 -7.82 26.05
C4 ATP K . 40.14 -6.73 26.71
O1B DGI L . 41.66 -25.86 34.33
PB DGI L . 41.09 -24.51 34.71
O2B DGI L . 40.49 -24.49 36.09
O3B DGI L . 42.06 -23.37 34.47
O3A DGI L . 39.81 -24.24 33.73
PA DGI L . 38.43 -23.44 33.67
O1A DGI L . 38.43 -22.42 34.74
O2A DGI L . 37.32 -24.41 33.59
O5' DGI L . 38.55 -22.72 32.25
C5' DGI L . 38.94 -23.49 31.09
C4' DGI L . 38.91 -22.59 29.87
O4' DGI L . 37.56 -22.11 29.67
C3' DGI L . 39.82 -21.36 29.94
O3' DGI L . 40.58 -21.25 28.73
C2' DGI L . 38.84 -20.20 30.08
C1' DGI L . 37.61 -20.73 29.38
N9 DGI L . 36.35 -20.11 29.83
C8 DGI L . 35.39 -19.54 29.04
N7 DGI L . 34.37 -19.07 29.73
C5 DGI L . 34.68 -19.36 31.05
C4 DGI L . 35.90 -20.00 31.12
N3 DGI L . 36.54 -20.44 32.22
C2 DGI L . 35.86 -20.20 33.35
N2 DGI L . 36.37 -20.58 34.52
N1 DGI L . 34.65 -19.57 33.37
C6 DGI L . 33.97 -19.11 32.26
O6 DGI L . 32.87 -18.55 32.38
MN MN M . -8.63 43.15 -4.88
MN MN N . -6.66 41.00 -7.22
MN MN O . -1.13 28.02 12.33
MN MN P . -4.83 28.07 13.56
#